data_7XFG
#
_entry.id   7XFG
#
loop_
_entity.id
_entity.type
_entity.pdbx_description
1 polymer 'Histone acetyltransferase p300'
2 polymer 'NUT family member 1'
3 non-polymer 'ZINC ION'
#
loop_
_entity_poly.entity_id
_entity_poly.type
_entity_poly.pdbx_seq_one_letter_code
_entity_poly.pdbx_strand_id
1 'polypeptide(L)'
;SGGRATQSPGDSRRLSIQRAIQSLVHAAQCRNANCSLPSCQKMKRVVQHTKGCKRKTNGGCPICKQLIALAAYHAKHCQE
NKCPVPFCLNIKQKGSEFPAGN
;
A
2 'polypeptide(L)' GMYPDPGLLSYINELC B
#
loop_
_chem_comp.id
_chem_comp.type
_chem_comp.name
_chem_comp.formula
ZN non-polymer 'ZINC ION' 'Zn 2'
#
# COMPACT_ATOMS: atom_id res chain seq x y z
N SER A 1 15.75 14.09 -1.19
CA SER A 1 15.07 15.21 -1.89
C SER A 1 15.73 15.46 -3.25
N GLY A 2 17.06 15.49 -3.27
CA GLY A 2 17.78 15.74 -4.49
C GLY A 2 19.14 16.35 -4.24
N GLY A 3 20.03 16.25 -5.21
CA GLY A 3 21.37 16.76 -5.06
C GLY A 3 22.41 15.69 -5.35
N ARG A 4 22.94 15.10 -4.29
CA ARG A 4 23.92 14.03 -4.43
C ARG A 4 23.45 12.80 -3.68
N ALA A 5 22.17 12.52 -3.78
CA ALA A 5 21.59 11.37 -3.10
C ALA A 5 21.74 10.13 -3.96
N THR A 6 21.85 8.98 -3.32
CA THR A 6 22.03 7.73 -4.02
C THR A 6 20.92 6.76 -3.69
N GLN A 7 20.29 6.23 -4.73
CA GLN A 7 19.22 5.27 -4.56
C GLN A 7 19.75 3.85 -4.74
N SER A 8 19.92 3.16 -3.62
CA SER A 8 20.35 1.78 -3.65
C SER A 8 19.15 0.88 -3.91
N PRO A 9 19.37 -0.41 -4.25
CA PRO A 9 18.28 -1.35 -4.49
C PRO A 9 17.22 -1.35 -3.40
N GLY A 10 17.67 -1.37 -2.15
CA GLY A 10 16.77 -1.31 -1.02
C GLY A 10 15.91 -0.06 -1.02
N ASP A 11 16.55 1.06 -1.31
CA ASP A 11 15.88 2.36 -1.30
C ASP A 11 14.96 2.48 -2.51
N SER A 12 15.35 1.84 -3.61
CA SER A 12 14.55 1.85 -4.81
C SER A 12 13.31 1.01 -4.62
N ARG A 13 13.41 0.04 -3.72
CA ARG A 13 12.29 -0.77 -3.33
C ARG A 13 11.34 0.06 -2.48
N ARG A 14 11.92 0.83 -1.57
CA ARG A 14 11.15 1.71 -0.69
C ARG A 14 10.51 2.82 -1.53
N LEU A 15 11.21 3.18 -2.60
CA LEU A 15 10.72 4.18 -3.53
C LEU A 15 9.52 3.62 -4.29
N SER A 16 9.64 2.39 -4.77
CA SER A 16 8.53 1.72 -5.43
C SER A 16 7.39 1.52 -4.44
N ILE A 17 7.74 1.37 -3.17
CA ILE A 17 6.75 1.32 -2.10
C ILE A 17 5.96 2.61 -2.06
N GLN A 18 6.66 3.73 -1.98
CA GLN A 18 5.99 5.02 -1.88
C GLN A 18 5.21 5.31 -3.16
N ARG A 19 5.68 4.73 -4.24
CA ARG A 19 5.00 4.80 -5.51
C ARG A 19 3.67 4.04 -5.45
N ALA A 20 3.69 2.83 -4.89
CA ALA A 20 2.46 2.06 -4.76
C ALA A 20 1.70 2.47 -3.50
N ILE A 21 2.35 3.28 -2.71
CA ILE A 21 1.69 3.95 -1.61
C ILE A 21 0.75 4.98 -2.16
N GLN A 22 1.31 5.84 -2.99
CA GLN A 22 0.54 6.85 -3.65
C GLN A 22 -0.51 6.19 -4.55
N SER A 23 -0.16 5.02 -5.07
CA SER A 23 -1.06 4.25 -5.93
C SER A 23 -2.29 3.84 -5.13
N LEU A 24 -2.04 3.37 -3.90
CA LEU A 24 -3.08 2.92 -3.01
C LEU A 24 -4.01 4.05 -2.64
N VAL A 25 -3.42 5.19 -2.24
CA VAL A 25 -4.21 6.33 -1.83
C VAL A 25 -5.02 6.86 -3.00
N HIS A 26 -4.36 7.00 -4.14
CA HIS A 26 -5.03 7.47 -5.34
C HIS A 26 -6.25 6.63 -5.63
N ALA A 27 -6.09 5.32 -5.60
CA ALA A 27 -7.22 4.43 -5.88
C ALA A 27 -8.26 4.55 -4.78
N ALA A 28 -7.79 4.70 -3.55
CA ALA A 28 -8.68 4.79 -2.41
C ALA A 28 -9.53 6.05 -2.46
N GLN A 29 -8.99 7.14 -2.99
CA GLN A 29 -9.71 8.41 -2.96
C GLN A 29 -10.07 8.90 -4.35
N CYS A 30 -9.80 8.12 -5.38
CA CYS A 30 -10.06 8.59 -6.73
C CYS A 30 -11.56 8.70 -6.98
N ARG A 31 -12.07 9.92 -6.96
CA ARG A 31 -13.49 10.17 -7.21
C ARG A 31 -13.76 10.31 -8.70
N ASN A 32 -12.68 10.42 -9.49
CA ASN A 32 -12.80 10.63 -10.93
C ASN A 32 -13.16 9.33 -11.63
N ALA A 33 -14.37 9.29 -12.17
CA ALA A 33 -14.91 8.09 -12.81
C ALA A 33 -14.26 7.82 -14.16
N ASN A 34 -13.77 8.87 -14.82
CA ASN A 34 -13.20 8.72 -16.15
C ASN A 34 -11.72 8.39 -16.09
N CYS A 35 -11.13 8.54 -14.92
CA CYS A 35 -9.70 8.27 -14.74
C CYS A 35 -9.40 6.80 -15.01
N SER A 36 -8.80 6.55 -16.15
CA SER A 36 -8.44 5.19 -16.53
C SER A 36 -6.93 5.01 -16.41
N LEU A 37 -6.34 5.78 -15.50
CA LEU A 37 -4.92 5.71 -15.24
C LEU A 37 -4.53 4.28 -14.84
N PRO A 38 -3.51 3.70 -15.49
CA PRO A 38 -3.19 2.27 -15.37
C PRO A 38 -3.08 1.79 -13.94
N SER A 39 -2.30 2.51 -13.13
CA SER A 39 -2.08 2.12 -11.75
C SER A 39 -3.33 2.33 -10.92
N CYS A 40 -4.22 3.21 -11.38
CA CYS A 40 -5.45 3.50 -10.66
C CYS A 40 -6.41 2.33 -10.71
N GLN A 41 -6.76 1.91 -11.91
CA GLN A 41 -7.74 0.84 -12.08
C GLN A 41 -7.21 -0.46 -11.49
N LYS A 42 -5.91 -0.66 -11.61
CA LYS A 42 -5.27 -1.82 -11.07
C LYS A 42 -5.31 -1.79 -9.54
N MET A 43 -4.96 -0.64 -8.96
CA MET A 43 -5.05 -0.45 -7.52
C MET A 43 -6.48 -0.54 -7.03
N LYS A 44 -7.40 0.01 -7.79
CA LYS A 44 -8.79 0.03 -7.36
C LYS A 44 -9.33 -1.39 -7.27
N ARG A 45 -8.77 -2.26 -8.09
CA ARG A 45 -9.13 -3.68 -8.06
C ARG A 45 -8.55 -4.32 -6.82
N VAL A 46 -7.27 -4.03 -6.57
CA VAL A 46 -6.57 -4.57 -5.41
C VAL A 46 -7.27 -4.10 -4.12
N VAL A 47 -7.64 -2.82 -4.07
CA VAL A 47 -8.31 -2.22 -2.93
C VAL A 47 -9.69 -2.83 -2.71
N GLN A 48 -10.52 -2.77 -3.76
CA GLN A 48 -11.89 -3.23 -3.67
C GLN A 48 -11.96 -4.72 -3.39
N HIS A 49 -10.85 -5.42 -3.59
CA HIS A 49 -10.79 -6.84 -3.30
C HIS A 49 -10.69 -7.05 -1.80
N THR A 50 -9.87 -6.24 -1.14
CA THR A 50 -9.71 -6.33 0.30
C THR A 50 -11.06 -6.18 1.00
N LYS A 51 -11.91 -5.37 0.40
CA LYS A 51 -13.27 -5.11 0.89
C LYS A 51 -14.07 -6.41 1.00
N GLY A 52 -13.94 -7.26 0.00
CA GLY A 52 -14.71 -8.50 -0.02
C GLY A 52 -13.89 -9.72 0.36
N CYS A 53 -12.74 -9.52 0.99
CA CYS A 53 -11.87 -10.62 1.37
C CYS A 53 -12.10 -11.01 2.83
N LYS A 54 -11.82 -12.27 3.14
CA LYS A 54 -11.93 -12.78 4.51
C LYS A 54 -10.65 -13.48 4.93
N ARG A 55 -9.83 -13.88 3.94
CA ARG A 55 -8.51 -14.44 4.23
C ARG A 55 -7.47 -13.35 4.33
N LYS A 56 -7.94 -12.11 4.32
CA LYS A 56 -7.08 -10.93 4.35
C LYS A 56 -5.93 -11.02 5.35
N THR A 57 -6.26 -10.97 6.64
CA THR A 57 -5.24 -10.73 7.65
C THR A 57 -4.94 -11.95 8.53
N ASN A 58 -5.67 -13.04 8.35
CA ASN A 58 -5.43 -14.24 9.15
C ASN A 58 -4.27 -15.06 8.59
N GLY A 59 -3.29 -14.37 8.02
CA GLY A 59 -2.12 -15.04 7.47
C GLY A 59 -2.45 -15.90 6.28
N GLY A 60 -3.28 -15.38 5.38
CA GLY A 60 -3.70 -16.14 4.23
C GLY A 60 -3.49 -15.40 2.92
N CYS A 61 -4.23 -14.32 2.74
CA CYS A 61 -4.18 -13.55 1.50
C CYS A 61 -2.83 -12.87 1.30
N PRO A 62 -2.30 -12.94 0.08
CA PRO A 62 -1.12 -12.17 -0.31
C PRO A 62 -1.47 -10.71 -0.63
N ILE A 63 -2.47 -10.52 -1.49
CA ILE A 63 -2.90 -9.18 -1.90
C ILE A 63 -3.15 -8.26 -0.72
N CYS A 64 -4.02 -8.72 0.17
CA CYS A 64 -4.42 -7.92 1.31
C CYS A 64 -3.30 -7.77 2.33
N LYS A 65 -2.34 -8.67 2.25
CA LYS A 65 -1.17 -8.60 3.12
C LYS A 65 -0.27 -7.49 2.62
N GLN A 66 -0.09 -7.45 1.31
CA GLN A 66 0.78 -6.47 0.70
C GLN A 66 0.15 -5.09 0.72
N LEU A 67 -1.15 -5.01 0.48
CA LEU A 67 -1.87 -3.75 0.57
C LEU A 67 -1.79 -3.19 1.98
N ILE A 68 -1.76 -4.09 2.96
CA ILE A 68 -1.59 -3.70 4.34
C ILE A 68 -0.21 -3.07 4.53
N ALA A 69 0.78 -3.62 3.84
CA ALA A 69 2.14 -3.11 3.93
C ALA A 69 2.18 -1.66 3.47
N LEU A 70 1.75 -1.41 2.23
CA LEU A 70 1.74 -0.07 1.66
C LEU A 70 1.00 0.91 2.57
N ALA A 71 -0.19 0.50 3.02
CA ALA A 71 -1.00 1.35 3.86
C ALA A 71 -0.33 1.63 5.21
N ALA A 72 0.59 0.77 5.63
CA ALA A 72 1.27 0.95 6.92
C ALA A 72 2.39 2.00 6.85
N TYR A 73 3.22 1.97 5.79
CA TYR A 73 4.21 3.03 5.60
C TYR A 73 3.48 4.35 5.59
N HIS A 74 2.46 4.34 4.75
CA HIS A 74 1.56 5.46 4.58
C HIS A 74 0.86 5.83 5.89
N ALA A 75 0.52 4.82 6.70
CA ALA A 75 -0.24 5.03 7.93
C ALA A 75 0.52 5.93 8.90
N LYS A 76 1.84 5.80 8.90
CA LYS A 76 2.69 6.62 9.77
C LYS A 76 2.82 8.02 9.18
N HIS A 77 2.74 8.09 7.86
CA HIS A 77 2.88 9.36 7.15
C HIS A 77 1.50 9.94 6.84
N CYS A 78 0.51 9.53 7.63
CA CYS A 78 -0.87 9.96 7.43
C CYS A 78 -1.46 10.43 8.75
N GLN A 79 -2.42 11.34 8.67
CA GLN A 79 -3.06 11.88 9.86
C GLN A 79 -4.57 11.67 9.82
N GLU A 80 -5.16 11.82 8.63
CA GLU A 80 -6.60 11.69 8.44
C GLU A 80 -7.15 10.44 9.11
N ASN A 81 -8.17 10.64 9.93
CA ASN A 81 -8.82 9.56 10.67
C ASN A 81 -9.85 8.87 9.78
N LYS A 82 -10.36 9.61 8.79
CA LYS A 82 -11.31 9.06 7.84
C LYS A 82 -10.67 8.93 6.46
N CYS A 83 -9.40 8.56 6.47
CA CYS A 83 -8.62 8.36 5.26
C CYS A 83 -9.29 7.37 4.30
N PRO A 84 -9.18 7.64 2.99
CA PRO A 84 -9.73 6.76 1.96
C PRO A 84 -9.05 5.40 1.91
N VAL A 85 -7.73 5.38 2.13
CA VAL A 85 -6.97 4.13 2.15
C VAL A 85 -7.58 3.14 3.14
N PRO A 86 -8.04 1.99 2.62
CA PRO A 86 -8.73 0.95 3.39
C PRO A 86 -7.91 0.49 4.60
N PHE A 87 -6.76 -0.07 4.31
CA PHE A 87 -5.92 -0.66 5.33
C PHE A 87 -5.21 0.39 6.17
N CYS A 88 -5.27 1.66 5.77
CA CYS A 88 -4.64 2.69 6.54
C CYS A 88 -5.37 2.83 7.84
N LEU A 89 -6.67 3.05 7.73
CA LEU A 89 -7.49 3.28 8.89
C LEU A 89 -7.50 2.06 9.79
N ASN A 90 -7.46 0.89 9.22
CA ASN A 90 -7.43 -0.31 10.03
C ASN A 90 -6.12 -0.40 10.78
N ILE A 91 -5.04 -0.05 10.09
CA ILE A 91 -3.72 -0.07 10.70
C ILE A 91 -3.54 1.08 11.70
N LYS A 92 -3.63 2.32 11.24
CA LYS A 92 -3.32 3.46 12.09
C LYS A 92 -4.37 3.71 13.17
N GLN A 93 -5.46 2.93 13.18
CA GLN A 93 -6.37 2.95 14.33
C GLN A 93 -5.96 1.90 15.34
N LYS A 94 -5.52 0.74 14.85
CA LYS A 94 -5.01 -0.29 15.74
C LYS A 94 -3.65 0.10 16.29
N GLY A 95 -2.72 0.37 15.39
CA GLY A 95 -1.39 0.86 15.76
C GLY A 95 -0.49 -0.21 16.35
N SER A 96 -1.07 -1.09 17.15
CA SER A 96 -0.30 -2.13 17.80
C SER A 96 -0.29 -3.40 16.99
N GLU A 97 -1.47 -3.87 16.60
CA GLU A 97 -1.59 -5.17 15.96
C GLU A 97 -1.19 -5.12 14.47
N PHE A 98 -2.20 -4.92 13.63
CA PHE A 98 -2.10 -4.90 12.14
C PHE A 98 -3.39 -5.46 11.50
N PRO A 99 -3.94 -6.61 12.00
CA PRO A 99 -5.20 -7.18 11.47
C PRO A 99 -6.30 -6.15 11.31
N ALA A 100 -6.97 -6.20 10.17
CA ALA A 100 -7.98 -5.23 9.82
C ALA A 100 -9.39 -5.78 10.06
N GLY A 101 -10.16 -5.07 10.86
CA GLY A 101 -11.55 -5.45 11.06
C GLY A 101 -11.75 -6.27 12.32
N ASN A 102 -11.16 -5.82 13.42
CA ASN A 102 -11.33 -6.49 14.70
C ASN A 102 -12.01 -5.55 15.67
N GLY B 1 7.11 -8.59 11.14
CA GLY B 1 7.55 -7.49 12.02
C GLY B 1 8.25 -6.39 11.24
N MET B 2 7.84 -5.15 11.48
CA MET B 2 8.44 -3.97 10.86
C MET B 2 8.34 -4.04 9.33
N TYR B 3 7.13 -3.76 8.84
CA TYR B 3 6.83 -3.73 7.40
C TYR B 3 6.92 -5.12 6.77
N PRO B 4 5.78 -5.63 6.29
CA PRO B 4 5.73 -6.89 5.53
C PRO B 4 6.26 -6.69 4.11
N ASP B 5 6.71 -7.77 3.49
CA ASP B 5 7.22 -7.72 2.11
C ASP B 5 6.11 -7.35 1.15
N PRO B 6 6.17 -6.15 0.57
CA PRO B 6 5.08 -5.60 -0.22
C PRO B 6 5.10 -6.05 -1.67
N GLY B 7 4.68 -7.27 -1.88
CA GLY B 7 4.59 -7.82 -3.22
C GLY B 7 3.62 -7.06 -4.12
N LEU B 8 2.83 -6.16 -3.54
CA LEU B 8 1.83 -5.41 -4.32
C LEU B 8 2.49 -4.48 -5.33
N LEU B 9 3.67 -3.95 -4.99
CA LEU B 9 4.39 -3.07 -5.92
C LEU B 9 5.06 -3.90 -7.01
N SER B 10 5.05 -5.22 -6.84
CA SER B 10 5.49 -6.13 -7.86
C SER B 10 4.27 -6.57 -8.70
N TYR B 11 3.19 -6.88 -8.00
CA TYR B 11 1.91 -7.23 -8.63
C TYR B 11 1.44 -6.09 -9.51
N ILE B 12 1.58 -4.87 -9.01
CA ILE B 12 1.24 -3.68 -9.76
C ILE B 12 2.50 -2.81 -9.92
N ASN B 13 3.42 -3.29 -10.74
CA ASN B 13 4.61 -2.52 -11.05
C ASN B 13 4.33 -1.56 -12.20
N GLU B 14 4.46 -0.28 -11.93
CA GLU B 14 4.15 0.75 -12.91
C GLU B 14 5.28 0.87 -13.93
N LEU B 15 4.96 0.54 -15.18
CA LEU B 15 5.90 0.65 -16.27
C LEU B 15 5.28 1.45 -17.40
N CYS B 16 6.10 2.14 -18.16
CA CYS B 16 5.61 2.95 -19.27
C CYS B 16 6.40 2.66 -20.52
ZN ZN C . -7.47 -10.52 0.01
ZN ZN D . -7.78 7.44 -10.66
ZN ZN E . -4.09 7.22 5.34
N SER A 1 26.74 4.25 2.64
CA SER A 1 26.28 5.57 2.19
C SER A 1 26.91 6.67 3.04
N GLY A 2 28.08 7.14 2.63
CA GLY A 2 28.78 8.16 3.38
C GLY A 2 28.50 9.55 2.85
N GLY A 3 29.43 10.06 2.06
CA GLY A 3 29.28 11.39 1.50
C GLY A 3 28.66 11.35 0.12
N ARG A 4 29.20 10.48 -0.73
CA ARG A 4 28.68 10.33 -2.09
C ARG A 4 27.26 9.79 -2.06
N ALA A 5 26.43 10.25 -3.00
CA ALA A 5 25.05 9.80 -3.10
C ALA A 5 24.98 8.38 -3.64
N THR A 6 24.76 7.42 -2.75
CA THR A 6 24.71 6.02 -3.13
C THR A 6 23.29 5.48 -2.99
N GLN A 7 22.90 4.57 -3.87
CA GLN A 7 21.55 4.04 -3.85
C GLN A 7 21.56 2.57 -3.48
N SER A 8 21.14 2.28 -2.26
CA SER A 8 21.05 0.91 -1.79
C SER A 8 19.77 0.26 -2.30
N PRO A 9 19.67 -1.09 -2.28
CA PRO A 9 18.46 -1.76 -2.73
C PRO A 9 17.29 -1.41 -1.83
N GLY A 10 17.60 -1.18 -0.56
CA GLY A 10 16.63 -0.72 0.40
C GLY A 10 16.03 0.61 0.00
N ASP A 11 16.88 1.52 -0.45
CA ASP A 11 16.48 2.86 -0.83
C ASP A 11 15.52 2.83 -2.03
N SER A 12 15.83 1.98 -3.00
CA SER A 12 15.04 1.92 -4.23
C SER A 12 13.75 1.13 -3.98
N ARG A 13 13.81 0.21 -3.03
CA ARG A 13 12.67 -0.57 -2.63
C ARG A 13 11.65 0.33 -1.94
N ARG A 14 12.15 1.17 -1.04
CA ARG A 14 11.31 2.13 -0.34
C ARG A 14 10.76 3.16 -1.31
N LEU A 15 11.55 3.45 -2.32
CA LEU A 15 11.17 4.36 -3.39
C LEU A 15 10.00 3.75 -4.18
N SER A 16 10.12 2.46 -4.49
CA SER A 16 9.06 1.72 -5.13
C SER A 16 7.82 1.68 -4.23
N ILE A 17 8.07 1.56 -2.92
CA ILE A 17 7.01 1.61 -1.93
C ILE A 17 6.24 2.92 -2.03
N GLN A 18 6.95 4.04 -1.95
CA GLN A 18 6.31 5.36 -2.04
C GLN A 18 5.52 5.51 -3.33
N ARG A 19 5.95 4.80 -4.36
CA ARG A 19 5.25 4.79 -5.63
C ARG A 19 3.93 4.04 -5.50
N ALA A 20 3.94 2.90 -4.81
CA ALA A 20 2.72 2.14 -4.60
C ALA A 20 1.91 2.75 -3.48
N ILE A 21 2.57 3.57 -2.69
CA ILE A 21 1.94 4.31 -1.60
C ILE A 21 0.92 5.27 -2.17
N GLN A 22 1.41 6.13 -3.05
CA GLN A 22 0.59 7.12 -3.68
C GLN A 22 -0.47 6.42 -4.53
N SER A 23 -0.08 5.29 -5.11
CA SER A 23 -0.98 4.49 -5.92
C SER A 23 -2.19 4.00 -5.11
N LEU A 24 -1.90 3.50 -3.91
CA LEU A 24 -2.93 3.01 -3.01
C LEU A 24 -3.90 4.12 -2.64
N VAL A 25 -3.34 5.27 -2.27
CA VAL A 25 -4.16 6.40 -1.89
C VAL A 25 -4.99 6.88 -3.06
N HIS A 26 -4.35 6.98 -4.22
CA HIS A 26 -5.02 7.40 -5.43
C HIS A 26 -6.26 6.54 -5.66
N ALA A 27 -6.09 5.24 -5.58
CA ALA A 27 -7.20 4.34 -5.83
C ALA A 27 -8.25 4.48 -4.75
N ALA A 28 -7.79 4.69 -3.53
CA ALA A 28 -8.68 4.82 -2.39
C ALA A 28 -9.52 6.10 -2.46
N GLN A 29 -8.97 7.14 -3.09
CA GLN A 29 -9.68 8.42 -3.13
C GLN A 29 -9.96 8.87 -4.56
N CYS A 30 -9.82 7.98 -5.54
CA CYS A 30 -10.04 8.39 -6.91
C CYS A 30 -11.54 8.52 -7.18
N ARG A 31 -12.01 9.75 -7.18
CA ARG A 31 -13.45 10.00 -7.37
C ARG A 31 -13.76 10.17 -8.85
N ASN A 32 -12.73 10.22 -9.68
CA ASN A 32 -12.90 10.38 -11.12
C ASN A 32 -13.24 9.04 -11.75
N ALA A 33 -14.52 8.88 -12.11
CA ALA A 33 -14.98 7.63 -12.71
C ALA A 33 -14.39 7.42 -14.09
N ASN A 34 -13.95 8.52 -14.70
CA ASN A 34 -13.43 8.49 -16.05
C ASN A 34 -11.93 8.20 -16.06
N CYS A 35 -11.28 8.43 -14.90
CA CYS A 35 -9.86 8.13 -14.77
C CYS A 35 -9.56 6.70 -15.16
N SER A 36 -8.83 6.54 -16.23
CA SER A 36 -8.47 5.23 -16.73
C SER A 36 -6.96 5.04 -16.65
N LEU A 37 -6.35 5.64 -15.62
CA LEU A 37 -4.92 5.51 -15.41
C LEU A 37 -4.58 4.06 -15.04
N PRO A 38 -3.62 3.43 -15.73
CA PRO A 38 -3.37 1.99 -15.61
C PRO A 38 -3.20 1.52 -14.16
N SER A 39 -2.35 2.21 -13.42
CA SER A 39 -2.09 1.88 -12.02
C SER A 39 -3.37 2.01 -11.20
N CYS A 40 -4.28 2.87 -11.65
CA CYS A 40 -5.53 3.11 -10.95
C CYS A 40 -6.44 1.88 -11.04
N GLN A 41 -6.56 1.31 -12.24
CA GLN A 41 -7.36 0.09 -12.43
C GLN A 41 -6.87 -1.01 -11.51
N LYS A 42 -5.56 -1.17 -11.45
CA LYS A 42 -4.97 -2.24 -10.64
C LYS A 42 -5.13 -1.95 -9.16
N MET A 43 -4.82 -0.73 -8.75
CA MET A 43 -4.94 -0.35 -7.35
C MET A 43 -6.39 -0.37 -6.90
N LYS A 44 -7.29 0.02 -7.76
CA LYS A 44 -8.70 0.05 -7.38
C LYS A 44 -9.21 -1.37 -7.21
N ARG A 45 -8.59 -2.30 -7.93
CA ARG A 45 -8.97 -3.69 -7.85
C ARG A 45 -8.32 -4.36 -6.64
N VAL A 46 -7.07 -3.99 -6.32
CA VAL A 46 -6.46 -4.47 -5.08
C VAL A 46 -7.26 -3.96 -3.87
N VAL A 47 -7.63 -2.67 -3.90
CA VAL A 47 -8.35 -2.04 -2.80
C VAL A 47 -9.73 -2.65 -2.62
N GLN A 48 -10.56 -2.58 -3.65
CA GLN A 48 -11.94 -3.04 -3.57
C GLN A 48 -12.01 -4.51 -3.19
N HIS A 49 -10.96 -5.24 -3.51
CA HIS A 49 -10.88 -6.65 -3.15
C HIS A 49 -10.76 -6.81 -1.63
N THR A 50 -9.91 -6.01 -1.00
CA THR A 50 -9.70 -6.10 0.44
C THR A 50 -11.01 -5.83 1.20
N LYS A 51 -11.90 -5.11 0.55
CA LYS A 51 -13.22 -4.84 1.08
C LYS A 51 -14.02 -6.12 1.22
N GLY A 52 -13.93 -6.99 0.22
CA GLY A 52 -14.72 -8.21 0.21
C GLY A 52 -13.91 -9.46 0.43
N CYS A 53 -12.80 -9.36 1.15
CA CYS A 53 -11.97 -10.52 1.46
C CYS A 53 -12.19 -10.98 2.89
N LYS A 54 -11.86 -12.25 3.15
CA LYS A 54 -12.01 -12.82 4.48
C LYS A 54 -10.67 -13.38 4.98
N ARG A 55 -9.87 -13.89 4.05
CA ARG A 55 -8.55 -14.43 4.38
C ARG A 55 -7.51 -13.33 4.44
N LYS A 56 -7.97 -12.09 4.40
CA LYS A 56 -7.10 -10.92 4.34
C LYS A 56 -5.92 -11.00 5.31
N THR A 57 -6.19 -10.94 6.60
CA THR A 57 -5.15 -10.79 7.60
C THR A 57 -4.82 -12.08 8.34
N ASN A 58 -5.64 -13.12 8.17
CA ASN A 58 -5.46 -14.34 8.95
C ASN A 58 -4.40 -15.26 8.36
N GLY A 59 -3.37 -14.66 7.74
CA GLY A 59 -2.29 -15.43 7.17
C GLY A 59 -2.72 -16.24 5.97
N GLY A 60 -3.49 -15.63 5.08
CA GLY A 60 -3.98 -16.34 3.93
C GLY A 60 -3.80 -15.57 2.63
N CYS A 61 -4.36 -14.37 2.57
CA CYS A 61 -4.35 -13.60 1.35
C CYS A 61 -2.99 -12.98 1.02
N PRO A 62 -2.63 -12.98 -0.29
CA PRO A 62 -1.46 -12.26 -0.79
C PRO A 62 -1.73 -10.77 -1.00
N ILE A 63 -2.77 -10.43 -1.77
CA ILE A 63 -3.10 -9.03 -2.06
C ILE A 63 -3.25 -8.20 -0.79
N CYS A 64 -4.11 -8.67 0.10
CA CYS A 64 -4.42 -7.97 1.33
C CYS A 64 -3.19 -7.88 2.25
N LYS A 65 -2.27 -8.82 2.07
CA LYS A 65 -1.00 -8.81 2.79
C LYS A 65 -0.21 -7.56 2.42
N GLN A 66 -0.04 -7.41 1.12
CA GLN A 66 0.84 -6.38 0.59
C GLN A 66 0.14 -5.03 0.53
N LEU A 67 -1.18 -5.03 0.49
CA LEU A 67 -1.92 -3.78 0.65
C LEU A 67 -1.80 -3.29 2.09
N ILE A 68 -1.70 -4.24 3.01
CA ILE A 68 -1.47 -3.94 4.40
C ILE A 68 -0.12 -3.23 4.55
N ALA A 69 0.87 -3.71 3.82
CA ALA A 69 2.19 -3.12 3.88
C ALA A 69 2.14 -1.64 3.49
N LEU A 70 1.74 -1.37 2.25
CA LEU A 70 1.67 0.00 1.74
C LEU A 70 0.87 0.91 2.66
N ALA A 71 -0.34 0.49 3.01
CA ALA A 71 -1.20 1.31 3.85
C ALA A 71 -0.57 1.57 5.21
N ALA A 72 0.38 0.74 5.61
CA ALA A 72 1.06 0.89 6.89
C ALA A 72 2.18 1.94 6.84
N TYR A 73 2.99 1.91 5.77
CA TYR A 73 3.99 2.97 5.56
C TYR A 73 3.26 4.29 5.54
N HIS A 74 2.26 4.29 4.71
CA HIS A 74 1.42 5.42 4.48
C HIS A 74 0.70 5.82 5.79
N ALA A 75 0.33 4.82 6.59
CA ALA A 75 -0.39 5.05 7.84
C ALA A 75 0.41 5.93 8.79
N LYS A 76 1.72 5.74 8.78
CA LYS A 76 2.60 6.50 9.67
C LYS A 76 2.61 7.97 9.27
N HIS A 77 2.60 8.21 7.96
CA HIS A 77 2.59 9.56 7.45
C HIS A 77 1.18 10.00 7.07
N CYS A 78 0.20 9.57 7.87
CA CYS A 78 -1.18 9.92 7.62
C CYS A 78 -1.90 10.28 8.90
N GLN A 79 -2.34 11.53 9.00
CA GLN A 79 -3.02 12.02 10.17
C GLN A 79 -4.53 11.91 10.01
N GLU A 80 -5.00 11.82 8.77
CA GLU A 80 -6.43 11.70 8.50
C GLU A 80 -7.01 10.49 9.22
N ASN A 81 -8.07 10.73 9.98
CA ASN A 81 -8.71 9.66 10.73
C ASN A 81 -9.75 8.96 9.86
N LYS A 82 -10.32 9.70 8.91
CA LYS A 82 -11.27 9.13 7.97
C LYS A 82 -10.65 9.07 6.58
N CYS A 83 -9.42 8.61 6.54
CA CYS A 83 -8.65 8.41 5.32
C CYS A 83 -9.38 7.49 4.33
N PRO A 84 -9.18 7.73 3.02
CA PRO A 84 -9.70 6.84 1.98
C PRO A 84 -9.01 5.48 1.95
N VAL A 85 -7.68 5.46 2.18
CA VAL A 85 -6.91 4.22 2.19
C VAL A 85 -7.49 3.21 3.18
N PRO A 86 -7.99 2.08 2.66
CA PRO A 86 -8.70 1.06 3.44
C PRO A 86 -7.90 0.58 4.66
N PHE A 87 -6.83 -0.13 4.38
CA PHE A 87 -6.02 -0.73 5.42
C PHE A 87 -5.33 0.31 6.27
N CYS A 88 -5.33 1.57 5.84
CA CYS A 88 -4.68 2.60 6.62
C CYS A 88 -5.41 2.79 7.91
N LEU A 89 -6.71 2.99 7.82
CA LEU A 89 -7.50 3.25 9.00
C LEU A 89 -7.56 2.05 9.92
N ASN A 90 -7.49 0.85 9.35
CA ASN A 90 -7.46 -0.35 10.20
C ASN A 90 -6.12 -0.42 10.94
N ILE A 91 -5.04 -0.28 10.17
CA ILE A 91 -3.70 -0.32 10.71
C ILE A 91 -3.45 0.85 11.66
N LYS A 92 -3.61 2.05 11.13
CA LYS A 92 -3.25 3.28 11.82
C LYS A 92 -3.99 3.41 13.14
N GLN A 93 -5.27 3.03 13.16
CA GLN A 93 -6.04 3.04 14.41
C GLN A 93 -5.39 2.15 15.46
N LYS A 94 -5.03 0.92 15.10
CA LYS A 94 -4.41 0.02 16.07
C LYS A 94 -2.93 0.38 16.30
N GLY A 95 -2.18 0.39 15.21
CA GLY A 95 -0.76 0.77 15.22
C GLY A 95 0.15 -0.22 15.95
N SER A 96 -0.29 -0.73 17.07
CA SER A 96 0.49 -1.71 17.83
C SER A 96 0.04 -3.13 17.50
N GLU A 97 -1.26 -3.33 17.43
CA GLU A 97 -1.85 -4.65 17.28
C GLU A 97 -1.38 -5.35 16.01
N PHE A 98 -1.83 -4.86 14.86
CA PHE A 98 -1.57 -5.50 13.58
C PHE A 98 -1.97 -7.00 13.62
N PRO A 99 -3.20 -7.34 14.05
CA PRO A 99 -3.60 -8.71 14.29
C PRO A 99 -4.37 -9.30 13.11
N ALA A 100 -4.93 -10.48 13.32
CA ALA A 100 -5.69 -11.16 12.28
C ALA A 100 -7.13 -11.39 12.76
N GLY A 101 -7.76 -10.33 13.20
CA GLY A 101 -9.12 -10.42 13.69
C GLY A 101 -10.12 -10.52 12.57
N ASN A 102 -10.77 -11.68 12.48
CA ASN A 102 -11.81 -11.88 11.49
C ASN A 102 -13.18 -11.68 12.11
N GLY B 1 7.00 -0.91 13.45
CA GLY B 1 7.61 -2.22 13.15
C GLY B 1 7.92 -2.40 11.68
N MET B 2 8.55 -3.52 11.35
CA MET B 2 8.90 -3.84 9.96
C MET B 2 7.68 -4.40 9.23
N TYR B 3 7.48 -3.95 8.00
CA TYR B 3 6.38 -4.44 7.19
C TYR B 3 6.89 -5.46 6.17
N PRO B 4 6.61 -6.75 6.41
CA PRO B 4 7.17 -7.86 5.64
C PRO B 4 6.54 -8.04 4.27
N ASP B 5 7.38 -7.98 3.25
CA ASP B 5 7.02 -8.32 1.86
C ASP B 5 5.83 -7.51 1.34
N PRO B 6 6.10 -6.33 0.78
CA PRO B 6 5.11 -5.52 0.09
C PRO B 6 5.11 -5.81 -1.41
N GLY B 7 4.82 -7.05 -1.75
CA GLY B 7 4.83 -7.48 -3.14
C GLY B 7 3.85 -6.74 -4.04
N LEU B 8 3.02 -5.86 -3.47
CA LEU B 8 2.05 -5.11 -4.26
C LEU B 8 2.74 -4.16 -5.24
N LEU B 9 3.90 -3.63 -4.85
CA LEU B 9 4.65 -2.73 -5.73
C LEU B 9 5.34 -3.52 -6.85
N SER B 10 5.37 -4.84 -6.71
CA SER B 10 5.83 -5.71 -7.77
C SER B 10 4.62 -6.22 -8.57
N TYR B 11 3.54 -6.46 -7.87
CA TYR B 11 2.28 -6.94 -8.45
C TYR B 11 1.72 -5.91 -9.43
N ILE B 12 1.92 -4.64 -9.14
CA ILE B 12 1.43 -3.58 -10.00
C ILE B 12 2.59 -2.79 -10.61
N ASN B 13 2.90 -3.13 -11.85
CA ASN B 13 3.92 -2.41 -12.61
C ASN B 13 3.35 -1.97 -13.93
N GLU B 14 3.89 -0.90 -14.49
CA GLU B 14 3.37 -0.33 -15.72
C GLU B 14 3.98 -0.99 -16.94
N LEU B 15 3.31 -2.01 -17.45
CA LEU B 15 3.75 -2.70 -18.65
C LEU B 15 2.67 -2.60 -19.73
N CYS B 16 2.92 -3.20 -20.88
CA CYS B 16 1.96 -3.17 -21.97
C CYS B 16 0.81 -4.12 -21.69
ZN ZN C . -7.60 -10.48 0.12
ZN ZN D . -7.83 7.05 -10.79
ZN ZN E . -4.22 7.12 5.38
N SER A 1 33.52 2.88 -2.56
CA SER A 1 34.02 3.32 -1.24
C SER A 1 34.30 4.83 -1.26
N GLY A 2 33.24 5.62 -1.14
CA GLY A 2 33.39 7.06 -1.16
C GLY A 2 32.29 7.75 -0.38
N GLY A 3 31.82 8.87 -0.90
CA GLY A 3 30.77 9.61 -0.23
C GLY A 3 29.66 9.99 -1.18
N ARG A 4 28.92 8.99 -1.65
CA ARG A 4 27.82 9.21 -2.57
C ARG A 4 26.55 8.56 -2.05
N ALA A 5 25.41 9.07 -2.48
CA ALA A 5 24.13 8.49 -2.12
C ALA A 5 23.70 7.47 -3.17
N THR A 6 24.19 6.24 -3.01
CA THR A 6 23.89 5.18 -3.96
C THR A 6 22.56 4.49 -3.62
N GLN A 7 21.77 4.21 -4.64
CA GLN A 7 20.48 3.55 -4.44
C GLN A 7 20.67 2.06 -4.23
N SER A 8 20.53 1.63 -3.00
CA SER A 8 20.63 0.22 -2.66
C SER A 8 19.29 -0.47 -2.86
N PRO A 9 19.24 -1.81 -2.89
CA PRO A 9 17.99 -2.55 -3.04
C PRO A 9 16.91 -2.08 -2.07
N GLY A 10 17.30 -1.91 -0.80
CA GLY A 10 16.38 -1.45 0.22
C GLY A 10 15.77 -0.11 -0.13
N ASP A 11 16.59 0.78 -0.67
CA ASP A 11 16.14 2.13 -1.00
C ASP A 11 15.29 2.12 -2.27
N SER A 12 15.65 1.26 -3.22
CA SER A 12 14.93 1.16 -4.48
C SER A 12 13.59 0.48 -4.25
N ARG A 13 13.58 -0.42 -3.27
CA ARG A 13 12.37 -1.10 -2.86
C ARG A 13 11.45 -0.11 -2.16
N ARG A 14 12.03 0.73 -1.30
CA ARG A 14 11.28 1.75 -0.59
C ARG A 14 10.77 2.81 -1.56
N LEU A 15 11.54 3.01 -2.62
CA LEU A 15 11.20 3.95 -3.67
C LEU A 15 9.96 3.44 -4.42
N SER A 16 9.95 2.13 -4.69
CA SER A 16 8.82 1.49 -5.33
C SER A 16 7.63 1.47 -4.38
N ILE A 17 7.91 1.33 -3.09
CA ILE A 17 6.88 1.38 -2.06
C ILE A 17 6.14 2.69 -2.11
N GLN A 18 6.88 3.79 -2.00
CA GLN A 18 6.26 5.12 -1.98
C GLN A 18 5.54 5.41 -3.28
N ARG A 19 5.96 4.73 -4.34
CA ARG A 19 5.28 4.80 -5.60
C ARG A 19 3.93 4.07 -5.51
N ALA A 20 3.91 2.91 -4.86
CA ALA A 20 2.66 2.17 -4.69
C ALA A 20 1.84 2.78 -3.56
N ILE A 21 2.52 3.58 -2.74
CA ILE A 21 1.90 4.31 -1.66
C ILE A 21 0.93 5.31 -2.22
N GLN A 22 1.47 6.16 -3.06
CA GLN A 22 0.70 7.19 -3.73
C GLN A 22 -0.38 6.56 -4.59
N SER A 23 -0.05 5.40 -5.14
CA SER A 23 -0.98 4.63 -5.95
C SER A 23 -2.19 4.18 -5.13
N LEU A 24 -1.91 3.63 -3.95
CA LEU A 24 -2.96 3.13 -3.06
C LEU A 24 -3.92 4.23 -2.66
N VAL A 25 -3.38 5.34 -2.24
CA VAL A 25 -4.19 6.46 -1.81
C VAL A 25 -4.99 7.02 -2.97
N HIS A 26 -4.34 7.13 -4.12
CA HIS A 26 -5.00 7.65 -5.31
C HIS A 26 -6.26 6.86 -5.60
N ALA A 27 -6.15 5.55 -5.63
CA ALA A 27 -7.30 4.73 -6.00
C ALA A 27 -8.28 4.64 -4.83
N ALA A 28 -7.85 5.06 -3.66
CA ALA A 28 -8.73 5.10 -2.51
C ALA A 28 -9.54 6.40 -2.50
N GLN A 29 -8.98 7.49 -3.04
CA GLN A 29 -9.64 8.79 -2.97
C GLN A 29 -9.84 9.42 -4.35
N CYS A 30 -9.70 8.65 -5.43
CA CYS A 30 -9.74 9.22 -6.77
C CYS A 30 -11.08 9.92 -7.04
N ARG A 31 -11.03 11.25 -7.07
CA ARG A 31 -12.24 12.04 -7.29
C ARG A 31 -12.60 12.08 -8.77
N ASN A 32 -11.59 11.99 -9.62
CA ASN A 32 -11.79 12.09 -11.06
C ASN A 32 -12.36 10.76 -11.59
N ALA A 33 -13.63 10.78 -11.92
CA ALA A 33 -14.32 9.57 -12.39
C ALA A 33 -13.87 9.19 -13.79
N ASN A 34 -13.37 10.17 -14.54
CA ASN A 34 -12.94 9.94 -15.91
C ASN A 34 -11.48 9.47 -15.95
N CYS A 35 -10.89 9.29 -14.78
CA CYS A 35 -9.54 8.81 -14.67
C CYS A 35 -9.45 7.33 -15.03
N SER A 36 -8.74 7.04 -16.11
CA SER A 36 -8.54 5.67 -16.55
C SER A 36 -7.07 5.28 -16.39
N LEU A 37 -6.43 5.89 -15.39
CA LEU A 37 -5.02 5.68 -15.12
C LEU A 37 -4.75 4.22 -14.72
N PRO A 38 -3.79 3.56 -15.38
CA PRO A 38 -3.55 2.12 -15.21
C PRO A 38 -3.50 1.67 -13.75
N SER A 39 -2.65 2.34 -12.98
CA SER A 39 -2.47 2.01 -11.57
C SER A 39 -3.73 2.26 -10.76
N CYS A 40 -4.64 3.04 -11.31
CA CYS A 40 -5.87 3.39 -10.60
C CYS A 40 -6.83 2.21 -10.61
N GLN A 41 -7.14 1.69 -11.81
CA GLN A 41 -7.98 0.49 -11.91
C GLN A 41 -7.35 -0.66 -11.14
N LYS A 42 -6.04 -0.77 -11.22
CA LYS A 42 -5.31 -1.79 -10.48
C LYS A 42 -5.49 -1.63 -8.98
N MET A 43 -5.13 -0.46 -8.47
CA MET A 43 -5.22 -0.19 -7.05
C MET A 43 -6.63 -0.32 -6.54
N LYS A 44 -7.60 0.06 -7.36
CA LYS A 44 -8.98 -0.01 -6.94
C LYS A 44 -9.43 -1.47 -6.90
N ARG A 45 -8.77 -2.29 -7.69
CA ARG A 45 -9.09 -3.69 -7.77
C ARG A 45 -8.41 -4.46 -6.62
N VAL A 46 -7.19 -4.06 -6.28
CA VAL A 46 -6.52 -4.62 -5.09
C VAL A 46 -7.30 -4.21 -3.84
N VAL A 47 -7.78 -2.96 -3.81
CA VAL A 47 -8.58 -2.46 -2.70
C VAL A 47 -9.88 -3.24 -2.55
N GLN A 48 -10.63 -3.37 -3.64
CA GLN A 48 -11.92 -4.04 -3.60
C GLN A 48 -11.76 -5.51 -3.21
N HIS A 49 -10.55 -6.04 -3.35
CA HIS A 49 -10.25 -7.39 -2.90
C HIS A 49 -10.23 -7.44 -1.39
N THR A 50 -9.57 -6.46 -0.79
CA THR A 50 -9.44 -6.40 0.66
C THR A 50 -10.81 -6.33 1.33
N LYS A 51 -11.78 -5.86 0.56
CA LYS A 51 -13.17 -5.77 0.99
C LYS A 51 -13.76 -7.16 1.21
N GLY A 52 -13.60 -8.02 0.21
CA GLY A 52 -14.28 -9.31 0.25
C GLY A 52 -13.43 -10.46 0.72
N CYS A 53 -12.15 -10.22 0.97
CA CYS A 53 -11.23 -11.28 1.33
C CYS A 53 -11.39 -11.75 2.78
N LYS A 54 -11.09 -13.02 3.04
CA LYS A 54 -11.22 -13.62 4.36
C LYS A 54 -9.85 -14.04 4.92
N ARG A 55 -9.05 -14.73 4.11
CA ARG A 55 -7.70 -15.17 4.50
C ARG A 55 -6.69 -14.05 4.38
N LYS A 56 -7.20 -12.84 4.21
CA LYS A 56 -6.37 -11.67 3.93
C LYS A 56 -5.08 -11.61 4.73
N THR A 57 -5.19 -11.35 6.01
CA THR A 57 -4.06 -10.88 6.78
C THR A 57 -3.51 -11.91 7.75
N ASN A 58 -4.11 -13.10 7.81
CA ASN A 58 -3.63 -14.15 8.71
C ASN A 58 -2.36 -14.81 8.17
N GLY A 59 -1.65 -14.09 7.32
CA GLY A 59 -0.39 -14.59 6.77
C GLY A 59 -0.57 -15.62 5.68
N GLY A 60 -1.51 -15.39 4.77
CA GLY A 60 -1.72 -16.33 3.69
C GLY A 60 -1.96 -15.65 2.35
N CYS A 61 -3.07 -14.93 2.25
CA CYS A 61 -3.48 -14.35 0.99
C CYS A 61 -2.66 -13.06 0.69
N PRO A 62 -2.14 -12.96 -0.56
CA PRO A 62 -1.10 -11.98 -0.92
C PRO A 62 -1.56 -10.51 -1.12
N ILE A 63 -2.49 -10.29 -2.06
CA ILE A 63 -2.93 -8.93 -2.44
C ILE A 63 -3.22 -8.06 -1.22
N CYS A 64 -4.09 -8.58 -0.38
CA CYS A 64 -4.60 -7.87 0.77
C CYS A 64 -3.48 -7.61 1.75
N LYS A 65 -2.66 -8.63 1.91
CA LYS A 65 -1.49 -8.57 2.78
C LYS A 65 -0.59 -7.43 2.36
N GLN A 66 -0.32 -7.38 1.08
CA GLN A 66 0.60 -6.39 0.54
C GLN A 66 -0.04 -4.99 0.55
N LEU A 67 -1.36 -4.93 0.38
CA LEU A 67 -2.07 -3.65 0.54
C LEU A 67 -1.88 -3.13 1.95
N ILE A 68 -1.84 -4.05 2.91
CA ILE A 68 -1.62 -3.69 4.30
C ILE A 68 -0.24 -3.09 4.47
N ALA A 69 0.73 -3.65 3.74
CA ALA A 69 2.09 -3.14 3.83
C ALA A 69 2.12 -1.68 3.43
N LEU A 70 1.68 -1.40 2.20
CA LEU A 70 1.63 -0.04 1.69
C LEU A 70 0.86 0.89 2.63
N ALA A 71 -0.35 0.48 3.00
CA ALA A 71 -1.19 1.30 3.86
C ALA A 71 -0.55 1.55 5.22
N ALA A 72 0.41 0.71 5.62
CA ALA A 72 1.11 0.89 6.89
C ALA A 72 2.21 1.94 6.79
N TYR A 73 3.00 1.91 5.71
CA TYR A 73 3.98 2.99 5.47
C TYR A 73 3.23 4.29 5.44
N HIS A 74 2.19 4.27 4.62
CA HIS A 74 1.35 5.41 4.43
C HIS A 74 0.66 5.80 5.74
N ALA A 75 0.35 4.81 6.58
CA ALA A 75 -0.34 5.06 7.84
C ALA A 75 0.47 6.00 8.72
N LYS A 76 1.77 5.77 8.77
CA LYS A 76 2.68 6.60 9.57
C LYS A 76 2.72 8.02 9.03
N HIS A 77 2.61 8.14 7.71
CA HIS A 77 2.72 9.45 7.07
C HIS A 77 1.32 9.97 6.71
N CYS A 78 0.33 9.57 7.47
CA CYS A 78 -1.04 9.96 7.20
C CYS A 78 -1.60 10.79 8.33
N GLN A 79 -2.27 11.87 7.97
CA GLN A 79 -2.86 12.78 8.94
C GLN A 79 -4.36 12.56 9.04
N GLU A 80 -4.96 12.15 7.93
CA GLU A 80 -6.40 11.93 7.84
C GLU A 80 -6.85 10.85 8.82
N ASN A 81 -7.90 11.15 9.58
CA ASN A 81 -8.48 10.17 10.50
C ASN A 81 -9.69 9.47 9.87
N LYS A 82 -10.19 10.04 8.78
CA LYS A 82 -11.23 9.39 7.99
C LYS A 82 -10.69 9.09 6.60
N CYS A 83 -9.49 8.56 6.60
CA CYS A 83 -8.75 8.25 5.38
C CYS A 83 -9.50 7.29 4.46
N PRO A 84 -9.40 7.55 3.15
CA PRO A 84 -9.94 6.67 2.11
C PRO A 84 -9.18 5.35 2.00
N VAL A 85 -7.84 5.40 2.13
CA VAL A 85 -7.02 4.20 2.08
C VAL A 85 -7.53 3.11 3.03
N PRO A 86 -8.05 2.03 2.46
CA PRO A 86 -8.75 0.97 3.21
C PRO A 86 -8.01 0.54 4.47
N PHE A 87 -6.89 -0.11 4.25
CA PHE A 87 -6.12 -0.69 5.33
C PHE A 87 -5.44 0.34 6.20
N CYS A 88 -5.35 1.58 5.73
CA CYS A 88 -4.69 2.61 6.52
C CYS A 88 -5.47 2.85 7.77
N LEU A 89 -6.76 3.12 7.62
CA LEU A 89 -7.59 3.44 8.75
C LEU A 89 -7.74 2.22 9.64
N ASN A 90 -7.64 1.04 9.04
CA ASN A 90 -7.67 -0.19 9.81
C ASN A 90 -6.39 -0.32 10.64
N ILE A 91 -5.26 -0.21 9.97
CA ILE A 91 -3.94 -0.30 10.60
C ILE A 91 -3.72 0.84 11.58
N LYS A 92 -3.84 2.06 11.08
CA LYS A 92 -3.51 3.26 11.83
C LYS A 92 -4.35 3.39 13.10
N GLN A 93 -5.61 2.94 13.05
CA GLN A 93 -6.46 2.95 14.25
C GLN A 93 -5.96 1.94 15.27
N LYS A 94 -5.53 0.77 14.80
CA LYS A 94 -5.04 -0.26 15.69
C LYS A 94 -3.67 0.13 16.25
N GLY A 95 -2.74 0.41 15.34
CA GLY A 95 -1.43 0.93 15.71
C GLY A 95 -0.50 -0.08 16.36
N SER A 96 -1.04 -0.94 17.22
CA SER A 96 -0.23 -1.94 17.89
C SER A 96 -0.30 -3.28 17.15
N GLU A 97 -1.53 -3.67 16.81
CA GLU A 97 -1.80 -4.98 16.25
C GLU A 97 -1.10 -5.20 14.91
N PHE A 98 -1.49 -4.44 13.89
CA PHE A 98 -0.93 -4.63 12.55
C PHE A 98 0.51 -4.13 12.44
N PRO A 99 0.80 -2.86 12.85
CA PRO A 99 2.18 -2.35 12.85
C PRO A 99 2.98 -2.90 14.03
N ALA A 100 3.00 -4.21 14.15
CA ALA A 100 3.70 -4.88 15.24
C ALA A 100 5.20 -4.95 14.95
N GLY A 101 5.98 -4.31 15.81
CA GLY A 101 7.42 -4.33 15.64
C GLY A 101 8.01 -5.67 16.02
N ASN A 102 8.05 -6.58 15.07
CA ASN A 102 8.62 -7.90 15.30
C ASN A 102 10.13 -7.84 15.24
N GLY B 1 14.05 -2.31 4.78
CA GLY B 1 12.92 -1.43 5.15
C GLY B 1 11.92 -2.14 6.03
N MET B 2 11.22 -1.39 6.87
CA MET B 2 10.24 -1.97 7.77
C MET B 2 9.02 -2.46 7.00
N TYR B 3 8.39 -3.50 7.52
CA TYR B 3 7.22 -4.12 6.90
C TYR B 3 7.56 -4.59 5.49
N PRO B 4 8.51 -5.53 5.36
CA PRO B 4 9.05 -5.95 4.06
C PRO B 4 8.14 -6.91 3.31
N ASP B 5 8.61 -7.34 2.14
CA ASP B 5 7.86 -8.24 1.25
C ASP B 5 6.53 -7.62 0.80
N PRO B 6 6.57 -6.43 0.15
CA PRO B 6 5.39 -5.79 -0.38
C PRO B 6 5.23 -6.07 -1.87
N GLY B 7 4.80 -7.27 -2.17
CA GLY B 7 4.66 -7.72 -3.55
C GLY B 7 3.74 -6.86 -4.41
N LEU B 8 2.91 -6.03 -3.78
CA LEU B 8 1.94 -5.21 -4.51
C LEU B 8 2.63 -4.23 -5.46
N LEU B 9 3.81 -3.76 -5.10
CA LEU B 9 4.53 -2.82 -5.97
C LEU B 9 5.20 -3.53 -7.14
N SER B 10 5.23 -4.86 -7.08
CA SER B 10 5.67 -5.66 -8.22
C SER B 10 4.44 -6.07 -9.03
N TYR B 11 3.37 -6.41 -8.31
CA TYR B 11 2.08 -6.73 -8.90
C TYR B 11 1.55 -5.53 -9.69
N ILE B 12 1.92 -4.35 -9.20
CA ILE B 12 1.58 -3.10 -9.86
C ILE B 12 2.85 -2.30 -10.09
N ASN B 13 3.55 -2.65 -11.14
CA ASN B 13 4.78 -1.99 -11.50
C ASN B 13 4.53 -1.11 -12.72
N GLU B 14 4.39 0.19 -12.49
CA GLU B 14 4.07 1.14 -13.55
C GLU B 14 5.14 1.11 -14.64
N LEU B 15 4.70 0.86 -15.85
CA LEU B 15 5.60 0.79 -16.99
C LEU B 15 5.17 1.79 -18.06
N CYS B 16 5.55 3.06 -17.84
CA CYS B 16 5.25 4.13 -18.77
C CYS B 16 3.73 4.37 -18.86
ZN ZN C . -6.78 -11.71 0.15
ZN ZN D . -7.80 7.54 -10.62
ZN ZN E . -4.26 7.13 5.39
N SER A 1 29.65 12.28 -0.08
CA SER A 1 28.34 12.57 -0.71
C SER A 1 28.51 12.74 -2.22
N GLY A 2 27.84 11.87 -2.97
CA GLY A 2 27.83 11.98 -4.41
C GLY A 2 26.43 11.87 -4.96
N GLY A 3 25.53 12.67 -4.41
CA GLY A 3 24.13 12.57 -4.78
C GLY A 3 23.39 11.65 -3.84
N ARG A 4 23.26 10.39 -4.26
CA ARG A 4 22.67 9.37 -3.41
C ARG A 4 23.52 8.12 -3.42
N ALA A 5 24.65 8.18 -4.14
CA ALA A 5 25.53 7.03 -4.32
C ALA A 5 24.80 5.91 -5.07
N THR A 6 25.31 4.70 -4.99
CA THR A 6 24.66 3.56 -5.62
C THR A 6 23.33 3.25 -4.94
N GLN A 7 22.34 2.85 -5.73
CA GLN A 7 21.02 2.55 -5.20
C GLN A 7 21.02 1.18 -4.54
N SER A 8 21.00 1.17 -3.23
CA SER A 8 20.94 -0.07 -2.48
C SER A 8 19.55 -0.68 -2.56
N PRO A 9 19.43 -2.01 -2.42
CA PRO A 9 18.15 -2.71 -2.58
C PRO A 9 17.03 -2.10 -1.75
N GLY A 10 17.32 -1.88 -0.47
CA GLY A 10 16.35 -1.32 0.45
C GLY A 10 15.82 0.02 -0.01
N ASP A 11 16.71 0.84 -0.53
CA ASP A 11 16.36 2.19 -0.93
C ASP A 11 15.44 2.18 -2.13
N SER A 12 15.81 1.40 -3.14
CA SER A 12 15.06 1.38 -4.39
C SER A 12 13.75 0.62 -4.22
N ARG A 13 13.73 -0.29 -3.25
CA ARG A 13 12.53 -1.02 -2.89
C ARG A 13 11.56 -0.08 -2.18
N ARG A 14 12.08 0.69 -1.24
CA ARG A 14 11.27 1.68 -0.52
C ARG A 14 10.79 2.76 -1.46
N LEU A 15 11.60 3.05 -2.46
CA LEU A 15 11.27 4.00 -3.49
C LEU A 15 10.07 3.52 -4.31
N SER A 16 10.08 2.24 -4.66
CA SER A 16 8.97 1.61 -5.35
C SER A 16 7.75 1.58 -4.42
N ILE A 17 8.00 1.41 -3.13
CA ILE A 17 6.95 1.46 -2.13
C ILE A 17 6.24 2.80 -2.17
N GLN A 18 6.99 3.89 -2.06
CA GLN A 18 6.40 5.22 -2.04
C GLN A 18 5.61 5.48 -3.32
N ARG A 19 6.03 4.85 -4.41
CA ARG A 19 5.28 4.91 -5.65
C ARG A 19 3.94 4.19 -5.52
N ALA A 20 3.94 3.03 -4.89
CA ALA A 20 2.72 2.28 -4.68
C ALA A 20 1.97 2.82 -3.45
N ILE A 21 2.65 3.68 -2.73
CA ILE A 21 2.05 4.38 -1.62
C ILE A 21 1.04 5.35 -2.18
N GLN A 22 1.51 6.16 -3.10
CA GLN A 22 0.68 7.08 -3.82
C GLN A 22 -0.37 6.31 -4.61
N SER A 23 0.02 5.15 -5.13
CA SER A 23 -0.87 4.31 -5.93
C SER A 23 -2.11 3.95 -5.12
N LEU A 24 -1.87 3.51 -3.88
CA LEU A 24 -2.94 3.07 -2.99
C LEU A 24 -3.85 4.23 -2.65
N VAL A 25 -3.27 5.36 -2.27
CA VAL A 25 -4.05 6.53 -1.95
C VAL A 25 -4.83 7.01 -3.14
N HIS A 26 -4.16 7.09 -4.29
CA HIS A 26 -4.80 7.54 -5.51
C HIS A 26 -6.07 6.77 -5.75
N ALA A 27 -5.96 5.46 -5.73
CA ALA A 27 -7.11 4.63 -6.05
C ALA A 27 -8.15 4.68 -4.94
N ALA A 28 -7.67 4.88 -3.71
CA ALA A 28 -8.56 4.96 -2.57
C ALA A 28 -9.35 6.26 -2.58
N GLN A 29 -8.75 7.35 -3.06
CA GLN A 29 -9.42 8.65 -3.03
C GLN A 29 -9.84 9.11 -4.42
N CYS A 30 -9.60 8.32 -5.45
CA CYS A 30 -9.89 8.75 -6.80
C CYS A 30 -11.40 8.76 -7.05
N ARG A 31 -11.99 9.94 -6.98
CA ARG A 31 -13.43 10.08 -7.18
C ARG A 31 -13.76 10.19 -8.68
N ASN A 32 -12.76 10.60 -9.46
CA ASN A 32 -12.92 10.75 -10.91
C ASN A 32 -13.16 9.39 -11.55
N ALA A 33 -14.39 9.14 -11.95
CA ALA A 33 -14.79 7.87 -12.54
C ALA A 33 -14.25 7.74 -13.96
N ASN A 34 -13.86 8.86 -14.56
CA ASN A 34 -13.39 8.87 -15.93
C ASN A 34 -11.87 8.69 -15.98
N CYS A 35 -11.26 8.57 -14.81
CA CYS A 35 -9.84 8.28 -14.73
C CYS A 35 -9.58 6.83 -15.14
N SER A 36 -8.95 6.66 -16.29
CA SER A 36 -8.66 5.35 -16.82
C SER A 36 -7.18 5.05 -16.70
N LEU A 37 -6.56 5.62 -15.67
CA LEU A 37 -5.14 5.44 -15.44
C LEU A 37 -4.87 3.99 -15.03
N PRO A 38 -3.97 3.29 -15.74
CA PRO A 38 -3.76 1.84 -15.59
C PRO A 38 -3.63 1.37 -14.14
N SER A 39 -2.76 2.03 -13.37
CA SER A 39 -2.53 1.64 -11.99
C SER A 39 -3.75 1.96 -11.14
N CYS A 40 -4.60 2.85 -11.61
CA CYS A 40 -5.77 3.24 -10.84
C CYS A 40 -6.76 2.09 -10.77
N GLN A 41 -7.07 1.51 -11.92
CA GLN A 41 -7.97 0.36 -11.97
C GLN A 41 -7.37 -0.83 -11.23
N LYS A 42 -6.04 -0.95 -11.26
CA LYS A 42 -5.38 -2.06 -10.57
C LYS A 42 -5.40 -1.85 -9.06
N MET A 43 -4.91 -0.69 -8.62
CA MET A 43 -4.98 -0.34 -7.22
C MET A 43 -6.40 -0.35 -6.71
N LYS A 44 -7.34 0.13 -7.52
CA LYS A 44 -8.73 0.15 -7.09
C LYS A 44 -9.25 -1.27 -6.95
N ARG A 45 -8.67 -2.19 -7.70
CA ARG A 45 -9.08 -3.58 -7.64
C ARG A 45 -8.46 -4.28 -6.42
N VAL A 46 -7.18 -3.98 -6.12
CA VAL A 46 -6.58 -4.47 -4.86
C VAL A 46 -7.37 -3.91 -3.66
N VAL A 47 -7.70 -2.61 -3.74
CA VAL A 47 -8.46 -1.92 -2.69
C VAL A 47 -9.86 -2.50 -2.52
N GLN A 48 -10.62 -2.57 -3.62
CA GLN A 48 -12.01 -3.02 -3.55
C GLN A 48 -12.10 -4.45 -3.04
N HIS A 49 -11.02 -5.22 -3.19
CA HIS A 49 -11.03 -6.59 -2.69
C HIS A 49 -10.99 -6.59 -1.17
N THR A 50 -10.11 -5.78 -0.59
CA THR A 50 -10.00 -5.73 0.87
C THR A 50 -11.32 -5.32 1.50
N LYS A 51 -12.16 -4.65 0.73
CA LYS A 51 -13.49 -4.26 1.17
C LYS A 51 -14.38 -5.48 1.40
N GLY A 52 -14.40 -6.38 0.42
CA GLY A 52 -15.29 -7.52 0.50
C GLY A 52 -14.58 -8.79 0.91
N CYS A 53 -13.45 -8.63 1.57
CA CYS A 53 -12.65 -9.78 1.99
C CYS A 53 -12.84 -10.10 3.48
N LYS A 54 -12.50 -11.34 3.85
CA LYS A 54 -12.55 -11.78 5.24
C LYS A 54 -11.24 -12.49 5.63
N ARG A 55 -10.64 -13.21 4.69
CA ARG A 55 -9.40 -13.96 4.93
C ARG A 55 -8.15 -13.09 4.85
N LYS A 56 -8.36 -11.77 4.87
CA LYS A 56 -7.28 -10.81 4.67
C LYS A 56 -5.95 -11.21 5.33
N THR A 57 -5.93 -11.21 6.64
CA THR A 57 -4.68 -11.34 7.37
C THR A 57 -4.47 -12.71 8.00
N ASN A 58 -5.43 -13.62 7.85
CA ASN A 58 -5.32 -14.93 8.51
C ASN A 58 -4.50 -15.91 7.68
N GLY A 59 -3.46 -15.39 7.03
CA GLY A 59 -2.52 -16.23 6.30
C GLY A 59 -3.09 -16.81 5.02
N GLY A 60 -3.79 -15.99 4.26
CA GLY A 60 -4.33 -16.45 3.00
C GLY A 60 -4.05 -15.49 1.88
N CYS A 61 -4.57 -14.29 2.01
CA CYS A 61 -4.43 -13.26 0.99
C CYS A 61 -3.00 -12.75 0.82
N PRO A 62 -2.55 -12.71 -0.44
CA PRO A 62 -1.32 -12.02 -0.83
C PRO A 62 -1.57 -10.52 -0.99
N ILE A 63 -2.54 -10.16 -1.83
CA ILE A 63 -3.02 -8.79 -1.98
C ILE A 63 -3.16 -8.13 -0.62
N CYS A 64 -4.03 -8.70 0.19
CA CYS A 64 -4.34 -8.14 1.49
C CYS A 64 -3.11 -7.98 2.38
N LYS A 65 -2.08 -8.76 2.10
CA LYS A 65 -0.88 -8.73 2.94
C LYS A 65 0.03 -7.61 2.47
N GLN A 66 0.17 -7.51 1.16
CA GLN A 66 1.10 -6.56 0.59
C GLN A 66 0.46 -5.18 0.54
N LEU A 67 -0.84 -5.20 0.33
CA LEU A 67 -1.62 -4.00 0.22
C LEU A 67 -1.73 -3.38 1.61
N ILE A 68 -1.72 -4.25 2.62
CA ILE A 68 -1.65 -3.81 4.01
C ILE A 68 -0.33 -3.09 4.26
N ALA A 69 0.75 -3.63 3.72
CA ALA A 69 2.06 -3.05 3.88
C ALA A 69 2.06 -1.59 3.47
N LEU A 70 1.68 -1.33 2.22
CA LEU A 70 1.61 0.03 1.69
C LEU A 70 0.87 0.97 2.63
N ALA A 71 -0.32 0.57 3.05
CA ALA A 71 -1.15 1.42 3.88
C ALA A 71 -0.51 1.73 5.22
N ALA A 72 0.43 0.89 5.69
CA ALA A 72 1.13 1.14 6.94
C ALA A 72 2.27 2.14 6.78
N TYR A 73 3.04 2.05 5.69
CA TYR A 73 4.05 3.08 5.40
C TYR A 73 3.35 4.41 5.38
N HIS A 74 2.30 4.41 4.58
CA HIS A 74 1.45 5.55 4.40
C HIS A 74 0.77 5.94 5.71
N ALA A 75 0.47 4.94 6.54
CA ALA A 75 -0.24 5.16 7.81
C ALA A 75 0.58 6.05 8.73
N LYS A 76 1.90 5.97 8.59
CA LYS A 76 2.80 6.80 9.40
C LYS A 76 2.77 8.23 8.88
N HIS A 77 2.63 8.37 7.58
CA HIS A 77 2.57 9.69 6.96
C HIS A 77 1.12 10.10 6.70
N CYS A 78 0.24 9.74 7.64
CA CYS A 78 -1.17 10.06 7.50
C CYS A 78 -1.78 10.34 8.87
N GLN A 79 -2.68 11.31 8.93
CA GLN A 79 -3.37 11.63 10.16
C GLN A 79 -4.90 11.55 10.00
N GLU A 80 -5.36 11.39 8.77
CA GLU A 80 -6.80 11.31 8.51
C GLU A 80 -7.39 10.02 9.05
N ASN A 81 -8.32 10.15 9.99
CA ASN A 81 -9.03 9.00 10.53
C ASN A 81 -10.10 8.53 9.57
N LYS A 82 -10.56 9.43 8.70
CA LYS A 82 -11.53 9.07 7.68
C LYS A 82 -10.84 8.93 6.33
N CYS A 83 -9.58 8.51 6.38
CA CYS A 83 -8.77 8.31 5.20
C CYS A 83 -9.43 7.36 4.19
N PRO A 84 -9.26 7.65 2.89
CA PRO A 84 -9.75 6.79 1.81
C PRO A 84 -9.03 5.45 1.77
N VAL A 85 -7.73 5.45 2.06
CA VAL A 85 -6.93 4.23 2.11
C VAL A 85 -7.53 3.23 3.09
N PRO A 86 -8.00 2.09 2.54
CA PRO A 86 -8.69 1.05 3.32
C PRO A 86 -7.91 0.57 4.54
N PHE A 87 -6.78 -0.03 4.28
CA PHE A 87 -5.97 -0.62 5.33
C PHE A 87 -5.31 0.43 6.21
N CYS A 88 -5.37 1.70 5.79
CA CYS A 88 -4.77 2.76 6.59
C CYS A 88 -5.55 2.90 7.87
N LEU A 89 -6.87 2.91 7.74
CA LEU A 89 -7.74 3.04 8.90
C LEU A 89 -7.65 1.80 9.77
N ASN A 90 -7.58 0.64 9.14
CA ASN A 90 -7.42 -0.61 9.88
C ASN A 90 -6.10 -0.57 10.66
N ILE A 91 -5.03 -0.22 9.97
CA ILE A 91 -3.69 -0.21 10.54
C ILE A 91 -3.50 0.89 11.57
N LYS A 92 -3.77 2.13 11.17
CA LYS A 92 -3.56 3.27 12.06
C LYS A 92 -4.23 3.05 13.41
N GLN A 93 -5.54 2.77 13.39
CA GLN A 93 -6.30 2.56 14.62
C GLN A 93 -5.78 1.38 15.42
N LYS A 94 -5.32 0.32 14.73
CA LYS A 94 -4.70 -0.80 15.42
C LYS A 94 -3.46 -0.36 16.17
N GLY A 95 -2.54 0.29 15.45
CA GLY A 95 -1.37 0.88 16.07
C GLY A 95 -0.34 -0.14 16.52
N SER A 96 -0.79 -1.29 17.00
CA SER A 96 0.10 -2.32 17.50
C SER A 96 0.82 -3.02 16.37
N GLU A 97 0.08 -3.39 15.32
CA GLU A 97 0.67 -4.01 14.16
C GLU A 97 1.60 -3.05 13.45
N PHE A 98 1.04 -2.14 12.64
CA PHE A 98 1.82 -1.16 11.90
C PHE A 98 3.01 -1.85 11.21
N PRO A 99 2.77 -2.90 10.42
CA PRO A 99 3.83 -3.79 9.96
C PRO A 99 4.49 -3.26 8.69
N ALA A 100 5.16 -2.12 8.83
CA ALA A 100 5.89 -1.50 7.75
C ALA A 100 7.14 -0.81 8.26
N GLY A 101 7.96 -1.57 8.97
CA GLY A 101 9.20 -1.03 9.49
C GLY A 101 10.28 -0.94 8.42
N ASN A 102 10.12 -0.01 7.51
CA ASN A 102 11.07 0.21 6.43
C ASN A 102 11.33 1.70 6.27
N GLY B 1 10.58 -16.23 7.71
CA GLY B 1 9.79 -15.19 7.00
C GLY B 1 9.03 -14.32 7.96
N MET B 2 9.44 -13.06 8.06
CA MET B 2 8.76 -12.09 8.92
C MET B 2 8.66 -10.76 8.19
N TYR B 3 7.76 -9.90 8.66
CA TYR B 3 7.53 -8.58 8.08
C TYR B 3 6.89 -8.70 6.70
N PRO B 4 5.65 -8.22 6.55
CA PRO B 4 4.93 -8.25 5.28
C PRO B 4 5.65 -7.45 4.20
N ASP B 5 6.36 -8.16 3.33
CA ASP B 5 7.06 -7.53 2.23
C ASP B 5 6.06 -7.19 1.14
N PRO B 6 5.93 -5.90 0.84
CA PRO B 6 4.92 -5.37 -0.09
C PRO B 6 5.08 -5.83 -1.53
N GLY B 7 4.72 -7.07 -1.76
CA GLY B 7 4.69 -7.60 -3.10
C GLY B 7 3.71 -6.88 -4.02
N LEU B 8 2.90 -5.98 -3.46
CA LEU B 8 1.91 -5.24 -4.24
C LEU B 8 2.58 -4.35 -5.28
N LEU B 9 3.77 -3.82 -4.96
CA LEU B 9 4.49 -2.96 -5.90
C LEU B 9 5.15 -3.79 -6.99
N SER B 10 5.21 -5.10 -6.78
CA SER B 10 5.65 -6.03 -7.80
C SER B 10 4.43 -6.58 -8.54
N TYR B 11 3.38 -6.86 -7.78
CA TYR B 11 2.10 -7.30 -8.32
C TYR B 11 1.59 -6.32 -9.35
N ILE B 12 1.69 -5.04 -9.02
CA ILE B 12 1.31 -3.99 -9.94
C ILE B 12 2.55 -3.18 -10.33
N ASN B 13 3.50 -3.87 -10.92
CA ASN B 13 4.65 -3.22 -11.50
C ASN B 13 4.21 -2.65 -12.84
N GLU B 14 4.37 -1.34 -13.01
CA GLU B 14 3.85 -0.64 -14.18
C GLU B 14 4.27 -1.30 -15.48
N LEU B 15 3.32 -1.97 -16.12
CA LEU B 15 3.56 -2.65 -17.38
C LEU B 15 3.15 -1.75 -18.54
N CYS B 16 4.13 -1.11 -19.17
CA CYS B 16 3.86 -0.17 -20.25
C CYS B 16 3.82 -0.89 -21.59
ZN ZN C . -8.21 -10.50 0.99
ZN ZN D . -7.72 7.35 -10.74
ZN ZN E . -4.24 7.26 5.31
N SER A 1 30.93 7.27 -0.21
CA SER A 1 31.77 8.47 -0.36
C SER A 1 31.35 9.27 -1.60
N GLY A 2 31.51 10.58 -1.54
CA GLY A 2 31.17 11.42 -2.67
C GLY A 2 30.26 12.57 -2.28
N GLY A 3 29.30 12.27 -1.42
CA GLY A 3 28.34 13.28 -1.01
C GLY A 3 26.95 12.70 -0.89
N ARG A 4 26.50 12.06 -1.96
CA ARG A 4 25.22 11.37 -1.96
C ARG A 4 25.44 9.87 -2.00
N ALA A 5 24.93 9.18 -0.98
CA ALA A 5 25.08 7.73 -0.88
C ALA A 5 24.36 7.03 -2.02
N THR A 6 24.88 5.87 -2.40
CA THR A 6 24.29 5.07 -3.46
C THR A 6 22.94 4.52 -3.04
N GLN A 7 21.97 4.59 -3.92
CA GLN A 7 20.63 4.09 -3.63
C GLN A 7 20.61 2.57 -3.65
N SER A 8 20.57 1.99 -2.46
CA SER A 8 20.56 0.55 -2.31
C SER A 8 19.20 -0.03 -2.69
N PRO A 9 19.09 -1.34 -2.94
CA PRO A 9 17.83 -1.98 -3.28
C PRO A 9 16.73 -1.67 -2.26
N GLY A 10 17.06 -1.80 -0.98
CA GLY A 10 16.11 -1.50 0.07
C GLY A 10 15.60 -0.07 0.00
N ASP A 11 16.49 0.84 -0.28
CA ASP A 11 16.18 2.27 -0.33
C ASP A 11 15.35 2.56 -1.58
N SER A 12 15.75 1.95 -2.69
CA SER A 12 15.07 2.14 -3.95
C SER A 12 13.72 1.44 -3.93
N ARG A 13 13.62 0.38 -3.14
CA ARG A 13 12.36 -0.33 -2.96
C ARG A 13 11.39 0.57 -2.23
N ARG A 14 11.91 1.23 -1.20
CA ARG A 14 11.12 2.17 -0.42
C ARG A 14 10.57 3.27 -1.34
N LEU A 15 11.35 3.60 -2.36
CA LEU A 15 10.93 4.56 -3.36
C LEU A 15 9.81 3.98 -4.25
N SER A 16 9.88 2.69 -4.55
CA SER A 16 8.84 2.04 -5.32
C SER A 16 7.63 1.79 -4.42
N ILE A 17 7.90 1.71 -3.12
CA ILE A 17 6.86 1.67 -2.12
C ILE A 17 6.08 2.96 -2.15
N GLN A 18 6.77 4.10 -2.04
CA GLN A 18 6.11 5.41 -2.13
C GLN A 18 5.34 5.53 -3.43
N ARG A 19 5.88 4.93 -4.48
CA ARG A 19 5.23 4.83 -5.77
C ARG A 19 3.85 4.19 -5.63
N ALA A 20 3.77 3.09 -4.90
CA ALA A 20 2.49 2.41 -4.70
C ALA A 20 1.79 2.91 -3.44
N ILE A 21 2.50 3.69 -2.66
CA ILE A 21 1.90 4.42 -1.56
C ILE A 21 0.88 5.38 -2.12
N GLN A 22 1.35 6.15 -3.09
CA GLN A 22 0.53 7.10 -3.76
C GLN A 22 -0.52 6.36 -4.59
N SER A 23 -0.13 5.21 -5.15
CA SER A 23 -1.05 4.40 -5.96
C SER A 23 -2.26 4.00 -5.12
N LEU A 24 -1.98 3.55 -3.90
CA LEU A 24 -3.01 3.13 -2.96
C LEU A 24 -3.94 4.28 -2.61
N VAL A 25 -3.36 5.42 -2.25
CA VAL A 25 -4.16 6.59 -1.92
C VAL A 25 -4.97 7.03 -3.12
N HIS A 26 -4.33 7.10 -4.29
CA HIS A 26 -5.00 7.46 -5.51
C HIS A 26 -6.23 6.61 -5.70
N ALA A 27 -6.08 5.30 -5.56
CA ALA A 27 -7.20 4.40 -5.79
C ALA A 27 -8.25 4.57 -4.71
N ALA A 28 -7.80 4.83 -3.48
CA ALA A 28 -8.70 5.00 -2.37
C ALA A 28 -9.51 6.28 -2.49
N GLN A 29 -8.91 7.34 -3.03
CA GLN A 29 -9.60 8.63 -3.11
C GLN A 29 -9.98 9.00 -4.54
N CYS A 30 -9.73 8.12 -5.51
CA CYS A 30 -10.01 8.47 -6.89
C CYS A 30 -11.51 8.54 -7.13
N ARG A 31 -12.03 9.75 -7.21
CA ARG A 31 -13.46 9.95 -7.47
C ARG A 31 -13.75 9.93 -8.96
N ASN A 32 -12.70 10.00 -9.78
CA ASN A 32 -12.86 10.00 -11.22
C ASN A 32 -13.26 8.61 -11.69
N ALA A 33 -14.54 8.45 -12.02
CA ALA A 33 -15.06 7.17 -12.47
C ALA A 33 -14.51 6.79 -13.83
N ASN A 34 -14.08 7.79 -14.59
CA ASN A 34 -13.59 7.58 -15.94
C ASN A 34 -12.09 7.34 -15.96
N CYS A 35 -11.41 7.74 -14.88
CA CYS A 35 -9.97 7.52 -14.74
C CYS A 35 -9.65 6.04 -14.81
N SER A 36 -9.17 5.63 -15.97
CA SER A 36 -8.79 4.24 -16.18
C SER A 36 -7.28 4.15 -16.29
N LEU A 37 -6.61 5.04 -15.57
CA LEU A 37 -5.15 5.04 -15.50
C LEU A 37 -4.68 3.65 -15.04
N PRO A 38 -3.65 3.09 -15.69
CA PRO A 38 -3.20 1.70 -15.47
C PRO A 38 -3.06 1.33 -13.99
N SER A 39 -2.28 2.12 -13.27
CA SER A 39 -2.03 1.87 -11.86
C SER A 39 -3.30 2.07 -11.03
N CYS A 40 -4.22 2.89 -11.54
CA CYS A 40 -5.47 3.17 -10.83
C CYS A 40 -6.39 1.98 -10.86
N GLN A 41 -6.53 1.39 -12.04
CA GLN A 41 -7.46 0.30 -12.24
C GLN A 41 -6.95 -0.95 -11.51
N LYS A 42 -5.64 -1.09 -11.47
CA LYS A 42 -5.03 -2.20 -10.75
C LYS A 42 -5.14 -1.98 -9.25
N MET A 43 -4.87 -0.75 -8.80
CA MET A 43 -5.00 -0.42 -7.39
C MET A 43 -6.46 -0.47 -6.96
N LYS A 44 -7.36 -0.01 -7.80
CA LYS A 44 -8.75 -0.03 -7.44
C LYS A 44 -9.25 -1.47 -7.40
N ARG A 45 -8.57 -2.37 -8.08
CA ARG A 45 -8.90 -3.77 -8.02
C ARG A 45 -8.36 -4.39 -6.72
N VAL A 46 -7.10 -4.03 -6.36
CA VAL A 46 -6.52 -4.53 -5.12
C VAL A 46 -7.35 -4.03 -3.93
N VAL A 47 -7.72 -2.74 -3.98
CA VAL A 47 -8.43 -2.10 -2.89
C VAL A 47 -9.83 -2.68 -2.70
N GLN A 48 -10.65 -2.64 -3.75
CA GLN A 48 -12.05 -3.06 -3.64
C GLN A 48 -12.13 -4.53 -3.26
N HIS A 49 -11.03 -5.25 -3.46
CA HIS A 49 -10.98 -6.65 -3.08
C HIS A 49 -10.85 -6.79 -1.57
N THR A 50 -9.98 -5.99 -0.94
CA THR A 50 -9.80 -6.05 0.51
C THR A 50 -11.14 -5.84 1.22
N LYS A 51 -11.99 -5.04 0.60
CA LYS A 51 -13.33 -4.76 1.10
C LYS A 51 -14.13 -6.03 1.31
N GLY A 52 -14.03 -6.97 0.36
CA GLY A 52 -14.84 -8.17 0.44
C GLY A 52 -14.04 -9.43 0.72
N CYS A 53 -12.86 -9.28 1.30
CA CYS A 53 -12.01 -10.43 1.59
C CYS A 53 -12.29 -10.99 2.98
N LYS A 54 -11.97 -12.26 3.18
CA LYS A 54 -12.22 -12.93 4.45
C LYS A 54 -10.92 -13.47 5.04
N ARG A 55 -10.04 -13.96 4.19
CA ARG A 55 -8.74 -14.50 4.62
C ARG A 55 -7.68 -13.40 4.64
N LYS A 56 -8.13 -12.16 4.55
CA LYS A 56 -7.27 -10.99 4.45
C LYS A 56 -6.02 -11.04 5.34
N THR A 57 -6.20 -10.94 6.64
CA THR A 57 -5.08 -10.69 7.53
C THR A 57 -4.68 -11.87 8.41
N ASN A 58 -5.43 -12.98 8.35
CA ASN A 58 -5.05 -14.16 9.14
C ASN A 58 -4.01 -15.01 8.40
N GLY A 59 -3.14 -14.33 7.66
CA GLY A 59 -2.06 -15.02 6.96
C GLY A 59 -2.56 -15.96 5.88
N GLY A 60 -3.53 -15.51 5.11
CA GLY A 60 -4.07 -16.33 4.05
C GLY A 60 -3.99 -15.65 2.71
N CYS A 61 -4.59 -14.47 2.62
CA CYS A 61 -4.61 -13.71 1.38
C CYS A 61 -3.24 -13.19 0.98
N PRO A 62 -2.96 -13.19 -0.34
CA PRO A 62 -1.81 -12.52 -0.91
C PRO A 62 -2.04 -11.01 -1.06
N ILE A 63 -2.98 -10.59 -1.90
CA ILE A 63 -3.21 -9.16 -2.21
C ILE A 63 -3.28 -8.30 -0.96
N CYS A 64 -4.11 -8.73 -0.02
CA CYS A 64 -4.34 -7.96 1.18
C CYS A 64 -3.09 -7.90 2.05
N LYS A 65 -2.20 -8.86 1.87
CA LYS A 65 -0.93 -8.89 2.60
C LYS A 65 -0.10 -7.68 2.20
N GLN A 66 0.10 -7.54 0.90
CA GLN A 66 0.89 -6.45 0.37
C GLN A 66 0.16 -5.12 0.46
N LEU A 67 -1.16 -5.14 0.47
CA LEU A 67 -1.92 -3.92 0.70
C LEU A 67 -1.81 -3.50 2.16
N ILE A 68 -1.59 -4.47 3.04
CA ILE A 68 -1.27 -4.18 4.43
C ILE A 68 -0.01 -3.34 4.48
N ALA A 69 0.99 -3.75 3.70
CA ALA A 69 2.28 -3.09 3.71
C ALA A 69 2.13 -1.63 3.34
N LEU A 70 1.67 -1.35 2.13
CA LEU A 70 1.53 0.02 1.63
C LEU A 70 0.78 0.91 2.61
N ALA A 71 -0.39 0.46 3.05
CA ALA A 71 -1.20 1.29 3.93
C ALA A 71 -0.53 1.49 5.29
N ALA A 72 0.44 0.64 5.63
CA ALA A 72 1.19 0.80 6.87
C ALA A 72 2.28 1.86 6.76
N TYR A 73 3.08 1.82 5.68
CA TYR A 73 4.06 2.90 5.44
C TYR A 73 3.32 4.21 5.45
N HIS A 74 2.26 4.21 4.67
CA HIS A 74 1.43 5.34 4.49
C HIS A 74 0.75 5.73 5.82
N ALA A 75 0.44 4.73 6.64
CA ALA A 75 -0.24 4.97 7.92
C ALA A 75 0.56 5.91 8.80
N LYS A 76 1.88 5.71 8.82
CA LYS A 76 2.77 6.56 9.61
C LYS A 76 2.75 8.00 9.09
N HIS A 77 2.72 8.12 7.76
CA HIS A 77 2.74 9.43 7.13
C HIS A 77 1.32 9.88 6.80
N CYS A 78 0.39 9.58 7.69
CA CYS A 78 -1.00 9.94 7.49
C CYS A 78 -1.61 10.46 8.78
N GLN A 79 -2.13 11.66 8.74
CA GLN A 79 -2.77 12.25 9.92
C GLN A 79 -4.29 12.11 9.83
N GLU A 80 -4.77 11.76 8.64
CA GLU A 80 -6.21 11.58 8.43
C GLU A 80 -6.77 10.48 9.32
N ASN A 81 -7.77 10.82 10.11
CA ASN A 81 -8.40 9.85 10.99
C ASN A 81 -9.58 9.18 10.28
N LYS A 82 -10.04 9.79 9.20
CA LYS A 82 -11.08 9.21 8.39
C LYS A 82 -10.57 9.02 6.96
N CYS A 83 -9.38 8.45 6.88
CA CYS A 83 -8.68 8.21 5.63
C CYS A 83 -9.47 7.30 4.67
N PRO A 84 -9.36 7.58 3.35
CA PRO A 84 -9.91 6.72 2.30
C PRO A 84 -9.15 5.40 2.14
N VAL A 85 -7.82 5.45 2.29
CA VAL A 85 -6.98 4.25 2.20
C VAL A 85 -7.50 3.14 3.13
N PRO A 86 -8.02 2.06 2.54
CA PRO A 86 -8.73 1.01 3.28
C PRO A 86 -7.99 0.52 4.51
N PHE A 87 -6.86 -0.12 4.26
CA PHE A 87 -6.07 -0.73 5.31
C PHE A 87 -5.41 0.30 6.22
N CYS A 88 -5.31 1.55 5.77
CA CYS A 88 -4.67 2.57 6.60
C CYS A 88 -5.46 2.76 7.85
N LEU A 89 -6.76 2.96 7.70
CA LEU A 89 -7.60 3.23 8.84
C LEU A 89 -7.73 1.99 9.71
N ASN A 90 -7.61 0.83 9.09
CA ASN A 90 -7.64 -0.42 9.85
C ASN A 90 -6.36 -0.56 10.65
N ILE A 91 -5.24 -0.36 9.98
CA ILE A 91 -3.92 -0.44 10.60
C ILE A 91 -3.72 0.67 11.62
N LYS A 92 -3.79 1.90 11.13
CA LYS A 92 -3.48 3.07 11.92
C LYS A 92 -4.32 3.14 13.21
N GLN A 93 -5.58 2.70 13.15
CA GLN A 93 -6.43 2.69 14.35
C GLN A 93 -6.03 1.58 15.30
N LYS A 94 -5.68 0.41 14.77
CA LYS A 94 -5.36 -0.74 15.60
C LYS A 94 -3.90 -0.74 16.06
N GLY A 95 -2.99 -0.68 15.09
CA GLY A 95 -1.56 -0.65 15.38
C GLY A 95 -0.99 -1.99 15.78
N SER A 96 -1.73 -2.77 16.56
CA SER A 96 -1.25 -4.07 17.02
C SER A 96 -1.77 -5.20 16.14
N GLU A 97 -3.07 -5.16 15.83
CA GLU A 97 -3.78 -6.24 15.14
C GLU A 97 -3.07 -6.73 13.88
N PHE A 98 -2.78 -5.81 12.98
CA PHE A 98 -2.21 -6.18 11.68
C PHE A 98 -0.78 -6.72 11.79
N PRO A 99 0.15 -6.01 12.48
CA PRO A 99 1.50 -6.55 12.71
C PRO A 99 1.49 -7.88 13.46
N ALA A 100 0.79 -7.92 14.59
CA ALA A 100 0.69 -9.13 15.38
C ALA A 100 -0.74 -9.62 15.46
N GLY A 101 -1.14 -10.42 14.47
CA GLY A 101 -2.49 -10.94 14.42
C GLY A 101 -2.71 -12.07 15.41
N ASN A 102 -1.73 -12.95 15.51
CA ASN A 102 -1.79 -14.08 16.43
C ASN A 102 -0.45 -14.24 17.14
N GLY B 1 11.58 -6.86 13.29
CA GLY B 1 10.92 -5.53 13.23
C GLY B 1 10.95 -4.93 11.84
N MET B 2 10.52 -5.72 10.86
CA MET B 2 10.47 -5.28 9.48
C MET B 2 9.04 -5.19 9.01
N TYR B 3 8.84 -4.52 7.88
CA TYR B 3 7.50 -4.41 7.30
C TYR B 3 7.26 -5.53 6.31
N PRO B 4 6.07 -6.13 6.35
CA PRO B 4 5.69 -7.24 5.46
C PRO B 4 5.93 -6.90 3.99
N ASP B 5 6.54 -7.84 3.27
CA ASP B 5 6.96 -7.63 1.89
C ASP B 5 5.79 -7.17 1.02
N PRO B 6 5.96 -5.99 0.41
CA PRO B 6 4.94 -5.37 -0.41
C PRO B 6 5.08 -5.73 -1.88
N GLY B 7 4.81 -6.97 -2.19
CA GLY B 7 4.82 -7.43 -3.58
C GLY B 7 3.84 -6.68 -4.46
N LEU B 8 2.97 -5.87 -3.85
CA LEU B 8 1.96 -5.11 -4.59
C LEU B 8 2.59 -4.14 -5.59
N LEU B 9 3.73 -3.56 -5.23
CA LEU B 9 4.38 -2.58 -6.12
C LEU B 9 5.04 -3.29 -7.31
N SER B 10 5.15 -4.61 -7.20
CA SER B 10 5.61 -5.43 -8.32
C SER B 10 4.39 -5.94 -9.09
N TYR B 11 3.38 -6.35 -8.33
CA TYR B 11 2.09 -6.77 -8.87
C TYR B 11 1.48 -5.66 -9.73
N ILE B 12 1.75 -4.42 -9.33
CA ILE B 12 1.34 -3.25 -10.08
C ILE B 12 2.56 -2.39 -10.41
N ASN B 13 3.42 -2.91 -11.27
CA ASN B 13 4.59 -2.17 -11.71
C ASN B 13 4.18 -1.19 -12.81
N GLU B 14 3.17 -0.39 -12.51
CA GLU B 14 2.53 0.50 -13.51
C GLU B 14 2.12 -0.32 -14.74
N LEU B 15 1.34 -1.35 -14.49
CA LEU B 15 0.92 -2.28 -15.52
C LEU B 15 -0.56 -2.08 -15.82
N CYS B 16 -1.04 -2.75 -16.86
CA CYS B 16 -2.44 -2.65 -17.26
C CYS B 16 -2.88 -3.95 -17.92
ZN ZN C . -7.63 -10.37 0.23
ZN ZN D . -7.83 7.07 -10.80
ZN ZN E . -4.19 7.12 5.51
N SER A 1 20.47 5.93 4.73
CA SER A 1 20.13 7.31 4.36
C SER A 1 21.02 8.28 5.15
N GLY A 2 20.68 9.56 5.12
CA GLY A 2 21.46 10.56 5.79
C GLY A 2 21.73 11.74 4.88
N GLY A 3 22.80 12.48 5.16
CA GLY A 3 23.16 13.61 4.34
C GLY A 3 23.44 13.22 2.90
N ARG A 4 24.28 12.21 2.75
CA ARG A 4 24.61 11.70 1.43
C ARG A 4 23.47 10.87 0.86
N ALA A 5 22.82 10.10 1.73
CA ALA A 5 21.67 9.29 1.34
C ALA A 5 22.00 8.40 0.15
N THR A 6 22.75 7.34 0.43
CA THR A 6 23.21 6.44 -0.61
C THR A 6 22.05 5.75 -1.31
N GLN A 7 22.01 5.88 -2.62
CA GLN A 7 20.96 5.27 -3.42
C GLN A 7 21.28 3.83 -3.69
N SER A 8 20.74 2.96 -2.88
CA SER A 8 20.94 1.54 -3.00
C SER A 8 19.60 0.87 -3.31
N PRO A 9 19.57 -0.45 -3.56
CA PRO A 9 18.32 -1.16 -3.79
C PRO A 9 17.25 -0.82 -2.75
N GLY A 10 17.66 -0.74 -1.48
CA GLY A 10 16.77 -0.37 -0.41
C GLY A 10 16.04 0.93 -0.66
N ASP A 11 16.77 1.92 -1.16
CA ASP A 11 16.23 3.25 -1.42
C ASP A 11 15.18 3.19 -2.52
N SER A 12 15.49 2.45 -3.57
CA SER A 12 14.63 2.40 -4.75
C SER A 12 13.45 1.48 -4.49
N ARG A 13 13.65 0.56 -3.55
CA ARG A 13 12.62 -0.33 -3.07
C ARG A 13 11.57 0.48 -2.31
N ARG A 14 12.05 1.31 -1.38
CA ARG A 14 11.18 2.18 -0.60
C ARG A 14 10.50 3.19 -1.51
N LEU A 15 11.20 3.54 -2.57
CA LEU A 15 10.69 4.44 -3.59
C LEU A 15 9.52 3.81 -4.32
N SER A 16 9.69 2.55 -4.72
CA SER A 16 8.61 1.79 -5.35
C SER A 16 7.47 1.62 -4.35
N ILE A 17 7.82 1.53 -3.07
CA ILE A 17 6.83 1.51 -2.01
C ILE A 17 6.01 2.77 -2.03
N GLN A 18 6.66 3.92 -1.94
CA GLN A 18 5.95 5.20 -1.94
C GLN A 18 5.19 5.38 -3.25
N ARG A 19 5.69 4.75 -4.30
CA ARG A 19 5.00 4.76 -5.58
C ARG A 19 3.70 3.96 -5.49
N ALA A 20 3.74 2.78 -4.86
CA ALA A 20 2.54 1.98 -4.71
C ALA A 20 1.76 2.41 -3.48
N ILE A 21 2.38 3.25 -2.68
CA ILE A 21 1.69 3.94 -1.62
C ILE A 21 0.77 4.97 -2.19
N GLN A 22 1.32 5.81 -3.03
CA GLN A 22 0.56 6.82 -3.69
C GLN A 22 -0.48 6.13 -4.59
N SER A 23 -0.09 4.97 -5.11
CA SER A 23 -0.96 4.18 -5.96
C SER A 23 -2.19 3.74 -5.16
N LEU A 24 -1.94 3.28 -3.93
CA LEU A 24 -2.97 2.83 -3.02
C LEU A 24 -3.91 3.99 -2.67
N VAL A 25 -3.33 5.12 -2.35
CA VAL A 25 -4.10 6.29 -1.99
C VAL A 25 -4.95 6.77 -3.15
N HIS A 26 -4.34 6.85 -4.34
CA HIS A 26 -5.08 7.27 -5.52
C HIS A 26 -6.31 6.42 -5.68
N ALA A 27 -6.15 5.12 -5.60
CA ALA A 27 -7.29 4.23 -5.81
C ALA A 27 -8.31 4.39 -4.71
N ALA A 28 -7.83 4.64 -3.51
CA ALA A 28 -8.70 4.79 -2.37
C ALA A 28 -9.49 6.10 -2.44
N GLN A 29 -8.83 7.17 -2.89
CA GLN A 29 -9.48 8.47 -2.92
C GLN A 29 -9.83 8.93 -4.34
N CYS A 30 -9.71 8.03 -5.33
CA CYS A 30 -9.92 8.45 -6.70
C CYS A 30 -11.37 8.86 -6.93
N ARG A 31 -11.57 10.11 -7.32
CA ARG A 31 -12.90 10.59 -7.66
C ARG A 31 -13.15 10.49 -9.17
N ASN A 32 -12.09 10.25 -9.94
CA ASN A 32 -12.18 10.22 -11.38
C ASN A 32 -12.09 8.79 -11.88
N ALA A 33 -13.23 8.19 -12.18
CA ALA A 33 -13.29 6.81 -12.62
C ALA A 33 -12.88 6.67 -14.07
N ASN A 34 -12.41 7.77 -14.65
CA ASN A 34 -12.06 7.81 -16.05
C ASN A 34 -10.55 7.91 -16.27
N CYS A 35 -9.77 7.84 -15.18
CA CYS A 35 -8.31 7.86 -15.31
C CYS A 35 -7.82 6.70 -16.19
N SER A 36 -7.32 7.02 -17.37
CA SER A 36 -6.62 6.02 -18.18
C SER A 36 -5.22 5.80 -17.59
N LEU A 37 -5.21 5.49 -16.30
CA LEU A 37 -4.01 5.34 -15.54
C LEU A 37 -3.99 3.94 -14.93
N PRO A 38 -2.95 3.15 -15.27
CA PRO A 38 -2.87 1.73 -14.92
C PRO A 38 -2.93 1.48 -13.43
N SER A 39 -2.26 2.33 -12.66
CA SER A 39 -2.26 2.19 -11.22
C SER A 39 -3.60 2.60 -10.61
N CYS A 40 -4.44 3.27 -11.38
CA CYS A 40 -5.76 3.64 -10.88
C CYS A 40 -6.69 2.44 -10.92
N GLN A 41 -6.75 1.81 -12.07
CA GLN A 41 -7.65 0.70 -12.28
C GLN A 41 -7.14 -0.53 -11.53
N LYS A 42 -5.84 -0.76 -11.60
CA LYS A 42 -5.24 -1.91 -10.99
C LYS A 42 -5.25 -1.81 -9.46
N MET A 43 -4.99 -0.61 -8.93
CA MET A 43 -5.05 -0.41 -7.48
C MET A 43 -6.48 -0.47 -6.98
N LYS A 44 -7.42 -0.03 -7.78
CA LYS A 44 -8.81 -0.10 -7.36
C LYS A 44 -9.24 -1.56 -7.27
N ARG A 45 -8.60 -2.40 -8.06
CA ARG A 45 -8.84 -3.83 -7.99
C ARG A 45 -8.35 -4.38 -6.67
N VAL A 46 -7.07 -4.10 -6.36
CA VAL A 46 -6.48 -4.57 -5.13
C VAL A 46 -7.29 -4.07 -3.91
N VAL A 47 -7.65 -2.78 -3.94
CA VAL A 47 -8.35 -2.15 -2.81
C VAL A 47 -9.74 -2.72 -2.63
N GLN A 48 -10.54 -2.68 -3.69
CA GLN A 48 -11.94 -3.09 -3.62
C GLN A 48 -12.04 -4.59 -3.30
N HIS A 49 -10.94 -5.31 -3.47
CA HIS A 49 -10.92 -6.72 -3.16
C HIS A 49 -10.79 -6.92 -1.65
N THR A 50 -9.96 -6.08 -1.01
CA THR A 50 -9.79 -6.15 0.44
C THR A 50 -11.13 -5.99 1.14
N LYS A 51 -11.99 -5.18 0.53
CA LYS A 51 -13.33 -4.93 1.03
C LYS A 51 -14.12 -6.22 1.20
N GLY A 52 -13.98 -7.12 0.23
CA GLY A 52 -14.73 -8.36 0.26
C GLY A 52 -13.87 -9.60 0.42
N CYS A 53 -12.75 -9.47 1.13
CA CYS A 53 -11.88 -10.61 1.38
C CYS A 53 -12.18 -11.25 2.74
N LYS A 54 -11.75 -12.49 2.92
CA LYS A 54 -12.00 -13.23 4.15
C LYS A 54 -10.68 -13.67 4.80
N ARG A 55 -9.73 -14.08 3.99
CA ARG A 55 -8.40 -14.50 4.47
C ARG A 55 -7.48 -13.30 4.59
N LYS A 56 -8.07 -12.11 4.48
CA LYS A 56 -7.33 -10.85 4.45
C LYS A 56 -6.14 -10.80 5.39
N THR A 57 -6.41 -10.75 6.68
CA THR A 57 -5.38 -10.46 7.66
C THR A 57 -4.94 -11.69 8.45
N ASN A 58 -5.55 -12.83 8.21
CA ASN A 58 -5.18 -14.05 8.92
C ASN A 58 -3.97 -14.72 8.30
N GLY A 59 -3.06 -13.90 7.74
CA GLY A 59 -1.84 -14.42 7.15
C GLY A 59 -2.11 -15.39 6.01
N GLY A 60 -3.10 -15.06 5.21
CA GLY A 60 -3.52 -15.96 4.16
C GLY A 60 -3.47 -15.32 2.79
N CYS A 61 -4.16 -14.20 2.63
CA CYS A 61 -4.27 -13.55 1.33
C CYS A 61 -2.98 -12.84 0.95
N PRO A 62 -2.57 -12.96 -0.34
CA PRO A 62 -1.42 -12.23 -0.87
C PRO A 62 -1.69 -10.73 -1.10
N ILE A 63 -2.80 -10.41 -1.77
CA ILE A 63 -3.13 -9.02 -2.09
C ILE A 63 -3.26 -8.16 -0.84
N CYS A 64 -4.13 -8.59 0.05
CA CYS A 64 -4.44 -7.83 1.25
C CYS A 64 -3.23 -7.75 2.19
N LYS A 65 -2.37 -8.73 2.09
CA LYS A 65 -1.13 -8.74 2.84
C LYS A 65 -0.24 -7.59 2.42
N GLN A 66 -0.07 -7.48 1.13
CA GLN A 66 0.81 -6.47 0.57
C GLN A 66 0.15 -5.09 0.62
N LEU A 67 -1.16 -5.04 0.45
CA LEU A 67 -1.88 -3.77 0.61
C LEU A 67 -1.77 -3.28 2.03
N ILE A 68 -1.73 -4.21 2.98
CA ILE A 68 -1.51 -3.88 4.37
C ILE A 68 -0.14 -3.22 4.52
N ALA A 69 0.85 -3.76 3.80
CA ALA A 69 2.19 -3.23 3.86
C ALA A 69 2.19 -1.76 3.45
N LEU A 70 1.78 -1.49 2.21
CA LEU A 70 1.76 -0.14 1.68
C LEU A 70 1.00 0.83 2.58
N ALA A 71 -0.18 0.42 3.02
CA ALA A 71 -1.01 1.27 3.86
C ALA A 71 -0.35 1.52 5.21
N ALA A 72 0.59 0.68 5.61
CA ALA A 72 1.27 0.83 6.90
C ALA A 72 2.36 1.90 6.87
N TYR A 73 3.17 1.91 5.81
CA TYR A 73 4.16 2.99 5.63
C TYR A 73 3.40 4.29 5.62
N HIS A 74 2.41 4.30 4.75
CA HIS A 74 1.51 5.41 4.57
C HIS A 74 0.79 5.76 5.88
N ALA A 75 0.48 4.76 6.69
CA ALA A 75 -0.24 4.97 7.94
C ALA A 75 0.53 5.92 8.86
N LYS A 76 1.84 5.69 8.95
CA LYS A 76 2.70 6.55 9.77
C LYS A 76 2.74 7.97 9.22
N HIS A 77 2.60 8.09 7.91
CA HIS A 77 2.66 9.39 7.27
C HIS A 77 1.26 9.88 6.91
N CYS A 78 0.29 9.55 7.76
CA CYS A 78 -1.09 9.92 7.51
C CYS A 78 -1.77 10.37 8.79
N GLN A 79 -2.36 11.56 8.73
CA GLN A 79 -3.07 12.12 9.87
C GLN A 79 -4.55 11.79 9.77
N GLU A 80 -5.09 11.87 8.55
CA GLU A 80 -6.53 11.67 8.30
C GLU A 80 -7.08 10.45 9.04
N ASN A 81 -8.08 10.70 9.87
CA ASN A 81 -8.76 9.64 10.60
C ASN A 81 -9.81 8.96 9.72
N LYS A 82 -10.34 9.71 8.78
CA LYS A 82 -11.29 9.16 7.82
C LYS A 82 -10.65 9.07 6.45
N CYS A 83 -9.42 8.59 6.43
CA CYS A 83 -8.66 8.37 5.22
C CYS A 83 -9.37 7.42 4.26
N PRO A 84 -9.19 7.65 2.95
CA PRO A 84 -9.73 6.76 1.92
C PRO A 84 -9.03 5.38 1.90
N VAL A 85 -7.71 5.37 2.11
CA VAL A 85 -6.94 4.12 2.14
C VAL A 85 -7.55 3.15 3.16
N PRO A 86 -7.95 1.97 2.65
CA PRO A 86 -8.73 0.99 3.43
C PRO A 86 -7.96 0.45 4.61
N PHE A 87 -6.79 -0.07 4.35
CA PHE A 87 -5.97 -0.68 5.37
C PHE A 87 -5.27 0.36 6.22
N CYS A 88 -5.33 1.63 5.81
CA CYS A 88 -4.71 2.68 6.59
C CYS A 88 -5.47 2.81 7.88
N LEU A 89 -6.77 2.97 7.77
CA LEU A 89 -7.60 3.16 8.94
C LEU A 89 -7.63 1.92 9.81
N ASN A 90 -7.54 0.76 9.19
CA ASN A 90 -7.52 -0.49 9.95
C ASN A 90 -6.21 -0.59 10.72
N ILE A 91 -5.10 -0.39 10.01
CA ILE A 91 -3.77 -0.45 10.60
C ILE A 91 -3.52 0.69 11.57
N LYS A 92 -3.65 1.91 11.05
CA LYS A 92 -3.30 3.13 11.77
C LYS A 92 -4.08 3.25 13.08
N GLN A 93 -5.33 2.82 13.08
CA GLN A 93 -6.14 2.87 14.28
C GLN A 93 -5.71 1.79 15.27
N LYS A 94 -5.36 0.61 14.75
CA LYS A 94 -4.85 -0.46 15.59
C LYS A 94 -3.50 -0.09 16.17
N GLY A 95 -2.54 0.23 15.30
CA GLY A 95 -1.24 0.72 15.72
C GLY A 95 -0.35 -0.34 16.34
N SER A 96 -0.95 -1.27 17.07
CA SER A 96 -0.19 -2.23 17.86
C SER A 96 0.30 -3.39 17.00
N GLU A 97 -0.55 -3.90 16.14
CA GLU A 97 -0.18 -5.05 15.33
C GLU A 97 0.94 -4.72 14.35
N PHE A 98 0.60 -3.99 13.28
CA PHE A 98 1.55 -3.73 12.20
C PHE A 98 2.24 -5.03 11.77
N PRO A 99 1.47 -6.10 11.46
CA PRO A 99 2.03 -7.44 11.28
C PRO A 99 2.47 -7.68 9.85
N ALA A 100 3.77 -7.85 9.67
CA ALA A 100 4.34 -8.23 8.39
C ALA A 100 4.36 -9.75 8.27
N GLY A 101 3.18 -10.33 8.14
CA GLY A 101 3.05 -11.77 8.13
C GLY A 101 3.44 -12.41 6.81
N ASN A 102 4.16 -13.52 6.92
CA ASN A 102 4.54 -14.35 5.76
C ASN A 102 5.22 -13.52 4.67
N GLY B 1 14.51 -2.90 7.27
CA GLY B 1 13.34 -2.05 6.99
C GLY B 1 12.05 -2.68 7.47
N MET B 2 11.12 -1.84 7.92
CA MET B 2 9.84 -2.32 8.41
C MET B 2 8.97 -2.83 7.26
N TYR B 3 8.31 -3.95 7.51
CA TYR B 3 7.46 -4.60 6.51
C TYR B 3 8.25 -5.11 5.32
N PRO B 4 8.78 -6.33 5.42
CA PRO B 4 9.40 -7.01 4.29
C PRO B 4 8.35 -7.72 3.44
N ASP B 5 8.66 -7.86 2.15
CA ASP B 5 7.75 -8.50 1.19
C ASP B 5 6.47 -7.68 0.99
N PRO B 6 6.57 -6.54 0.27
CA PRO B 6 5.44 -5.77 -0.18
C PRO B 6 5.15 -6.06 -1.64
N GLY B 7 4.75 -7.28 -1.91
CA GLY B 7 4.58 -7.77 -3.28
C GLY B 7 3.70 -6.91 -4.18
N LEU B 8 2.90 -6.02 -3.60
CA LEU B 8 1.96 -5.20 -4.39
C LEU B 8 2.71 -4.27 -5.35
N LEU B 9 3.88 -3.77 -4.94
CA LEU B 9 4.66 -2.88 -5.82
C LEU B 9 5.35 -3.67 -6.92
N SER B 10 5.38 -4.99 -6.76
CA SER B 10 5.86 -5.88 -7.81
C SER B 10 4.69 -6.36 -8.66
N TYR B 11 3.56 -6.58 -7.99
CA TYR B 11 2.32 -7.01 -8.62
C TYR B 11 1.83 -5.94 -9.59
N ILE B 12 1.99 -4.69 -9.21
CA ILE B 12 1.56 -3.57 -10.04
C ILE B 12 2.73 -2.70 -10.45
N ASN B 13 2.85 -2.45 -11.74
CA ASN B 13 3.83 -1.51 -12.27
C ASN B 13 3.11 -0.35 -12.94
N GLU B 14 3.87 0.50 -13.62
CA GLU B 14 3.29 1.51 -14.46
C GLU B 14 2.92 0.90 -15.78
N LEU B 15 2.42 1.74 -16.70
CA LEU B 15 2.09 1.35 -18.07
C LEU B 15 1.22 0.07 -18.15
N CYS B 16 1.04 -0.43 -19.36
CA CYS B 16 0.30 -1.66 -19.56
C CYS B 16 1.20 -2.72 -20.17
ZN ZN C . -7.51 -10.39 0.08
ZN ZN D . -8.24 7.37 -10.77
ZN ZN E . -4.18 7.16 5.30
N SER A 1 26.57 13.49 -13.51
CA SER A 1 27.87 14.15 -13.69
C SER A 1 28.10 15.17 -12.58
N GLY A 2 28.61 14.72 -11.44
CA GLY A 2 28.88 15.62 -10.34
C GLY A 2 28.09 15.27 -9.09
N GLY A 3 26.79 15.07 -9.25
CA GLY A 3 25.96 14.70 -8.14
C GLY A 3 25.26 13.37 -8.38
N ARG A 4 25.29 12.50 -7.39
CA ARG A 4 24.71 11.17 -7.55
C ARG A 4 24.09 10.68 -6.26
N ALA A 5 23.23 9.69 -6.38
CA ALA A 5 22.62 9.03 -5.23
C ALA A 5 22.78 7.53 -5.40
N THR A 6 23.40 6.87 -4.43
CA THR A 6 23.68 5.46 -4.52
C THR A 6 22.40 4.64 -4.55
N GLN A 7 22.27 3.80 -5.56
CA GLN A 7 21.08 3.00 -5.72
C GLN A 7 21.29 1.61 -5.13
N SER A 8 20.41 1.25 -4.22
CA SER A 8 20.44 -0.07 -3.61
C SER A 8 19.06 -0.73 -3.72
N PRO A 9 18.98 -2.06 -3.61
CA PRO A 9 17.70 -2.77 -3.73
C PRO A 9 16.67 -2.26 -2.72
N GLY A 10 17.07 -2.19 -1.46
CA GLY A 10 16.18 -1.71 -0.42
C GLY A 10 15.63 -0.34 -0.71
N ASP A 11 16.49 0.54 -1.22
CA ASP A 11 16.11 1.93 -1.48
C ASP A 11 15.19 2.01 -2.69
N SER A 12 15.42 1.16 -3.68
CA SER A 12 14.62 1.15 -4.89
C SER A 12 13.28 0.48 -4.63
N ARG A 13 13.30 -0.49 -3.72
CA ARG A 13 12.11 -1.20 -3.31
C ARG A 13 11.23 -0.27 -2.48
N ARG A 14 11.86 0.48 -1.60
CA ARG A 14 11.15 1.45 -0.77
C ARG A 14 10.67 2.62 -1.63
N LEU A 15 11.38 2.83 -2.73
CA LEU A 15 11.04 3.86 -3.69
C LEU A 15 9.76 3.46 -4.42
N SER A 16 9.72 2.20 -4.86
CA SER A 16 8.55 1.64 -5.50
C SER A 16 7.41 1.52 -4.49
N ILE A 17 7.75 1.41 -3.22
CA ILE A 17 6.76 1.42 -2.15
C ILE A 17 6.05 2.75 -2.11
N GLN A 18 6.81 3.84 -2.06
CA GLN A 18 6.21 5.17 -2.03
C GLN A 18 5.40 5.41 -3.28
N ARG A 19 5.81 4.77 -4.37
CA ARG A 19 5.08 4.82 -5.61
C ARG A 19 3.72 4.14 -5.46
N ALA A 20 3.71 2.93 -4.91
CA ALA A 20 2.47 2.18 -4.76
C ALA A 20 1.73 2.59 -3.48
N ILE A 21 2.40 3.38 -2.67
CA ILE A 21 1.74 4.04 -1.58
C ILE A 21 0.80 5.08 -2.13
N GLN A 22 1.37 5.91 -2.98
CA GLN A 22 0.60 6.93 -3.62
C GLN A 22 -0.44 6.29 -4.54
N SER A 23 -0.09 5.12 -5.08
CA SER A 23 -1.00 4.37 -5.95
C SER A 23 -2.23 3.94 -5.13
N LEU A 24 -1.97 3.47 -3.92
CA LEU A 24 -3.01 3.03 -3.00
C LEU A 24 -3.94 4.16 -2.63
N VAL A 25 -3.36 5.29 -2.22
CA VAL A 25 -4.16 6.44 -1.84
C VAL A 25 -4.94 6.93 -3.03
N HIS A 26 -4.24 7.05 -4.17
CA HIS A 26 -4.88 7.51 -5.38
C HIS A 26 -6.08 6.63 -5.69
N ALA A 27 -5.92 5.33 -5.62
CA ALA A 27 -7.03 4.41 -5.90
C ALA A 27 -8.14 4.57 -4.89
N ALA A 28 -7.76 4.81 -3.64
CA ALA A 28 -8.71 4.98 -2.57
C ALA A 28 -9.55 6.25 -2.76
N GLN A 29 -9.01 7.22 -3.48
CA GLN A 29 -9.73 8.48 -3.73
C GLN A 29 -9.80 8.85 -5.22
N CYS A 30 -9.58 7.89 -6.12
CA CYS A 30 -9.64 8.19 -7.55
C CYS A 30 -11.11 8.31 -7.96
N ARG A 31 -11.65 9.50 -7.78
CA ARG A 31 -13.09 9.73 -8.01
C ARG A 31 -13.34 10.08 -9.48
N ASN A 32 -12.25 10.31 -10.21
CA ASN A 32 -12.35 10.61 -11.62
C ASN A 32 -12.52 9.32 -12.40
N ALA A 33 -13.74 9.07 -12.88
CA ALA A 33 -14.02 7.87 -13.63
C ALA A 33 -13.34 7.89 -14.99
N ASN A 34 -12.94 9.07 -15.42
CA ASN A 34 -12.29 9.25 -16.70
C ASN A 34 -10.78 9.14 -16.58
N CYS A 35 -10.28 9.20 -15.33
CA CYS A 35 -8.88 8.97 -15.04
C CYS A 35 -8.49 7.60 -15.59
N SER A 36 -7.87 7.60 -16.76
CA SER A 36 -7.57 6.37 -17.47
C SER A 36 -6.22 5.84 -17.02
N LEU A 37 -5.82 6.27 -15.84
CA LEU A 37 -4.54 5.91 -15.26
C LEU A 37 -4.54 4.41 -14.91
N PRO A 38 -3.58 3.66 -15.48
CA PRO A 38 -3.52 2.19 -15.35
C PRO A 38 -3.38 1.72 -13.92
N SER A 39 -2.71 2.52 -13.10
CA SER A 39 -2.49 2.16 -11.71
C SER A 39 -3.78 2.28 -10.91
N CYS A 40 -4.64 3.22 -11.28
CA CYS A 40 -5.92 3.39 -10.60
C CYS A 40 -6.78 2.17 -10.85
N GLN A 41 -6.77 1.69 -12.08
CA GLN A 41 -7.56 0.51 -12.42
C GLN A 41 -7.08 -0.70 -11.65
N LYS A 42 -5.76 -0.87 -11.60
CA LYS A 42 -5.18 -2.03 -10.94
C LYS A 42 -5.23 -1.88 -9.42
N MET A 43 -4.94 -0.68 -8.93
CA MET A 43 -5.00 -0.41 -7.51
C MET A 43 -6.44 -0.46 -7.01
N LYS A 44 -7.38 -0.03 -7.82
CA LYS A 44 -8.77 -0.08 -7.40
C LYS A 44 -9.21 -1.53 -7.29
N ARG A 45 -8.62 -2.38 -8.11
CA ARG A 45 -8.89 -3.81 -8.06
C ARG A 45 -8.33 -4.40 -6.78
N VAL A 46 -7.06 -4.13 -6.49
CA VAL A 46 -6.44 -4.61 -5.27
C VAL A 46 -7.23 -4.10 -4.04
N VAL A 47 -7.59 -2.82 -4.07
CA VAL A 47 -8.28 -2.17 -2.96
C VAL A 47 -9.67 -2.77 -2.74
N GLN A 48 -10.48 -2.73 -3.80
CA GLN A 48 -11.87 -3.18 -3.69
C GLN A 48 -11.94 -4.68 -3.38
N HIS A 49 -10.83 -5.37 -3.54
CA HIS A 49 -10.78 -6.78 -3.21
C HIS A 49 -10.68 -6.95 -1.70
N THR A 50 -9.84 -6.14 -1.06
CA THR A 50 -9.68 -6.20 0.39
C THR A 50 -11.03 -6.02 1.09
N LYS A 51 -11.87 -5.21 0.46
CA LYS A 51 -13.22 -4.95 0.94
C LYS A 51 -14.01 -6.25 1.10
N GLY A 52 -13.87 -7.15 0.12
CA GLY A 52 -14.64 -8.38 0.14
C GLY A 52 -13.79 -9.61 0.43
N CYS A 53 -12.68 -9.43 1.12
CA CYS A 53 -11.82 -10.54 1.47
C CYS A 53 -12.12 -11.03 2.89
N LYS A 54 -11.73 -12.26 3.19
CA LYS A 54 -12.01 -12.86 4.49
C LYS A 54 -10.74 -13.40 5.14
N ARG A 55 -9.79 -13.87 4.33
CA ARG A 55 -8.51 -14.34 4.84
C ARG A 55 -7.49 -13.21 4.82
N LYS A 56 -7.98 -12.00 4.59
CA LYS A 56 -7.15 -10.81 4.44
C LYS A 56 -5.96 -10.76 5.39
N THR A 57 -6.24 -10.60 6.68
CA THR A 57 -5.19 -10.38 7.66
C THR A 57 -4.90 -11.64 8.49
N ASN A 58 -5.66 -12.68 8.24
CA ASN A 58 -5.52 -13.93 9.00
C ASN A 58 -4.36 -14.78 8.48
N GLY A 59 -3.29 -14.11 8.03
CA GLY A 59 -2.12 -14.82 7.54
C GLY A 59 -2.44 -15.72 6.38
N GLY A 60 -3.23 -15.23 5.44
CA GLY A 60 -3.67 -16.05 4.34
C GLY A 60 -3.54 -15.34 3.01
N CYS A 61 -4.16 -14.18 2.88
CA CYS A 61 -4.14 -13.45 1.62
C CYS A 61 -2.78 -12.80 1.37
N PRO A 62 -2.32 -12.86 0.11
CA PRO A 62 -1.14 -12.13 -0.34
C PRO A 62 -1.46 -10.67 -0.69
N ILE A 63 -2.48 -10.45 -1.54
CA ILE A 63 -2.89 -9.10 -1.93
C ILE A 63 -3.11 -8.21 -0.72
N CYS A 64 -3.94 -8.68 0.18
CA CYS A 64 -4.31 -7.92 1.36
C CYS A 64 -3.15 -7.81 2.36
N LYS A 65 -2.18 -8.69 2.21
CA LYS A 65 -0.97 -8.62 3.02
C LYS A 65 -0.07 -7.53 2.49
N GLN A 66 0.07 -7.49 1.20
CA GLN A 66 0.93 -6.51 0.55
C GLN A 66 0.28 -5.14 0.57
N LEU A 67 -1.04 -5.09 0.40
CA LEU A 67 -1.78 -3.84 0.55
C LEU A 67 -1.66 -3.31 1.97
N ILE A 68 -1.62 -4.23 2.92
CA ILE A 68 -1.42 -3.87 4.32
C ILE A 68 -0.06 -3.20 4.48
N ALA A 69 0.91 -3.67 3.72
CA ALA A 69 2.24 -3.09 3.78
C ALA A 69 2.19 -1.63 3.37
N LEU A 70 1.74 -1.36 2.14
CA LEU A 70 1.69 0.00 1.60
C LEU A 70 0.93 0.93 2.54
N ALA A 71 -0.27 0.51 2.96
CA ALA A 71 -1.11 1.33 3.81
C ALA A 71 -0.47 1.57 5.17
N ALA A 72 0.48 0.72 5.57
CA ALA A 72 1.15 0.86 6.86
C ALA A 72 2.24 1.93 6.83
N TYR A 73 3.09 1.91 5.78
CA TYR A 73 4.10 2.98 5.60
C TYR A 73 3.36 4.29 5.62
N HIS A 74 2.32 4.30 4.80
CA HIS A 74 1.44 5.42 4.62
C HIS A 74 0.72 5.77 5.92
N ALA A 75 0.40 4.76 6.73
CA ALA A 75 -0.37 4.98 7.96
C ALA A 75 0.36 5.92 8.91
N LYS A 76 1.67 5.73 9.03
CA LYS A 76 2.50 6.59 9.86
C LYS A 76 2.55 7.99 9.27
N HIS A 77 2.54 8.07 7.95
CA HIS A 77 2.60 9.37 7.27
C HIS A 77 1.19 9.82 6.90
N CYS A 78 0.24 9.55 7.78
CA CYS A 78 -1.15 9.91 7.54
C CYS A 78 -1.83 10.31 8.84
N GLN A 79 -2.40 11.51 8.87
CA GLN A 79 -3.05 12.00 10.05
C GLN A 79 -4.56 11.80 9.96
N GLU A 80 -5.08 11.73 8.74
CA GLU A 80 -6.51 11.54 8.52
C GLU A 80 -7.02 10.29 9.23
N ASN A 81 -8.05 10.48 10.05
CA ASN A 81 -8.67 9.38 10.77
C ASN A 81 -9.71 8.69 9.90
N LYS A 82 -10.32 9.46 9.00
CA LYS A 82 -11.30 8.93 8.06
C LYS A 82 -10.72 8.88 6.65
N CYS A 83 -9.47 8.45 6.58
CA CYS A 83 -8.73 8.31 5.32
C CYS A 83 -9.45 7.40 4.32
N PRO A 84 -9.29 7.69 3.02
CA PRO A 84 -9.80 6.84 1.93
C PRO A 84 -9.10 5.48 1.87
N VAL A 85 -7.78 5.48 2.11
CA VAL A 85 -6.98 4.25 2.08
C VAL A 85 -7.55 3.19 3.03
N PRO A 86 -8.04 2.08 2.46
CA PRO A 86 -8.72 1.02 3.21
C PRO A 86 -7.95 0.58 4.44
N PHE A 87 -6.86 -0.11 4.19
CA PHE A 87 -6.06 -0.70 5.25
C PHE A 87 -5.39 0.34 6.12
N CYS A 88 -5.39 1.60 5.71
CA CYS A 88 -4.76 2.64 6.51
C CYS A 88 -5.51 2.76 7.80
N LEU A 89 -6.83 2.85 7.70
CA LEU A 89 -7.65 3.03 8.88
C LEU A 89 -7.71 1.75 9.70
N ASN A 90 -7.62 0.61 9.04
CA ASN A 90 -7.59 -0.66 9.76
C ASN A 90 -6.29 -0.76 10.56
N ILE A 91 -5.19 -0.47 9.88
CA ILE A 91 -3.86 -0.52 10.47
C ILE A 91 -3.67 0.59 11.51
N LYS A 92 -3.79 1.82 11.03
CA LYS A 92 -3.47 3.00 11.82
C LYS A 92 -4.27 3.04 13.13
N GLN A 93 -5.56 2.67 13.06
CA GLN A 93 -6.38 2.61 14.27
C GLN A 93 -5.90 1.51 15.21
N LYS A 94 -5.64 0.32 14.69
CA LYS A 94 -5.26 -0.80 15.52
C LYS A 94 -3.83 -0.65 16.05
N GLY A 95 -2.87 -0.47 15.13
CA GLY A 95 -1.49 -0.24 15.52
C GLY A 95 -0.79 -1.48 16.08
N SER A 96 -1.51 -2.30 16.81
CA SER A 96 -0.93 -3.45 17.49
C SER A 96 -0.78 -4.64 16.53
N GLU A 97 -1.55 -4.60 15.45
CA GLU A 97 -1.58 -5.68 14.44
C GLU A 97 -0.18 -6.12 13.98
N PHE A 98 0.58 -5.19 13.42
CA PHE A 98 1.93 -5.50 12.93
C PHE A 98 2.85 -6.03 14.04
N PRO A 99 3.02 -5.29 15.17
CA PRO A 99 3.85 -5.76 16.28
C PRO A 99 3.45 -7.14 16.80
N ALA A 100 2.23 -7.27 17.31
CA ALA A 100 1.77 -8.53 17.87
C ALA A 100 0.25 -8.67 17.73
N GLY A 101 -0.23 -8.52 16.52
CA GLY A 101 -1.66 -8.62 16.28
C GLY A 101 -2.12 -10.05 16.21
N ASN A 102 -1.26 -10.92 15.68
CA ASN A 102 -1.59 -12.34 15.57
C ASN A 102 -1.16 -13.05 16.86
N GLY B 1 7.35 -9.20 11.64
CA GLY B 1 8.08 -8.05 12.22
C GLY B 1 8.25 -6.92 11.22
N MET B 2 7.89 -5.71 11.64
CA MET B 2 8.02 -4.51 10.81
C MET B 2 7.15 -4.58 9.56
N TYR B 3 7.40 -3.66 8.64
CA TYR B 3 6.67 -3.60 7.39
C TYR B 3 6.93 -4.85 6.56
N PRO B 4 5.86 -5.52 6.10
CA PRO B 4 5.96 -6.75 5.30
C PRO B 4 6.56 -6.47 3.92
N ASP B 5 7.02 -7.53 3.27
CA ASP B 5 7.56 -7.41 1.92
C ASP B 5 6.43 -7.20 0.93
N PRO B 6 6.31 -5.98 0.40
CA PRO B 6 5.17 -5.55 -0.40
C PRO B 6 5.25 -6.00 -1.84
N GLY B 7 4.89 -7.23 -2.06
CA GLY B 7 4.87 -7.79 -3.40
C GLY B 7 3.88 -7.11 -4.33
N LEU B 8 3.02 -6.24 -3.80
CA LEU B 8 2.02 -5.58 -4.62
C LEU B 8 2.64 -4.58 -5.58
N LEU B 9 3.77 -4.00 -5.22
CA LEU B 9 4.44 -3.03 -6.09
C LEU B 9 5.17 -3.76 -7.22
N SER B 10 5.33 -5.07 -7.05
CA SER B 10 5.80 -5.92 -8.11
C SER B 10 4.60 -6.43 -8.91
N TYR B 11 3.50 -6.67 -8.19
CA TYR B 11 2.24 -7.13 -8.77
C TYR B 11 1.68 -6.06 -9.72
N ILE B 12 1.84 -4.80 -9.33
CA ILE B 12 1.38 -3.69 -10.15
C ILE B 12 2.52 -2.77 -10.52
N ASN B 13 2.87 -2.76 -11.79
CA ASN B 13 3.87 -1.84 -12.31
C ASN B 13 3.22 -0.93 -13.34
N GLU B 14 3.67 0.32 -13.37
CA GLU B 14 3.12 1.30 -14.29
C GLU B 14 4.22 1.83 -15.22
N LEU B 15 4.29 1.24 -16.40
CA LEU B 15 5.32 1.61 -17.37
C LEU B 15 4.78 2.62 -18.37
N CYS B 16 4.36 3.77 -17.87
CA CYS B 16 3.80 4.81 -18.71
C CYS B 16 4.88 5.82 -19.09
ZN ZN C . -7.45 -10.46 0.15
ZN ZN D . -6.93 7.84 -11.05
ZN ZN E . -4.24 7.17 5.33
N SER A 1 23.47 4.84 2.94
CA SER A 1 23.12 5.30 4.30
C SER A 1 23.04 6.83 4.35
N GLY A 2 24.13 7.50 4.01
CA GLY A 2 24.16 8.94 4.04
C GLY A 2 25.40 9.50 3.36
N GLY A 3 25.26 9.88 2.10
CA GLY A 3 26.37 10.42 1.35
C GLY A 3 26.27 10.11 -0.13
N ARG A 4 27.40 10.11 -0.82
CA ARG A 4 27.42 9.82 -2.24
C ARG A 4 27.75 8.35 -2.48
N ALA A 5 27.02 7.48 -1.82
CA ALA A 5 27.21 6.05 -1.96
C ALA A 5 26.09 5.43 -2.78
N THR A 6 26.28 4.21 -3.23
CA THR A 6 25.28 3.50 -4.01
C THR A 6 24.02 3.26 -3.19
N GLN A 7 22.87 3.54 -3.79
CA GLN A 7 21.59 3.33 -3.12
C GLN A 7 21.39 1.86 -2.85
N SER A 8 20.98 1.55 -1.63
CA SER A 8 20.85 0.17 -1.20
C SER A 8 19.48 -0.40 -1.56
N PRO A 9 19.35 -1.74 -1.62
CA PRO A 9 18.10 -2.40 -1.98
C PRO A 9 16.91 -1.85 -1.21
N GLY A 10 17.07 -1.71 0.10
CA GLY A 10 16.02 -1.18 0.95
C GLY A 10 15.51 0.14 0.47
N ASP A 11 16.42 1.01 0.09
CA ASP A 11 16.08 2.37 -0.31
C ASP A 11 15.41 2.38 -1.70
N SER A 12 15.84 1.48 -2.56
CA SER A 12 15.28 1.38 -3.89
C SER A 12 13.91 0.71 -3.83
N ARG A 13 13.77 -0.18 -2.86
CA ARG A 13 12.52 -0.85 -2.62
C ARG A 13 11.55 0.14 -1.97
N ARG A 14 12.07 0.92 -1.02
CA ARG A 14 11.30 1.95 -0.35
C ARG A 14 10.85 3.02 -1.35
N LEU A 15 11.63 3.18 -2.41
CA LEU A 15 11.35 4.14 -3.46
C LEU A 15 10.15 3.66 -4.27
N SER A 16 10.12 2.36 -4.54
CA SER A 16 9.01 1.75 -5.24
C SER A 16 7.78 1.72 -4.32
N ILE A 17 8.05 1.63 -3.02
CA ILE A 17 7.00 1.68 -2.03
C ILE A 17 6.26 3.01 -2.09
N GLN A 18 7.00 4.12 -1.99
CA GLN A 18 6.38 5.43 -2.03
C GLN A 18 5.62 5.63 -3.33
N ARG A 19 6.06 4.97 -4.38
CA ARG A 19 5.36 4.97 -5.65
C ARG A 19 4.00 4.28 -5.50
N ALA A 20 3.97 3.12 -4.84
CA ALA A 20 2.71 2.40 -4.67
C ALA A 20 1.97 2.92 -3.45
N ILE A 21 2.64 3.74 -2.66
CA ILE A 21 2.01 4.44 -1.58
C ILE A 21 0.98 5.38 -2.16
N GLN A 22 1.45 6.16 -3.10
CA GLN A 22 0.62 7.09 -3.80
C GLN A 22 -0.42 6.34 -4.63
N SER A 23 -0.03 5.16 -5.12
CA SER A 23 -0.92 4.33 -5.94
C SER A 23 -2.15 3.93 -5.13
N LEU A 24 -1.91 3.50 -3.88
CA LEU A 24 -2.96 3.03 -3.00
C LEU A 24 -3.90 4.16 -2.64
N VAL A 25 -3.33 5.29 -2.25
CA VAL A 25 -4.14 6.43 -1.87
C VAL A 25 -4.93 6.95 -3.06
N HIS A 26 -4.28 7.06 -4.21
CA HIS A 26 -4.95 7.51 -5.42
C HIS A 26 -6.18 6.68 -5.67
N ALA A 27 -6.03 5.37 -5.60
CA ALA A 27 -7.15 4.47 -5.85
C ALA A 27 -8.21 4.63 -4.77
N ALA A 28 -7.75 4.78 -3.54
CA ALA A 28 -8.63 4.88 -2.39
C ALA A 28 -9.48 6.15 -2.44
N GLN A 29 -8.97 7.20 -3.08
CA GLN A 29 -9.68 8.47 -3.08
C GLN A 29 -9.99 8.97 -4.49
N CYS A 30 -9.73 8.16 -5.51
CA CYS A 30 -9.94 8.61 -6.87
C CYS A 30 -11.42 8.82 -7.15
N ARG A 31 -11.83 10.08 -7.15
CA ARG A 31 -13.23 10.42 -7.39
C ARG A 31 -13.57 10.28 -8.86
N ASN A 32 -12.56 10.41 -9.71
CA ASN A 32 -12.76 10.38 -11.15
C ASN A 32 -13.07 8.97 -11.62
N ALA A 33 -14.33 8.73 -11.93
CA ALA A 33 -14.77 7.42 -12.43
C ALA A 33 -14.15 7.11 -13.78
N ASN A 34 -13.93 8.16 -14.57
CA ASN A 34 -13.43 8.00 -15.92
C ASN A 34 -11.92 7.82 -15.95
N CYS A 35 -11.24 8.17 -14.84
CA CYS A 35 -9.81 7.93 -14.71
C CYS A 35 -9.51 6.45 -14.88
N SER A 36 -9.04 6.09 -16.06
CA SER A 36 -8.74 4.72 -16.38
C SER A 36 -7.22 4.53 -16.38
N LEU A 37 -6.53 5.34 -15.59
CA LEU A 37 -5.10 5.24 -15.44
C LEU A 37 -4.73 3.83 -15.00
N PRO A 38 -3.77 3.18 -15.69
CA PRO A 38 -3.50 1.74 -15.53
C PRO A 38 -3.31 1.31 -14.08
N SER A 39 -2.51 2.06 -13.34
CA SER A 39 -2.24 1.74 -11.94
C SER A 39 -3.48 2.01 -11.09
N CYS A 40 -4.31 2.96 -11.52
CA CYS A 40 -5.54 3.29 -10.81
C CYS A 40 -6.52 2.13 -10.88
N GLN A 41 -6.70 1.62 -12.08
CA GLN A 41 -7.63 0.52 -12.31
C GLN A 41 -7.19 -0.70 -11.51
N LYS A 42 -5.89 -0.89 -11.42
CA LYS A 42 -5.35 -2.03 -10.72
C LYS A 42 -5.36 -1.80 -9.22
N MET A 43 -4.96 -0.62 -8.78
CA MET A 43 -5.03 -0.28 -7.37
C MET A 43 -6.48 -0.27 -6.89
N LYS A 44 -7.38 0.18 -7.72
CA LYS A 44 -8.77 0.22 -7.31
C LYS A 44 -9.33 -1.21 -7.25
N ARG A 45 -8.71 -2.10 -8.01
CA ARG A 45 -9.11 -3.49 -7.97
C ARG A 45 -8.49 -4.19 -6.76
N VAL A 46 -7.21 -3.91 -6.45
CA VAL A 46 -6.61 -4.45 -5.23
C VAL A 46 -7.41 -3.97 -4.01
N VAL A 47 -7.74 -2.68 -3.99
CA VAL A 47 -8.47 -2.07 -2.88
C VAL A 47 -9.86 -2.66 -2.72
N GLN A 48 -10.66 -2.60 -3.78
CA GLN A 48 -12.05 -3.05 -3.73
C GLN A 48 -12.14 -4.53 -3.38
N HIS A 49 -11.05 -5.25 -3.56
CA HIS A 49 -11.02 -6.65 -3.22
C HIS A 49 -10.90 -6.83 -1.71
N THR A 50 -10.05 -6.03 -1.08
CA THR A 50 -9.88 -6.11 0.37
C THR A 50 -11.22 -5.90 1.08
N LYS A 51 -12.07 -5.13 0.43
CA LYS A 51 -13.42 -4.86 0.91
C LYS A 51 -14.20 -6.14 1.16
N GLY A 52 -14.09 -7.08 0.22
CA GLY A 52 -14.88 -8.30 0.32
C GLY A 52 -14.06 -9.53 0.67
N CYS A 53 -12.90 -9.34 1.26
CA CYS A 53 -12.03 -10.46 1.59
C CYS A 53 -12.21 -10.88 3.05
N LYS A 54 -11.94 -12.15 3.32
CA LYS A 54 -12.03 -12.70 4.67
C LYS A 54 -10.71 -13.36 5.08
N ARG A 55 -9.95 -13.81 4.08
CA ARG A 55 -8.66 -14.44 4.31
C ARG A 55 -7.54 -13.41 4.30
N LYS A 56 -7.93 -12.14 4.35
CA LYS A 56 -6.98 -11.01 4.35
C LYS A 56 -5.73 -11.27 5.18
N THR A 57 -5.90 -11.37 6.48
CA THR A 57 -4.75 -11.36 7.38
C THR A 57 -4.50 -12.69 8.10
N ASN A 58 -5.34 -13.69 7.88
CA ASN A 58 -5.18 -14.97 8.57
C ASN A 58 -4.12 -15.84 7.86
N GLY A 59 -3.23 -15.19 7.12
CA GLY A 59 -2.18 -15.90 6.41
C GLY A 59 -2.72 -16.68 5.23
N GLY A 60 -3.60 -16.05 4.47
CA GLY A 60 -4.26 -16.74 3.37
C GLY A 60 -4.17 -15.97 2.06
N CYS A 61 -4.68 -14.75 2.05
CA CYS A 61 -4.71 -13.96 0.84
C CYS A 61 -3.43 -13.15 0.63
N PRO A 62 -2.94 -13.11 -0.61
CA PRO A 62 -1.77 -12.31 -0.98
C PRO A 62 -2.07 -10.81 -1.11
N ILE A 63 -3.01 -10.43 -1.97
CA ILE A 63 -3.27 -9.01 -2.27
C ILE A 63 -3.39 -8.16 -1.01
N CYS A 64 -4.22 -8.62 -0.10
CA CYS A 64 -4.51 -7.88 1.11
C CYS A 64 -3.30 -7.80 2.03
N LYS A 65 -2.37 -8.70 1.82
CA LYS A 65 -1.12 -8.70 2.57
C LYS A 65 -0.28 -7.51 2.15
N GLN A 66 -0.03 -7.42 0.86
CA GLN A 66 0.81 -6.37 0.32
C GLN A 66 0.11 -5.02 0.33
N LEU A 67 -1.22 -5.01 0.22
CA LEU A 67 -1.97 -3.77 0.37
C LEU A 67 -1.83 -3.24 1.78
N ILE A 68 -1.73 -4.16 2.73
CA ILE A 68 -1.51 -3.81 4.11
C ILE A 68 -0.15 -3.13 4.27
N ALA A 69 0.84 -3.65 3.57
CA ALA A 69 2.18 -3.10 3.65
C ALA A 69 2.17 -1.61 3.31
N LEU A 70 1.72 -1.30 2.08
CA LEU A 70 1.66 0.09 1.63
C LEU A 70 0.89 0.98 2.59
N ALA A 71 -0.30 0.54 2.98
CA ALA A 71 -1.14 1.34 3.85
C ALA A 71 -0.51 1.55 5.22
N ALA A 72 0.50 0.76 5.57
CA ALA A 72 1.18 0.89 6.85
C ALA A 72 2.24 1.99 6.81
N TYR A 73 3.08 2.00 5.78
CA TYR A 73 4.05 3.10 5.59
C TYR A 73 3.26 4.39 5.61
N HIS A 74 2.27 4.38 4.75
CA HIS A 74 1.39 5.49 4.55
C HIS A 74 0.65 5.83 5.85
N ALA A 75 0.30 4.82 6.65
CA ALA A 75 -0.46 5.02 7.89
C ALA A 75 0.28 5.95 8.83
N LYS A 76 1.58 5.73 8.95
CA LYS A 76 2.40 6.46 9.90
C LYS A 76 2.70 7.87 9.38
N HIS A 77 2.47 8.07 8.09
CA HIS A 77 2.62 9.39 7.50
C HIS A 77 1.24 9.97 7.14
N CYS A 78 0.21 9.49 7.82
CA CYS A 78 -1.15 9.91 7.53
C CYS A 78 -1.85 10.41 8.78
N GLN A 79 -2.26 11.67 8.74
CA GLN A 79 -2.88 12.30 9.90
C GLN A 79 -4.39 12.03 9.93
N GLU A 80 -4.97 11.82 8.76
CA GLU A 80 -6.43 11.64 8.64
C GLU A 80 -6.93 10.44 9.43
N ASN A 81 -8.00 10.67 10.19
CA ASN A 81 -8.67 9.61 10.93
C ASN A 81 -9.65 8.88 10.03
N LYS A 82 -10.29 9.62 9.13
CA LYS A 82 -11.19 9.04 8.19
C LYS A 82 -10.57 9.13 6.78
N CYS A 83 -9.43 8.48 6.68
CA CYS A 83 -8.70 8.33 5.43
C CYS A 83 -9.46 7.45 4.42
N PRO A 84 -9.25 7.69 3.12
CA PRO A 84 -9.78 6.83 2.05
C PRO A 84 -9.08 5.46 2.01
N VAL A 85 -7.76 5.44 2.21
CA VAL A 85 -6.99 4.20 2.19
C VAL A 85 -7.58 3.17 3.17
N PRO A 86 -8.07 2.05 2.60
CA PRO A 86 -8.75 0.99 3.36
C PRO A 86 -7.95 0.47 4.54
N PHE A 87 -6.80 -0.11 4.23
CA PHE A 87 -5.98 -0.73 5.24
C PHE A 87 -5.30 0.30 6.13
N CYS A 88 -5.35 1.57 5.75
CA CYS A 88 -4.72 2.60 6.56
C CYS A 88 -5.44 2.70 7.87
N LEU A 89 -6.75 2.82 7.80
CA LEU A 89 -7.56 2.96 8.99
C LEU A 89 -7.60 1.67 9.79
N ASN A 90 -7.50 0.53 9.11
CA ASN A 90 -7.44 -0.74 9.83
C ASN A 90 -6.12 -0.85 10.57
N ILE A 91 -5.03 -0.56 9.88
CA ILE A 91 -3.69 -0.61 10.47
C ILE A 91 -3.48 0.46 11.51
N LYS A 92 -3.67 1.71 11.10
CA LYS A 92 -3.37 2.87 11.92
C LYS A 92 -4.15 2.85 13.24
N GLN A 93 -5.42 2.40 13.19
CA GLN A 93 -6.20 2.25 14.42
C GLN A 93 -5.65 1.11 15.28
N LYS A 94 -5.24 0.01 14.67
CA LYS A 94 -4.69 -1.12 15.41
C LYS A 94 -3.36 -0.73 16.06
N GLY A 95 -2.42 -0.29 15.22
CA GLY A 95 -1.12 0.17 15.71
C GLY A 95 -0.21 -0.93 16.22
N SER A 96 -0.78 -1.93 16.87
CA SER A 96 -0.01 -2.98 17.50
C SER A 96 0.35 -4.11 16.53
N GLU A 97 -0.42 -4.23 15.44
CA GLU A 97 -0.32 -5.34 14.49
C GLU A 97 1.12 -5.73 14.15
N PHE A 98 1.89 -4.79 13.62
CA PHE A 98 3.27 -5.08 13.23
C PHE A 98 4.22 -5.11 14.43
N PRO A 99 4.30 -4.03 15.25
CA PRO A 99 5.23 -3.96 16.39
C PRO A 99 5.03 -5.11 17.39
N ALA A 100 3.78 -5.45 17.65
CA ALA A 100 3.46 -6.53 18.56
C ALA A 100 2.52 -7.52 17.89
N GLY A 101 3.08 -8.31 16.98
CA GLY A 101 2.28 -9.25 16.22
C GLY A 101 1.89 -10.47 17.03
N ASN A 102 0.95 -10.30 17.93
CA ASN A 102 0.44 -11.40 18.73
C ASN A 102 -1.08 -11.32 18.80
N GLY B 1 12.45 0.39 5.17
CA GLY B 1 11.00 0.27 4.85
C GLY B 1 10.30 -0.71 5.77
N MET B 2 10.91 -1.88 5.97
CA MET B 2 10.35 -2.94 6.82
C MET B 2 9.06 -3.48 6.22
N TYR B 3 8.32 -4.20 7.05
CA TYR B 3 7.02 -4.77 6.66
C TYR B 3 7.18 -5.97 5.74
N PRO B 4 6.49 -7.07 6.06
CA PRO B 4 6.64 -8.34 5.36
C PRO B 4 6.09 -8.35 3.93
N ASP B 5 7.00 -8.19 2.96
CA ASP B 5 6.69 -8.38 1.53
C ASP B 5 5.58 -7.49 1.02
N PRO B 6 5.93 -6.28 0.57
CA PRO B 6 4.99 -5.40 -0.12
C PRO B 6 4.97 -5.66 -1.63
N GLY B 7 4.70 -6.89 -1.98
CA GLY B 7 4.71 -7.32 -3.38
C GLY B 7 3.62 -6.69 -4.23
N LEU B 8 2.95 -5.66 -3.73
CA LEU B 8 1.93 -4.96 -4.51
C LEU B 8 2.60 -3.98 -5.48
N LEU B 9 3.76 -3.43 -5.10
CA LEU B 9 4.45 -2.48 -5.96
C LEU B 9 5.08 -3.19 -7.17
N SER B 10 5.33 -4.48 -7.01
CA SER B 10 5.79 -5.30 -8.13
C SER B 10 4.59 -5.89 -8.87
N TYR B 11 3.48 -6.03 -8.16
CA TYR B 11 2.23 -6.51 -8.72
C TYR B 11 1.66 -5.48 -9.69
N ILE B 12 1.80 -4.22 -9.34
CA ILE B 12 1.33 -3.14 -10.19
C ILE B 12 2.48 -2.23 -10.61
N ASN B 13 3.24 -2.70 -11.58
CA ASN B 13 4.31 -1.91 -12.16
C ASN B 13 4.03 -1.74 -13.64
N GLU B 14 4.67 -0.75 -14.26
CA GLU B 14 4.52 -0.51 -15.68
C GLU B 14 5.20 -1.61 -16.47
N LEU B 15 4.47 -2.69 -16.69
CA LEU B 15 5.00 -3.87 -17.35
C LEU B 15 4.26 -4.11 -18.66
N CYS B 16 4.58 -5.21 -19.32
CA CYS B 16 3.95 -5.56 -20.59
C CYS B 16 2.50 -5.98 -20.36
ZN ZN C . -7.71 -10.42 0.04
ZN ZN D . -7.73 7.29 -10.76
ZN ZN E . -4.25 7.14 5.35
N SER A 1 21.48 16.43 3.42
CA SER A 1 22.33 16.83 2.29
C SER A 1 23.77 17.05 2.75
N GLY A 2 24.66 16.13 2.38
CA GLY A 2 26.05 16.26 2.78
C GLY A 2 26.94 15.29 2.05
N GLY A 3 27.43 15.69 0.89
CA GLY A 3 28.36 14.85 0.14
C GLY A 3 27.69 14.14 -1.02
N ARG A 4 27.95 12.84 -1.14
CA ARG A 4 27.40 12.05 -2.23
C ARG A 4 26.25 11.20 -1.73
N ALA A 5 25.20 11.09 -2.54
CA ALA A 5 24.03 10.31 -2.18
C ALA A 5 23.72 9.26 -3.25
N THR A 6 24.04 8.01 -2.96
CA THR A 6 23.79 6.93 -3.89
C THR A 6 22.50 6.19 -3.53
N GLN A 7 21.85 5.57 -4.51
CA GLN A 7 20.64 4.82 -4.26
C GLN A 7 20.94 3.37 -3.96
N SER A 8 20.74 2.97 -2.71
CA SER A 8 20.83 1.58 -2.33
C SER A 8 19.54 0.87 -2.72
N PRO A 9 19.54 -0.47 -2.81
CA PRO A 9 18.34 -1.23 -3.15
C PRO A 9 17.15 -0.82 -2.29
N GLY A 10 17.37 -0.74 -0.98
CA GLY A 10 16.33 -0.33 -0.05
C GLY A 10 15.73 1.01 -0.40
N ASP A 11 16.57 1.94 -0.82
CA ASP A 11 16.16 3.30 -1.16
C ASP A 11 15.24 3.30 -2.38
N SER A 12 15.59 2.50 -3.37
CA SER A 12 14.89 2.50 -4.63
C SER A 12 13.64 1.64 -4.53
N ARG A 13 13.73 0.64 -3.67
CA ARG A 13 12.64 -0.23 -3.38
C ARG A 13 11.55 0.55 -2.64
N ARG A 14 11.98 1.31 -1.64
CA ARG A 14 11.09 2.17 -0.88
C ARG A 14 10.43 3.21 -1.79
N LEU A 15 11.14 3.58 -2.85
CA LEU A 15 10.62 4.50 -3.83
C LEU A 15 9.44 3.88 -4.58
N SER A 16 9.54 2.60 -4.91
CA SER A 16 8.44 1.89 -5.53
C SER A 16 7.32 1.69 -4.53
N ILE A 17 7.69 1.62 -3.26
CA ILE A 17 6.73 1.56 -2.18
C ILE A 17 5.90 2.83 -2.15
N GLN A 18 6.56 3.98 -2.03
CA GLN A 18 5.87 5.26 -1.98
C GLN A 18 5.02 5.47 -3.22
N ARG A 19 5.47 4.91 -4.33
CA ARG A 19 4.72 5.01 -5.57
C ARG A 19 3.49 4.11 -5.53
N ALA A 20 3.61 2.92 -4.95
CA ALA A 20 2.46 2.05 -4.79
C ALA A 20 1.59 2.55 -3.65
N ILE A 21 2.21 3.36 -2.79
CA ILE A 21 1.53 4.00 -1.69
C ILE A 21 0.60 5.06 -2.19
N GLN A 22 1.15 5.98 -2.96
CA GLN A 22 0.38 7.04 -3.52
C GLN A 22 -0.66 6.46 -4.46
N SER A 23 -0.31 5.33 -5.05
CA SER A 23 -1.23 4.56 -5.89
C SER A 23 -2.40 4.04 -5.07
N LEU A 24 -2.07 3.56 -3.87
CA LEU A 24 -3.07 3.04 -2.95
C LEU A 24 -4.03 4.14 -2.53
N VAL A 25 -3.49 5.29 -2.18
CA VAL A 25 -4.30 6.41 -1.77
C VAL A 25 -5.13 6.91 -2.93
N HIS A 26 -4.48 7.08 -4.07
CA HIS A 26 -5.16 7.51 -5.28
C HIS A 26 -6.37 6.64 -5.56
N ALA A 27 -6.17 5.33 -5.53
CA ALA A 27 -7.25 4.40 -5.82
C ALA A 27 -8.30 4.44 -4.73
N ALA A 28 -7.86 4.72 -3.52
CA ALA A 28 -8.74 4.78 -2.37
C ALA A 28 -9.63 6.01 -2.40
N GLN A 29 -9.16 7.10 -3.00
CA GLN A 29 -9.91 8.34 -3.01
C GLN A 29 -10.25 8.81 -4.42
N CYS A 30 -9.98 7.99 -5.43
CA CYS A 30 -10.24 8.41 -6.80
C CYS A 30 -11.74 8.45 -7.07
N ARG A 31 -12.29 9.65 -7.12
CA ARG A 31 -13.71 9.84 -7.36
C ARG A 31 -14.02 9.84 -8.85
N ASN A 32 -12.98 9.94 -9.67
CA ASN A 32 -13.13 9.98 -11.12
C ASN A 32 -13.36 8.58 -11.66
N ALA A 33 -14.59 8.31 -12.08
CA ALA A 33 -14.94 7.00 -12.63
C ALA A 33 -14.27 6.76 -13.98
N ASN A 34 -13.95 7.85 -14.66
CA ASN A 34 -13.40 7.78 -16.00
C ASN A 34 -11.89 7.61 -15.97
N CYS A 35 -11.27 8.06 -14.87
CA CYS A 35 -9.82 7.95 -14.69
C CYS A 35 -9.36 6.50 -14.85
N SER A 36 -8.79 6.22 -16.01
CA SER A 36 -8.34 4.89 -16.34
C SER A 36 -6.82 4.83 -16.32
N LEU A 37 -6.22 5.67 -15.48
CA LEU A 37 -4.79 5.66 -15.27
C LEU A 37 -4.37 4.25 -14.85
N PRO A 38 -3.29 3.71 -15.46
CA PRO A 38 -2.91 2.30 -15.31
C PRO A 38 -2.86 1.83 -13.85
N SER A 39 -2.13 2.57 -13.02
CA SER A 39 -1.98 2.21 -11.63
C SER A 39 -3.32 2.35 -10.89
N CYS A 40 -4.14 3.29 -11.34
CA CYS A 40 -5.43 3.53 -10.70
C CYS A 40 -6.33 2.32 -10.82
N GLN A 41 -6.41 1.79 -12.03
CA GLN A 41 -7.28 0.68 -12.33
C GLN A 41 -6.85 -0.56 -11.55
N LYS A 42 -5.55 -0.77 -11.49
CA LYS A 42 -5.01 -1.95 -10.82
C LYS A 42 -5.12 -1.80 -9.31
N MET A 43 -4.72 -0.65 -8.79
CA MET A 43 -4.87 -0.34 -7.39
C MET A 43 -6.32 -0.37 -6.95
N LYS A 44 -7.20 0.14 -7.78
CA LYS A 44 -8.61 0.17 -7.42
C LYS A 44 -9.12 -1.26 -7.29
N ARG A 45 -8.53 -2.15 -8.08
CA ARG A 45 -8.92 -3.54 -8.05
C ARG A 45 -8.31 -4.25 -6.84
N VAL A 46 -7.04 -3.95 -6.50
CA VAL A 46 -6.45 -4.51 -5.29
C VAL A 46 -7.25 -4.06 -4.07
N VAL A 47 -7.59 -2.77 -4.03
CA VAL A 47 -8.30 -2.17 -2.91
C VAL A 47 -9.69 -2.78 -2.75
N GLN A 48 -10.47 -2.73 -3.84
CA GLN A 48 -11.86 -3.18 -3.80
C GLN A 48 -11.93 -4.66 -3.44
N HIS A 49 -10.85 -5.39 -3.66
CA HIS A 49 -10.82 -6.79 -3.30
C HIS A 49 -10.74 -6.94 -1.79
N THR A 50 -9.90 -6.13 -1.15
CA THR A 50 -9.75 -6.18 0.31
C THR A 50 -11.07 -5.99 1.02
N LYS A 51 -11.96 -5.22 0.38
CA LYS A 51 -13.29 -4.95 0.90
C LYS A 51 -14.09 -6.23 1.02
N GLY A 52 -13.94 -7.10 0.04
CA GLY A 52 -14.71 -8.34 0.03
C GLY A 52 -13.88 -9.56 0.40
N CYS A 53 -12.78 -9.36 1.09
CA CYS A 53 -11.91 -10.46 1.48
C CYS A 53 -12.17 -10.89 2.92
N LYS A 54 -11.98 -12.17 3.19
CA LYS A 54 -12.17 -12.73 4.53
C LYS A 54 -10.88 -13.35 5.04
N ARG A 55 -10.02 -13.76 4.11
CA ARG A 55 -8.74 -14.36 4.45
C ARG A 55 -7.65 -13.31 4.51
N LYS A 56 -8.05 -12.04 4.45
CA LYS A 56 -7.14 -10.91 4.42
C LYS A 56 -5.98 -11.05 5.41
N THR A 57 -6.28 -10.99 6.69
CA THR A 57 -5.25 -10.90 7.70
C THR A 57 -5.03 -12.20 8.48
N ASN A 58 -5.88 -13.21 8.25
CA ASN A 58 -5.76 -14.48 8.96
C ASN A 58 -4.70 -15.39 8.32
N GLY A 59 -3.62 -14.80 7.84
CA GLY A 59 -2.51 -15.57 7.29
C GLY A 59 -2.89 -16.34 6.04
N GLY A 60 -3.74 -15.75 5.22
CA GLY A 60 -4.20 -16.42 4.03
C GLY A 60 -3.95 -15.63 2.76
N CYS A 61 -4.48 -14.41 2.73
CA CYS A 61 -4.36 -13.57 1.54
C CYS A 61 -2.97 -12.95 1.38
N PRO A 62 -2.41 -13.03 0.16
CA PRO A 62 -1.21 -12.31 -0.22
C PRO A 62 -1.50 -10.85 -0.60
N ILE A 63 -2.53 -10.63 -1.43
CA ILE A 63 -2.91 -9.28 -1.87
C ILE A 63 -3.13 -8.35 -0.70
N CYS A 64 -3.98 -8.77 0.22
CA CYS A 64 -4.34 -7.93 1.35
C CYS A 64 -3.19 -7.81 2.34
N LYS A 65 -2.26 -8.75 2.28
CA LYS A 65 -1.04 -8.66 3.07
C LYS A 65 -0.22 -7.48 2.59
N GLN A 66 -0.01 -7.45 1.28
CA GLN A 66 0.84 -6.43 0.68
C GLN A 66 0.16 -5.07 0.68
N LEU A 67 -1.15 -5.06 0.46
CA LEU A 67 -1.92 -3.82 0.54
C LEU A 67 -1.84 -3.26 1.95
N ILE A 68 -1.76 -4.15 2.92
CA ILE A 68 -1.53 -3.75 4.30
C ILE A 68 -0.20 -3.07 4.41
N ALA A 69 0.83 -3.68 3.82
CA ALA A 69 2.17 -3.13 3.89
C ALA A 69 2.19 -1.69 3.41
N LEU A 70 1.74 -1.46 2.17
CA LEU A 70 1.71 -0.12 1.59
C LEU A 70 0.96 0.86 2.49
N ALA A 71 -0.22 0.46 2.96
CA ALA A 71 -1.04 1.31 3.80
C ALA A 71 -0.38 1.58 5.15
N ALA A 72 0.57 0.73 5.53
CA ALA A 72 1.23 0.86 6.82
C ALA A 72 2.36 1.90 6.80
N TYR A 73 3.18 1.87 5.74
CA TYR A 73 4.20 2.93 5.56
C TYR A 73 3.46 4.25 5.61
N HIS A 74 2.44 4.28 4.78
CA HIS A 74 1.54 5.38 4.63
C HIS A 74 0.83 5.72 5.96
N ALA A 75 0.55 4.70 6.77
CA ALA A 75 -0.16 4.89 8.02
C ALA A 75 0.63 5.79 8.96
N LYS A 76 1.96 5.69 8.86
CA LYS A 76 2.84 6.52 9.69
C LYS A 76 3.00 7.90 9.07
N HIS A 77 2.75 7.99 7.77
CA HIS A 77 2.87 9.25 7.04
C HIS A 77 1.48 9.78 6.68
N CYS A 78 0.51 9.56 7.55
CA CYS A 78 -0.86 9.97 7.31
C CYS A 78 -1.44 10.66 8.54
N GLN A 79 -2.31 11.63 8.31
CA GLN A 79 -2.92 12.39 9.40
C GLN A 79 -4.40 12.05 9.52
N GLU A 80 -5.06 11.93 8.38
CA GLU A 80 -6.52 11.69 8.34
C GLU A 80 -6.92 10.44 9.11
N ASN A 81 -8.02 10.54 9.84
CA ASN A 81 -8.61 9.40 10.55
C ASN A 81 -9.70 8.74 9.71
N LYS A 82 -10.31 9.53 8.83
CA LYS A 82 -11.28 9.02 7.88
C LYS A 82 -10.65 8.92 6.50
N CYS A 83 -9.42 8.44 6.49
CA CYS A 83 -8.63 8.31 5.29
C CYS A 83 -9.27 7.40 4.24
N PRO A 84 -9.08 7.75 2.95
CA PRO A 84 -9.44 6.90 1.82
C PRO A 84 -8.93 5.48 1.96
N VAL A 85 -7.62 5.40 2.19
CA VAL A 85 -6.88 4.15 2.19
C VAL A 85 -7.49 3.13 3.15
N PRO A 86 -7.98 2.01 2.59
CA PRO A 86 -8.69 0.98 3.35
C PRO A 86 -7.91 0.51 4.57
N PHE A 87 -6.79 -0.14 4.29
CA PHE A 87 -5.97 -0.73 5.32
C PHE A 87 -5.28 0.30 6.19
N CYS A 88 -5.25 1.55 5.76
CA CYS A 88 -4.62 2.60 6.56
C CYS A 88 -5.36 2.70 7.86
N LEU A 89 -6.66 2.85 7.76
CA LEU A 89 -7.49 3.02 8.93
C LEU A 89 -7.49 1.77 9.80
N ASN A 90 -7.48 0.60 9.17
CA ASN A 90 -7.48 -0.64 9.95
C ASN A 90 -6.15 -0.77 10.69
N ILE A 91 -5.06 -0.58 9.96
CA ILE A 91 -3.72 -0.67 10.52
C ILE A 91 -3.50 0.40 11.57
N LYS A 92 -3.66 1.64 11.15
CA LYS A 92 -3.37 2.80 11.96
C LYS A 92 -4.17 2.78 13.28
N GLN A 93 -5.33 2.13 13.27
CA GLN A 93 -6.15 2.01 14.48
C GLN A 93 -5.59 0.96 15.45
N LYS A 94 -5.09 -0.16 14.92
CA LYS A 94 -4.53 -1.19 15.78
C LYS A 94 -3.07 -0.88 16.10
N GLY A 95 -2.24 -0.77 15.07
CA GLY A 95 -0.87 -0.29 15.21
C GLY A 95 0.05 -1.25 15.93
N SER A 96 -0.51 -2.12 16.76
CA SER A 96 0.29 -2.99 17.60
C SER A 96 0.54 -4.33 16.94
N GLU A 97 -0.53 -4.99 16.51
CA GLU A 97 -0.40 -6.34 16.02
C GLU A 97 -0.11 -6.38 14.53
N PHE A 98 -1.17 -6.41 13.74
CA PHE A 98 -1.11 -6.64 12.29
C PHE A 98 0.04 -7.58 11.88
N PRO A 99 -0.03 -8.87 12.28
CA PRO A 99 0.92 -9.89 11.81
C PRO A 99 0.77 -10.19 10.33
N ALA A 100 1.00 -9.18 9.49
CA ALA A 100 0.94 -9.34 8.05
C ALA A 100 2.26 -8.90 7.44
N GLY A 101 3.06 -9.87 7.04
CA GLY A 101 4.38 -9.58 6.52
C GLY A 101 5.32 -9.15 7.63
N ASN A 102 5.04 -9.61 8.84
CA ASN A 102 5.82 -9.25 10.01
C ASN A 102 6.45 -10.48 10.64
N GLY B 1 5.98 -0.88 13.75
CA GLY B 1 7.37 -0.55 13.37
C GLY B 1 7.55 -0.49 11.87
N MET B 2 8.58 -1.15 11.37
CA MET B 2 8.82 -1.21 9.94
C MET B 2 8.07 -2.40 9.34
N TYR B 3 7.36 -2.16 8.25
CA TYR B 3 6.60 -3.23 7.61
C TYR B 3 7.26 -3.61 6.28
N PRO B 4 7.92 -4.77 6.24
CA PRO B 4 8.60 -5.25 5.05
C PRO B 4 7.73 -6.19 4.20
N ASP B 5 8.31 -6.69 3.11
CA ASP B 5 7.66 -7.65 2.22
C ASP B 5 6.38 -7.09 1.59
N PRO B 6 6.50 -6.07 0.72
CA PRO B 6 5.36 -5.47 0.03
C PRO B 6 5.22 -5.98 -1.40
N GLY B 7 4.74 -7.19 -1.53
CA GLY B 7 4.59 -7.83 -2.83
C GLY B 7 3.51 -7.22 -3.72
N LEU B 8 3.02 -6.03 -3.38
CA LEU B 8 2.02 -5.36 -4.22
C LEU B 8 2.71 -4.49 -5.27
N LEU B 9 3.88 -3.96 -4.93
CA LEU B 9 4.61 -3.09 -5.87
C LEU B 9 5.37 -3.94 -6.89
N SER B 10 5.44 -5.23 -6.62
CA SER B 10 5.92 -6.19 -7.60
C SER B 10 4.75 -6.75 -8.40
N TYR B 11 3.63 -6.96 -7.71
CA TYR B 11 2.37 -7.36 -8.35
C TYR B 11 1.94 -6.31 -9.37
N ILE B 12 2.10 -5.05 -9.00
CA ILE B 12 1.80 -3.93 -9.88
C ILE B 12 2.99 -2.98 -9.91
N ASN B 13 3.78 -3.05 -10.98
CA ASN B 13 4.90 -2.13 -11.13
C ASN B 13 4.37 -0.72 -11.42
N GLU B 14 4.78 0.23 -10.59
CA GLU B 14 4.27 1.58 -10.67
C GLU B 14 5.22 2.45 -11.49
N LEU B 15 5.01 2.48 -12.79
CA LEU B 15 5.82 3.32 -13.67
C LEU B 15 4.93 4.16 -14.56
N CYS B 16 5.49 5.23 -15.12
CA CYS B 16 4.76 6.09 -16.02
C CYS B 16 5.66 6.49 -17.20
ZN ZN C . -7.52 -10.40 0.16
ZN ZN D . -7.88 7.35 -10.69
ZN ZN E . -4.12 7.15 5.41
N SER A 1 21.49 17.26 3.52
CA SER A 1 22.73 16.54 3.84
C SER A 1 22.53 15.03 3.69
N GLY A 2 22.90 14.50 2.54
CA GLY A 2 22.80 13.08 2.30
C GLY A 2 21.51 12.69 1.61
N GLY A 3 20.43 13.39 1.94
CA GLY A 3 19.15 13.10 1.35
C GLY A 3 18.51 11.86 1.95
N ARG A 4 18.92 10.70 1.46
CA ARG A 4 18.48 9.43 2.00
C ARG A 4 19.69 8.54 2.22
N ALA A 5 20.86 9.18 2.34
CA ALA A 5 22.14 8.48 2.42
C ALA A 5 22.40 7.74 1.11
N THR A 6 23.31 6.77 1.15
CA THR A 6 23.55 5.94 -0.02
C THR A 6 22.34 5.05 -0.29
N GLN A 7 21.98 4.90 -1.56
CA GLN A 7 20.79 4.15 -1.92
C GLN A 7 21.11 2.66 -2.01
N SER A 8 20.50 1.90 -1.12
CA SER A 8 20.62 0.46 -1.11
C SER A 8 19.44 -0.17 -1.85
N PRO A 9 19.45 -1.49 -2.10
CA PRO A 9 18.31 -2.18 -2.69
C PRO A 9 17.02 -1.89 -1.90
N GLY A 10 17.15 -1.91 -0.58
CA GLY A 10 16.04 -1.57 0.29
C GLY A 10 15.46 -0.20 -0.02
N ASP A 11 16.33 0.75 -0.26
CA ASP A 11 15.92 2.13 -0.52
C ASP A 11 15.20 2.24 -1.85
N SER A 12 15.62 1.42 -2.81
CA SER A 12 15.01 1.43 -4.13
C SER A 12 13.66 0.72 -4.09
N ARG A 13 13.57 -0.30 -3.25
CA ARG A 13 12.33 -1.00 -3.02
C ARG A 13 11.37 -0.10 -2.24
N ARG A 14 11.91 0.61 -1.27
CA ARG A 14 11.15 1.57 -0.48
C ARG A 14 10.65 2.71 -1.37
N LEU A 15 11.40 2.96 -2.43
CA LEU A 15 11.04 3.98 -3.42
C LEU A 15 9.83 3.51 -4.21
N SER A 16 9.80 2.22 -4.56
CA SER A 16 8.69 1.65 -5.28
C SER A 16 7.51 1.46 -4.33
N ILE A 17 7.82 1.41 -3.05
CA ILE A 17 6.80 1.38 -2.01
C ILE A 17 6.01 2.68 -2.01
N GLN A 18 6.71 3.80 -1.91
CA GLN A 18 6.04 5.10 -1.94
C GLN A 18 5.31 5.29 -3.27
N ARG A 19 5.83 4.64 -4.30
CA ARG A 19 5.17 4.58 -5.59
C ARG A 19 3.79 3.93 -5.45
N ALA A 20 3.73 2.74 -4.85
CA ALA A 20 2.46 2.04 -4.72
C ALA A 20 1.68 2.54 -3.50
N ILE A 21 2.35 3.31 -2.67
CA ILE A 21 1.70 4.00 -1.59
C ILE A 21 0.78 5.05 -2.15
N GLN A 22 1.36 5.89 -2.99
CA GLN A 22 0.62 6.92 -3.66
C GLN A 22 -0.47 6.28 -4.52
N SER A 23 -0.17 5.09 -5.03
CA SER A 23 -1.09 4.34 -5.86
C SER A 23 -2.32 3.95 -5.05
N LEU A 24 -2.06 3.48 -3.83
CA LEU A 24 -3.10 3.03 -2.91
C LEU A 24 -4.02 4.17 -2.55
N VAL A 25 -3.44 5.31 -2.18
CA VAL A 25 -4.24 6.45 -1.77
C VAL A 25 -5.05 6.96 -2.94
N HIS A 26 -4.40 7.09 -4.08
CA HIS A 26 -5.08 7.58 -5.26
C HIS A 26 -6.26 6.69 -5.56
N ALA A 27 -6.06 5.38 -5.55
CA ALA A 27 -7.15 4.44 -5.80
C ALA A 27 -8.24 4.59 -4.75
N ALA A 28 -7.82 4.74 -3.50
CA ALA A 28 -8.73 4.85 -2.39
C ALA A 28 -9.63 6.08 -2.52
N GLN A 29 -9.15 7.10 -3.21
CA GLN A 29 -9.94 8.31 -3.40
C GLN A 29 -10.08 8.71 -4.88
N CYS A 30 -9.85 7.79 -5.81
CA CYS A 30 -9.99 8.13 -7.24
C CYS A 30 -11.47 8.21 -7.60
N ARG A 31 -12.11 9.30 -7.18
CA ARG A 31 -13.54 9.49 -7.41
C ARG A 31 -13.79 9.92 -8.84
N ASN A 32 -12.73 10.31 -9.52
CA ASN A 32 -12.83 10.80 -10.88
C ASN A 32 -13.12 9.64 -11.83
N ALA A 33 -14.36 9.56 -12.29
CA ALA A 33 -14.75 8.52 -13.24
C ALA A 33 -14.06 8.74 -14.57
N ASN A 34 -13.64 9.98 -14.81
CA ASN A 34 -13.00 10.35 -16.06
C ASN A 34 -11.51 10.08 -16.00
N CYS A 35 -11.00 9.85 -14.79
CA CYS A 35 -9.62 9.45 -14.62
C CYS A 35 -9.43 8.07 -15.23
N SER A 36 -8.89 8.05 -16.44
CA SER A 36 -8.68 6.81 -17.17
C SER A 36 -7.31 6.25 -16.88
N LEU A 37 -6.80 6.64 -15.72
CA LEU A 37 -5.47 6.26 -15.30
C LEU A 37 -5.43 4.75 -14.99
N PRO A 38 -4.54 4.01 -15.67
CA PRO A 38 -4.47 2.54 -15.59
C PRO A 38 -4.18 2.02 -14.20
N SER A 39 -3.33 2.73 -13.47
CA SER A 39 -2.98 2.35 -12.10
C SER A 39 -4.20 2.44 -11.19
N CYS A 40 -5.10 3.39 -11.46
CA CYS A 40 -6.30 3.53 -10.65
C CYS A 40 -7.18 2.32 -10.85
N GLN A 41 -7.20 1.82 -12.07
CA GLN A 41 -7.97 0.64 -12.39
C GLN A 41 -7.43 -0.57 -11.62
N LYS A 42 -6.12 -0.73 -11.62
CA LYS A 42 -5.49 -1.87 -10.98
C LYS A 42 -5.49 -1.72 -9.46
N MET A 43 -5.10 -0.56 -8.97
CA MET A 43 -5.13 -0.28 -7.55
C MET A 43 -6.55 -0.32 -6.99
N LYS A 44 -7.54 0.05 -7.80
CA LYS A 44 -8.91 -0.06 -7.32
C LYS A 44 -9.28 -1.53 -7.18
N ARG A 45 -8.72 -2.35 -8.06
CA ARG A 45 -8.97 -3.78 -8.03
C ARG A 45 -8.41 -4.38 -6.75
N VAL A 46 -7.14 -4.09 -6.45
CA VAL A 46 -6.53 -4.56 -5.22
C VAL A 46 -7.35 -4.10 -4.01
N VAL A 47 -7.77 -2.83 -4.02
CA VAL A 47 -8.49 -2.25 -2.89
C VAL A 47 -9.88 -2.88 -2.72
N GLN A 48 -10.66 -2.86 -3.81
CA GLN A 48 -12.04 -3.35 -3.77
C GLN A 48 -12.08 -4.82 -3.41
N HIS A 49 -10.96 -5.50 -3.57
CA HIS A 49 -10.86 -6.90 -3.23
C HIS A 49 -10.73 -7.06 -1.72
N THR A 50 -9.94 -6.20 -1.10
CA THR A 50 -9.73 -6.25 0.35
C THR A 50 -11.05 -6.18 1.10
N LYS A 51 -11.98 -5.41 0.56
CA LYS A 51 -13.30 -5.28 1.19
C LYS A 51 -14.04 -6.61 1.19
N GLY A 52 -13.86 -7.39 0.14
CA GLY A 52 -14.58 -8.64 0.02
C GLY A 52 -13.71 -9.86 0.27
N CYS A 53 -12.61 -9.67 0.99
CA CYS A 53 -11.73 -10.78 1.32
C CYS A 53 -12.00 -11.31 2.73
N LYS A 54 -11.75 -12.60 2.93
CA LYS A 54 -11.98 -13.23 4.22
C LYS A 54 -10.67 -13.69 4.85
N ARG A 55 -9.74 -14.12 4.03
CA ARG A 55 -8.43 -14.56 4.49
C ARG A 55 -7.45 -13.39 4.56
N LYS A 56 -8.00 -12.18 4.45
CA LYS A 56 -7.22 -10.95 4.40
C LYS A 56 -5.99 -10.98 5.31
N THR A 57 -6.23 -10.97 6.60
CA THR A 57 -5.16 -10.93 7.59
C THR A 57 -4.96 -12.30 8.25
N ASN A 58 -5.79 -13.25 7.86
CA ASN A 58 -5.82 -14.57 8.48
C ASN A 58 -4.65 -15.45 8.02
N GLY A 59 -3.53 -14.80 7.69
CA GLY A 59 -2.35 -15.54 7.23
C GLY A 59 -2.64 -16.33 5.98
N GLY A 60 -3.34 -15.70 5.04
CA GLY A 60 -3.76 -16.41 3.85
C GLY A 60 -3.55 -15.62 2.58
N CYS A 61 -4.15 -14.44 2.50
CA CYS A 61 -4.13 -13.67 1.26
C CYS A 61 -2.85 -12.86 1.11
N PRO A 62 -2.22 -12.92 -0.08
CA PRO A 62 -1.06 -12.10 -0.42
C PRO A 62 -1.44 -10.64 -0.71
N ILE A 63 -2.47 -10.45 -1.53
CA ILE A 63 -2.91 -9.10 -1.93
C ILE A 63 -3.15 -8.20 -0.73
N CYS A 64 -3.98 -8.68 0.18
CA CYS A 64 -4.37 -7.89 1.33
C CYS A 64 -3.23 -7.75 2.33
N LYS A 65 -2.29 -8.68 2.27
CA LYS A 65 -1.08 -8.58 3.08
C LYS A 65 -0.24 -7.43 2.58
N GLN A 66 -0.02 -7.45 1.28
CA GLN A 66 0.82 -6.46 0.64
C GLN A 66 0.16 -5.08 0.65
N LEU A 67 -1.15 -5.04 0.45
CA LEU A 67 -1.89 -3.78 0.55
C LEU A 67 -1.80 -3.23 1.97
N ILE A 68 -1.75 -4.14 2.94
CA ILE A 68 -1.52 -3.77 4.32
C ILE A 68 -0.16 -3.10 4.46
N ALA A 69 0.83 -3.66 3.79
CA ALA A 69 2.17 -3.13 3.87
C ALA A 69 2.18 -1.66 3.45
N LEU A 70 1.72 -1.40 2.21
CA LEU A 70 1.71 -0.06 1.66
C LEU A 70 0.97 0.92 2.58
N ALA A 71 -0.22 0.52 3.02
CA ALA A 71 -1.03 1.38 3.87
C ALA A 71 -0.39 1.63 5.23
N ALA A 72 0.58 0.80 5.62
CA ALA A 72 1.25 0.94 6.91
C ALA A 72 2.32 2.03 6.87
N TYR A 73 3.16 1.99 5.83
CA TYR A 73 4.15 3.06 5.62
C TYR A 73 3.41 4.37 5.60
N HIS A 74 2.36 4.34 4.81
CA HIS A 74 1.48 5.46 4.61
C HIS A 74 0.75 5.83 5.90
N ALA A 75 0.46 4.85 6.75
CA ALA A 75 -0.29 5.10 7.97
C ALA A 75 0.46 6.08 8.88
N LYS A 76 1.77 5.90 8.96
CA LYS A 76 2.62 6.79 9.73
C LYS A 76 2.77 8.13 9.01
N HIS A 77 2.64 8.07 7.69
CA HIS A 77 2.80 9.24 6.85
C HIS A 77 1.43 9.83 6.50
N CYS A 78 0.50 9.68 7.43
CA CYS A 78 -0.87 10.12 7.22
C CYS A 78 -1.42 10.74 8.50
N GLN A 79 -2.31 11.70 8.35
CA GLN A 79 -2.93 12.36 9.49
C GLN A 79 -4.42 12.03 9.56
N GLU A 80 -5.07 12.07 8.40
CA GLU A 80 -6.51 11.82 8.29
C GLU A 80 -6.91 10.53 9.00
N ASN A 81 -7.89 10.65 9.88
CA ASN A 81 -8.42 9.50 10.60
C ASN A 81 -9.54 8.86 9.80
N LYS A 82 -10.14 9.65 8.92
CA LYS A 82 -11.18 9.18 8.02
C LYS A 82 -10.63 9.08 6.60
N CYS A 83 -9.38 8.64 6.52
CA CYS A 83 -8.66 8.48 5.26
C CYS A 83 -9.39 7.52 4.31
N PRO A 84 -9.25 7.76 2.99
CA PRO A 84 -9.81 6.87 1.96
C PRO A 84 -9.10 5.51 1.93
N VAL A 85 -7.77 5.50 2.14
CA VAL A 85 -7.00 4.26 2.15
C VAL A 85 -7.59 3.24 3.12
N PRO A 86 -8.07 2.10 2.58
CA PRO A 86 -8.75 1.06 3.35
C PRO A 86 -7.95 0.59 4.55
N PHE A 87 -6.80 0.03 4.28
CA PHE A 87 -5.97 -0.55 5.32
C PHE A 87 -5.30 0.50 6.18
N CYS A 88 -5.33 1.77 5.77
CA CYS A 88 -4.73 2.83 6.56
C CYS A 88 -5.48 2.95 7.85
N LEU A 89 -6.78 3.04 7.74
CA LEU A 89 -7.62 3.22 8.93
C LEU A 89 -7.63 1.96 9.77
N ASN A 90 -7.52 0.81 9.13
CA ASN A 90 -7.47 -0.46 9.87
C ASN A 90 -6.15 -0.51 10.63
N ILE A 91 -5.06 -0.24 9.94
CA ILE A 91 -3.73 -0.28 10.53
C ILE A 91 -3.54 0.85 11.53
N LYS A 92 -3.68 2.07 11.05
CA LYS A 92 -3.36 3.26 11.82
C LYS A 92 -4.18 3.36 13.10
N GLN A 93 -5.40 2.86 13.08
CA GLN A 93 -6.25 2.90 14.27
C GLN A 93 -5.87 1.78 15.26
N LYS A 94 -5.47 0.63 14.74
CA LYS A 94 -5.07 -0.48 15.60
C LYS A 94 -3.62 -0.30 16.06
N GLY A 95 -2.72 -0.17 15.10
CA GLY A 95 -1.32 0.04 15.40
C GLY A 95 -0.57 -1.24 15.80
N SER A 96 -1.23 -2.10 16.54
CA SER A 96 -0.61 -3.34 16.99
C SER A 96 -0.98 -4.50 16.07
N GLU A 97 -2.26 -4.63 15.76
CA GLU A 97 -2.79 -5.75 14.98
C GLU A 97 -2.05 -5.96 13.66
N PHE A 98 -2.02 -4.94 12.84
CA PHE A 98 -1.50 -5.06 11.48
C PHE A 98 0.02 -4.90 11.44
N PRO A 99 0.59 -3.78 11.94
CA PRO A 99 2.04 -3.59 11.96
C PRO A 99 2.69 -4.41 13.06
N ALA A 100 2.91 -5.68 12.79
CA ALA A 100 3.55 -6.59 13.74
C ALA A 100 4.93 -6.07 14.14
N GLY A 101 5.11 -5.83 15.43
CA GLY A 101 6.35 -5.29 15.92
C GLY A 101 6.14 -3.98 16.65
N ASN A 102 4.97 -3.39 16.47
CA ASN A 102 4.61 -2.17 17.15
C ASN A 102 3.78 -2.49 18.39
N GLY B 1 7.75 -4.21 12.17
CA GLY B 1 6.75 -3.14 11.90
C GLY B 1 6.23 -3.22 10.48
N MET B 2 6.96 -2.62 9.55
CA MET B 2 6.57 -2.63 8.15
C MET B 2 6.86 -4.01 7.54
N TYR B 3 6.21 -4.29 6.43
CA TYR B 3 6.36 -5.58 5.77
C TYR B 3 7.32 -5.48 4.59
N PRO B 4 8.49 -6.13 4.72
CA PRO B 4 9.52 -6.13 3.67
C PRO B 4 9.08 -6.91 2.44
N ASP B 5 9.57 -6.50 1.28
CA ASP B 5 9.22 -7.10 0.00
C ASP B 5 7.70 -7.12 -0.21
N PRO B 6 7.09 -5.93 -0.32
CA PRO B 6 5.66 -5.78 -0.55
C PRO B 6 5.30 -6.10 -1.98
N GLY B 7 4.69 -7.24 -2.13
CA GLY B 7 4.39 -7.79 -3.43
C GLY B 7 3.51 -6.91 -4.29
N LEU B 8 2.71 -6.04 -3.68
CA LEU B 8 1.76 -5.22 -4.43
C LEU B 8 2.46 -4.33 -5.45
N LEU B 9 3.63 -3.80 -5.10
CA LEU B 9 4.33 -2.89 -6.00
C LEU B 9 5.03 -3.65 -7.12
N SER B 10 5.14 -4.96 -6.95
CA SER B 10 5.64 -5.83 -8.00
C SER B 10 4.47 -6.39 -8.80
N TYR B 11 3.35 -6.59 -8.11
CA TYR B 11 2.12 -7.06 -8.71
C TYR B 11 1.59 -6.04 -9.71
N ILE B 12 1.64 -4.77 -9.33
CA ILE B 12 1.22 -3.70 -10.22
C ILE B 12 2.39 -2.75 -10.48
N ASN B 13 3.29 -3.18 -11.36
CA ASN B 13 4.43 -2.37 -11.74
C ASN B 13 4.12 -1.56 -12.99
N GLU B 14 3.06 -0.75 -12.90
CA GLU B 14 2.58 0.05 -14.02
C GLU B 14 3.67 0.93 -14.61
N LEU B 15 4.07 0.61 -15.83
CA LEU B 15 5.07 1.37 -16.55
C LEU B 15 4.60 1.65 -17.98
N CYS B 16 5.02 2.76 -18.55
CA CYS B 16 4.64 3.10 -19.90
C CYS B 16 5.89 3.24 -20.76
ZN ZN C . -7.35 -10.49 0.02
ZN ZN D . -7.39 8.00 -10.85
ZN ZN E . -4.15 7.34 5.28
N SER A 1 23.92 11.19 3.72
CA SER A 1 23.49 12.59 3.95
C SER A 1 22.25 12.92 3.11
N GLY A 2 21.08 12.78 3.73
CA GLY A 2 19.84 13.09 3.04
C GLY A 2 19.32 11.92 2.24
N GLY A 3 20.21 11.31 1.46
CA GLY A 3 19.85 10.15 0.68
C GLY A 3 21.03 9.23 0.53
N ARG A 4 20.77 7.93 0.40
CA ARG A 4 21.85 6.96 0.26
C ARG A 4 22.51 7.09 -1.10
N ALA A 5 23.83 7.16 -1.10
CA ALA A 5 24.61 7.26 -2.33
C ALA A 5 24.56 5.92 -3.06
N THR A 6 24.20 5.97 -4.34
CA THR A 6 23.88 4.79 -5.15
C THR A 6 22.85 3.90 -4.46
N GLN A 7 21.67 3.86 -5.04
CA GLN A 7 20.52 3.22 -4.42
C GLN A 7 20.71 1.71 -4.32
N SER A 8 20.52 1.20 -3.12
CA SER A 8 20.53 -0.23 -2.88
C SER A 8 19.13 -0.80 -3.11
N PRO A 9 18.98 -2.13 -3.23
CA PRO A 9 17.68 -2.76 -3.42
C PRO A 9 16.65 -2.29 -2.39
N GLY A 10 17.07 -2.25 -1.13
CA GLY A 10 16.22 -1.77 -0.05
C GLY A 10 15.76 -0.36 -0.27
N ASP A 11 16.67 0.48 -0.74
CA ASP A 11 16.41 1.90 -0.90
C ASP A 11 15.46 2.13 -2.07
N SER A 12 15.70 1.45 -3.18
CA SER A 12 14.88 1.61 -4.36
C SER A 12 13.54 0.93 -4.14
N ARG A 13 13.51 -0.09 -3.28
CA ARG A 13 12.27 -0.74 -2.91
C ARG A 13 11.38 0.26 -2.21
N ARG A 14 11.97 0.97 -1.25
CA ARG A 14 11.27 1.98 -0.48
C ARG A 14 10.66 3.02 -1.41
N LEU A 15 11.35 3.28 -2.51
CA LEU A 15 10.89 4.22 -3.52
C LEU A 15 9.78 3.59 -4.39
N SER A 16 9.86 2.29 -4.65
CA SER A 16 8.82 1.61 -5.39
C SER A 16 7.60 1.46 -4.51
N ILE A 17 7.85 1.40 -3.20
CA ILE A 17 6.80 1.43 -2.21
C ILE A 17 6.02 2.73 -2.31
N GLN A 18 6.73 3.86 -2.32
CA GLN A 18 6.08 5.17 -2.46
C GLN A 18 5.22 5.22 -3.70
N ARG A 19 5.67 4.53 -4.75
CA ARG A 19 4.92 4.43 -5.97
C ARG A 19 3.57 3.77 -5.73
N ALA A 20 3.57 2.66 -4.98
CA ALA A 20 2.33 1.96 -4.69
C ALA A 20 1.60 2.62 -3.52
N ILE A 21 2.34 3.42 -2.76
CA ILE A 21 1.79 4.19 -1.66
C ILE A 21 0.82 5.20 -2.21
N GLN A 22 1.35 6.02 -3.09
CA GLN A 22 0.59 7.05 -3.74
C GLN A 22 -0.53 6.45 -4.57
N SER A 23 -0.26 5.27 -5.13
CA SER A 23 -1.23 4.55 -5.92
C SER A 23 -2.41 4.09 -5.07
N LEU A 24 -2.08 3.57 -3.88
CA LEU A 24 -3.08 3.09 -2.95
C LEU A 24 -4.02 4.21 -2.54
N VAL A 25 -3.44 5.35 -2.16
CA VAL A 25 -4.24 6.50 -1.76
C VAL A 25 -5.04 7.01 -2.93
N HIS A 26 -4.39 7.13 -4.08
CA HIS A 26 -5.04 7.60 -5.29
C HIS A 26 -6.28 6.77 -5.57
N ALA A 27 -6.16 5.45 -5.50
CA ALA A 27 -7.30 4.59 -5.75
C ALA A 27 -8.36 4.77 -4.67
N ALA A 28 -7.90 4.95 -3.45
CA ALA A 28 -8.78 5.11 -2.31
C ALA A 28 -9.59 6.39 -2.38
N GLN A 29 -9.02 7.44 -2.96
CA GLN A 29 -9.68 8.74 -2.97
C GLN A 29 -9.95 9.25 -4.38
N CYS A 30 -9.72 8.42 -5.40
CA CYS A 30 -9.91 8.88 -6.77
C CYS A 30 -11.39 9.12 -7.02
N ARG A 31 -11.77 10.39 -7.17
CA ARG A 31 -13.16 10.74 -7.40
C ARG A 31 -13.48 10.74 -8.90
N ASN A 32 -12.45 10.59 -9.72
CA ASN A 32 -12.64 10.54 -11.17
C ASN A 32 -13.01 9.14 -11.60
N ALA A 33 -14.29 8.92 -11.86
CA ALA A 33 -14.77 7.61 -12.25
C ALA A 33 -14.26 7.20 -13.62
N ASN A 34 -13.89 8.19 -14.43
CA ASN A 34 -13.41 7.93 -15.78
C ASN A 34 -11.89 7.85 -15.85
N CYS A 35 -11.22 8.21 -14.76
CA CYS A 35 -9.77 8.06 -14.65
C CYS A 35 -9.37 6.61 -14.85
N SER A 36 -8.87 6.30 -16.03
CA SER A 36 -8.48 4.94 -16.36
C SER A 36 -6.97 4.81 -16.35
N LEU A 37 -6.34 5.63 -15.51
CA LEU A 37 -4.91 5.56 -15.30
C LEU A 37 -4.54 4.14 -14.85
N PRO A 38 -3.50 3.55 -15.46
CA PRO A 38 -3.17 2.12 -15.28
C PRO A 38 -3.15 1.66 -13.83
N SER A 39 -2.37 2.33 -13.00
CA SER A 39 -2.23 1.94 -11.61
C SER A 39 -3.51 2.23 -10.82
N CYS A 40 -4.35 3.11 -11.34
CA CYS A 40 -5.58 3.48 -10.66
C CYS A 40 -6.58 2.34 -10.74
N GLN A 41 -6.72 1.79 -11.93
CA GLN A 41 -7.67 0.72 -12.16
C GLN A 41 -7.21 -0.53 -11.43
N LYS A 42 -5.90 -0.74 -11.39
CA LYS A 42 -5.36 -1.92 -10.73
C LYS A 42 -5.39 -1.74 -9.23
N MET A 43 -5.05 -0.54 -8.76
CA MET A 43 -5.14 -0.24 -7.33
C MET A 43 -6.58 -0.30 -6.86
N LYS A 44 -7.51 0.15 -7.68
CA LYS A 44 -8.89 0.11 -7.28
C LYS A 44 -9.36 -1.33 -7.20
N ARG A 45 -8.75 -2.19 -8.00
CA ARG A 45 -9.11 -3.59 -8.01
C ARG A 45 -8.45 -4.33 -6.84
N VAL A 46 -7.19 -3.99 -6.52
CA VAL A 46 -6.56 -4.54 -5.31
C VAL A 46 -7.39 -4.13 -4.08
N VAL A 47 -7.77 -2.85 -4.03
CA VAL A 47 -8.53 -2.29 -2.92
C VAL A 47 -9.91 -2.95 -2.78
N GLN A 48 -10.68 -2.95 -3.87
CA GLN A 48 -12.04 -3.49 -3.81
C GLN A 48 -12.04 -4.95 -3.42
N HIS A 49 -10.92 -5.62 -3.65
CA HIS A 49 -10.81 -7.02 -3.30
C HIS A 49 -10.68 -7.19 -1.80
N THR A 50 -9.90 -6.33 -1.15
CA THR A 50 -9.71 -6.44 0.29
C THR A 50 -11.04 -6.39 1.03
N LYS A 51 -11.91 -5.50 0.58
CA LYS A 51 -13.23 -5.33 1.18
C LYS A 51 -14.07 -6.59 1.04
N GLY A 52 -13.84 -7.33 -0.05
CA GLY A 52 -14.57 -8.56 -0.25
C GLY A 52 -13.76 -9.80 0.07
N CYS A 53 -12.67 -9.64 0.82
CA CYS A 53 -11.81 -10.74 1.18
C CYS A 53 -12.13 -11.26 2.59
N LYS A 54 -11.82 -12.53 2.83
CA LYS A 54 -12.06 -13.15 4.14
C LYS A 54 -10.74 -13.56 4.79
N ARG A 55 -9.79 -14.01 3.98
CA ARG A 55 -8.48 -14.44 4.47
C ARG A 55 -7.50 -13.28 4.52
N LYS A 56 -8.03 -12.07 4.37
CA LYS A 56 -7.23 -10.86 4.26
C LYS A 56 -6.06 -10.77 5.23
N THR A 57 -6.35 -10.63 6.50
CA THR A 57 -5.34 -10.25 7.48
C THR A 57 -4.95 -11.37 8.42
N ASN A 58 -5.58 -12.53 8.32
CA ASN A 58 -5.29 -13.63 9.23
C ASN A 58 -4.10 -14.46 8.74
N GLY A 59 -3.13 -13.80 8.12
CA GLY A 59 -1.94 -14.49 7.65
C GLY A 59 -2.25 -15.45 6.52
N GLY A 60 -3.05 -15.00 5.58
CA GLY A 60 -3.47 -15.87 4.49
C GLY A 60 -3.31 -15.20 3.15
N CYS A 61 -4.07 -14.14 2.93
CA CYS A 61 -4.04 -13.44 1.64
C CYS A 61 -2.72 -12.72 1.39
N PRO A 62 -2.16 -12.92 0.18
CA PRO A 62 -0.99 -12.16 -0.28
C PRO A 62 -1.35 -10.72 -0.66
N ILE A 63 -2.37 -10.56 -1.51
CA ILE A 63 -2.82 -9.23 -1.95
C ILE A 63 -3.06 -8.31 -0.75
N CYS A 64 -3.86 -8.79 0.18
CA CYS A 64 -4.26 -7.99 1.32
C CYS A 64 -3.11 -7.83 2.31
N LYS A 65 -2.13 -8.73 2.23
CA LYS A 65 -0.89 -8.57 2.98
C LYS A 65 -0.13 -7.39 2.44
N GLN A 66 0.03 -7.38 1.14
CA GLN A 66 0.80 -6.37 0.46
C GLN A 66 0.11 -5.00 0.55
N LEU A 67 -1.21 -4.99 0.36
CA LEU A 67 -1.97 -3.76 0.53
C LEU A 67 -1.88 -3.26 1.96
N ILE A 68 -1.77 -4.19 2.90
CA ILE A 68 -1.55 -3.85 4.29
C ILE A 68 -0.19 -3.19 4.45
N ALA A 69 0.80 -3.73 3.76
CA ALA A 69 2.14 -3.19 3.82
C ALA A 69 2.13 -1.73 3.42
N LEU A 70 1.69 -1.48 2.17
CA LEU A 70 1.61 -0.12 1.65
C LEU A 70 0.86 0.81 2.60
N ALA A 71 -0.34 0.42 2.99
CA ALA A 71 -1.17 1.25 3.84
C ALA A 71 -0.53 1.49 5.20
N ALA A 72 0.40 0.61 5.61
CA ALA A 72 1.11 0.76 6.87
C ALA A 72 2.25 1.78 6.78
N TYR A 73 3.03 1.74 5.69
CA TYR A 73 4.06 2.79 5.47
C TYR A 73 3.33 4.11 5.48
N HIS A 74 2.31 4.15 4.65
CA HIS A 74 1.47 5.29 4.48
C HIS A 74 0.77 5.67 5.80
N ALA A 75 0.41 4.67 6.61
CA ALA A 75 -0.32 4.90 7.86
C ALA A 75 0.47 5.81 8.79
N LYS A 76 1.78 5.60 8.83
CA LYS A 76 2.65 6.37 9.72
C LYS A 76 2.80 7.79 9.19
N HIS A 77 2.75 7.90 7.87
CA HIS A 77 2.91 9.19 7.19
C HIS A 77 1.54 9.76 6.83
N CYS A 78 0.53 9.37 7.60
CA CYS A 78 -0.84 9.82 7.36
C CYS A 78 -1.39 10.51 8.61
N GLN A 79 -2.09 11.61 8.39
CA GLN A 79 -2.67 12.36 9.50
C GLN A 79 -4.19 12.20 9.53
N GLU A 80 -4.77 11.85 8.39
CA GLU A 80 -6.22 11.69 8.26
C GLU A 80 -6.76 10.61 9.19
N ASN A 81 -7.74 10.98 10.00
CA ASN A 81 -8.44 10.03 10.86
C ASN A 81 -9.55 9.32 10.10
N LYS A 82 -10.08 9.98 9.07
CA LYS A 82 -11.07 9.36 8.21
C LYS A 82 -10.48 9.16 6.81
N CYS A 83 -9.34 8.50 6.77
CA CYS A 83 -8.62 8.24 5.55
C CYS A 83 -9.39 7.32 4.59
N PRO A 84 -9.29 7.61 3.29
CA PRO A 84 -9.86 6.77 2.23
C PRO A 84 -9.12 5.44 2.07
N VAL A 85 -7.79 5.45 2.25
CA VAL A 85 -6.99 4.22 2.15
C VAL A 85 -7.53 3.13 3.06
N PRO A 86 -8.09 2.06 2.46
CA PRO A 86 -8.81 1.02 3.19
C PRO A 86 -8.05 0.52 4.42
N PHE A 87 -6.91 -0.09 4.17
CA PHE A 87 -6.13 -0.71 5.21
C PHE A 87 -5.45 0.30 6.11
N CYS A 88 -5.34 1.56 5.67
CA CYS A 88 -4.67 2.56 6.49
C CYS A 88 -5.44 2.75 7.77
N LEU A 89 -6.74 2.93 7.65
CA LEU A 89 -7.55 3.18 8.81
C LEU A 89 -7.67 1.92 9.65
N ASN A 90 -7.66 0.76 9.01
CA ASN A 90 -7.73 -0.50 9.74
C ASN A 90 -6.42 -0.74 10.49
N ILE A 91 -5.31 -0.42 9.84
CA ILE A 91 -3.99 -0.55 10.45
C ILE A 91 -3.73 0.55 11.46
N LYS A 92 -3.82 1.79 11.00
CA LYS A 92 -3.50 2.95 11.83
C LYS A 92 -4.33 2.96 13.11
N GLN A 93 -5.48 2.30 13.09
CA GLN A 93 -6.26 2.10 14.31
C GLN A 93 -5.76 0.86 15.06
N LYS A 94 -5.66 -0.27 14.35
CA LYS A 94 -5.39 -1.55 14.99
C LYS A 94 -4.09 -2.20 14.53
N GLY A 95 -3.04 -1.45 14.54
CA GLY A 95 -1.72 -2.01 14.31
C GLY A 95 -0.84 -1.22 13.37
N SER A 96 -0.73 0.10 13.58
CA SER A 96 0.08 0.96 12.73
C SER A 96 1.52 0.93 13.19
N GLU A 97 1.70 0.84 14.51
CA GLU A 97 3.02 0.78 15.10
C GLU A 97 3.65 -0.59 14.87
N PHE A 98 2.81 -1.59 15.06
CA PHE A 98 3.13 -3.00 14.77
C PHE A 98 3.93 -3.68 15.89
N PRO A 99 3.57 -3.50 17.19
CA PRO A 99 4.06 -4.37 18.27
C PRO A 99 3.82 -5.85 17.98
N ALA A 100 2.81 -6.12 17.15
CA ALA A 100 2.47 -7.48 16.77
C ALA A 100 3.17 -7.87 15.48
N GLY A 101 3.69 -9.08 15.45
CA GLY A 101 4.33 -9.59 14.26
C GLY A 101 3.73 -10.91 13.83
N ASN A 102 4.28 -12.00 14.34
CA ASN A 102 3.76 -13.33 14.04
C ASN A 102 3.35 -14.02 15.32
N GLY B 1 7.33 -5.38 15.02
CA GLY B 1 7.11 -6.40 13.97
C GLY B 1 7.22 -5.80 12.58
N MET B 2 8.12 -6.35 11.77
CA MET B 2 8.33 -5.87 10.42
C MET B 2 7.35 -6.54 9.46
N TYR B 3 6.92 -5.80 8.45
CA TYR B 3 6.06 -6.33 7.40
C TYR B 3 6.77 -6.30 6.04
N PRO B 4 7.67 -7.26 5.81
CA PRO B 4 8.47 -7.31 4.59
C PRO B 4 7.71 -7.91 3.41
N ASP B 5 8.34 -7.87 2.24
CA ASP B 5 7.75 -8.39 1.00
C ASP B 5 6.42 -7.71 0.68
N PRO B 6 6.47 -6.54 0.03
CA PRO B 6 5.30 -5.84 -0.45
C PRO B 6 5.09 -6.08 -1.94
N GLY B 7 4.70 -7.29 -2.27
CA GLY B 7 4.57 -7.70 -3.66
C GLY B 7 3.60 -6.87 -4.49
N LEU B 8 2.81 -6.01 -3.86
CA LEU B 8 1.83 -5.19 -4.58
C LEU B 8 2.51 -4.24 -5.55
N LEU B 9 3.69 -3.72 -5.20
CA LEU B 9 4.39 -2.76 -6.05
C LEU B 9 4.99 -3.45 -7.28
N SER B 10 5.25 -4.75 -7.17
CA SER B 10 5.69 -5.54 -8.31
C SER B 10 4.48 -6.23 -8.97
N TYR B 11 3.32 -6.10 -8.33
CA TYR B 11 2.08 -6.65 -8.87
C TYR B 11 1.44 -5.60 -9.76
N ILE B 12 1.75 -4.35 -9.47
CA ILE B 12 1.26 -3.22 -10.25
C ILE B 12 2.42 -2.33 -10.66
N ASN B 13 3.11 -2.73 -11.71
CA ASN B 13 4.14 -1.89 -12.30
C ASN B 13 3.49 -0.90 -13.23
N GLU B 14 4.06 0.29 -13.34
CA GLU B 14 3.54 1.30 -14.24
C GLU B 14 4.18 1.18 -15.62
N LEU B 15 3.56 0.38 -16.48
CA LEU B 15 4.06 0.17 -17.82
C LEU B 15 3.49 1.24 -18.76
N CYS B 16 3.88 2.48 -18.52
CA CYS B 16 3.41 3.59 -19.33
C CYS B 16 4.41 4.74 -19.25
ZN ZN C . -7.38 -10.55 0.06
ZN ZN D . -7.75 7.49 -10.67
ZN ZN E . -4.12 7.10 5.44
N SER A 1 25.56 18.02 -2.90
CA SER A 1 24.73 17.69 -4.07
C SER A 1 25.61 17.43 -5.28
N GLY A 2 25.79 16.16 -5.61
CA GLY A 2 26.62 15.79 -6.74
C GLY A 2 27.74 14.87 -6.33
N GLY A 3 28.43 14.31 -7.31
CA GLY A 3 29.54 13.42 -7.01
C GLY A 3 29.23 11.98 -7.37
N ARG A 4 28.06 11.51 -6.94
CA ARG A 4 27.63 10.15 -7.25
C ARG A 4 26.18 10.16 -7.68
N ALA A 5 25.31 10.63 -6.78
CA ALA A 5 23.87 10.75 -7.04
C ALA A 5 23.28 9.44 -7.53
N THR A 6 23.39 8.41 -6.70
CA THR A 6 22.86 7.09 -7.03
C THR A 6 22.03 6.54 -5.87
N GLN A 7 20.81 6.12 -6.17
CA GLN A 7 19.92 5.57 -5.16
C GLN A 7 20.39 4.20 -4.70
N SER A 8 20.34 3.98 -3.41
CA SER A 8 20.64 2.67 -2.84
C SER A 8 19.46 1.73 -3.02
N PRO A 9 19.69 0.41 -3.11
CA PRO A 9 18.62 -0.56 -3.35
C PRO A 9 17.46 -0.41 -2.37
N GLY A 10 17.79 -0.36 -1.09
CA GLY A 10 16.78 -0.23 -0.05
C GLY A 10 15.92 1.00 -0.26
N ASP A 11 16.55 2.09 -0.64
CA ASP A 11 15.84 3.36 -0.82
C ASP A 11 15.02 3.35 -2.10
N SER A 12 15.52 2.66 -3.11
CA SER A 12 14.86 2.62 -4.40
C SER A 12 13.64 1.72 -4.31
N ARG A 13 13.77 0.67 -3.53
CA ARG A 13 12.70 -0.23 -3.23
C ARG A 13 11.65 0.50 -2.41
N ARG A 14 12.10 1.25 -1.42
CA ARG A 14 11.22 2.08 -0.60
C ARG A 14 10.55 3.15 -1.46
N LEU A 15 11.21 3.58 -2.53
CA LEU A 15 10.64 4.54 -3.45
C LEU A 15 9.58 3.86 -4.32
N SER A 16 9.75 2.56 -4.55
CA SER A 16 8.75 1.77 -5.23
C SER A 16 7.56 1.56 -4.29
N ILE A 17 7.87 1.43 -3.00
CA ILE A 17 6.85 1.38 -1.97
C ILE A 17 6.05 2.66 -1.97
N GLN A 18 6.74 3.79 -1.99
CA GLN A 18 6.10 5.08 -1.90
C GLN A 18 5.38 5.34 -3.21
N ARG A 19 5.82 4.63 -4.24
CA ARG A 19 5.17 4.67 -5.53
C ARG A 19 3.82 3.96 -5.46
N ALA A 20 3.77 2.80 -4.81
CA ALA A 20 2.52 2.07 -4.69
C ALA A 20 1.72 2.57 -3.50
N ILE A 21 2.40 3.25 -2.60
CA ILE A 21 1.74 3.99 -1.55
C ILE A 21 0.81 5.02 -2.15
N GLN A 22 1.38 5.87 -2.98
CA GLN A 22 0.59 6.86 -3.66
C GLN A 22 -0.44 6.20 -4.55
N SER A 23 -0.08 5.03 -5.07
CA SER A 23 -0.97 4.27 -5.95
C SER A 23 -2.23 3.85 -5.18
N LEU A 24 -2.01 3.46 -3.92
CA LEU A 24 -3.09 2.99 -3.06
C LEU A 24 -4.02 4.13 -2.69
N VAL A 25 -3.44 5.24 -2.29
CA VAL A 25 -4.23 6.40 -1.88
C VAL A 25 -5.05 6.92 -3.04
N HIS A 26 -4.41 7.00 -4.21
CA HIS A 26 -5.09 7.47 -5.40
C HIS A 26 -6.34 6.65 -5.66
N ALA A 27 -6.20 5.33 -5.59
CA ALA A 27 -7.34 4.44 -5.84
C ALA A 27 -8.38 4.61 -4.74
N ALA A 28 -7.91 4.88 -3.54
CA ALA A 28 -8.78 5.02 -2.40
C ALA A 28 -9.60 6.30 -2.46
N GLN A 29 -9.07 7.34 -3.10
CA GLN A 29 -9.75 8.63 -3.11
C GLN A 29 -10.04 9.13 -4.53
N CYS A 30 -9.81 8.30 -5.55
CA CYS A 30 -9.99 8.76 -6.92
C CYS A 30 -11.45 9.15 -7.17
N ARG A 31 -11.67 10.44 -7.33
CA ARG A 31 -13.03 10.96 -7.55
C ARG A 31 -13.34 11.03 -9.05
N ASN A 32 -12.31 11.14 -9.88
CA ASN A 32 -12.48 11.21 -11.32
C ASN A 32 -12.78 9.83 -11.87
N ALA A 33 -14.05 9.57 -12.16
CA ALA A 33 -14.49 8.27 -12.65
C ALA A 33 -14.00 8.02 -14.07
N ASN A 34 -13.60 9.09 -14.75
CA ASN A 34 -13.14 8.99 -16.11
C ASN A 34 -11.63 8.79 -16.16
N CYS A 35 -11.02 8.72 -15.00
CA CYS A 35 -9.61 8.45 -14.88
C CYS A 35 -9.30 7.00 -15.23
N SER A 36 -8.62 6.80 -16.34
CA SER A 36 -8.29 5.47 -16.83
C SER A 36 -6.83 5.13 -16.59
N LEU A 37 -6.23 5.81 -15.61
CA LEU A 37 -4.84 5.62 -15.28
C LEU A 37 -4.59 4.16 -14.87
N PRO A 38 -3.65 3.47 -15.53
CA PRO A 38 -3.48 2.01 -15.40
C PRO A 38 -3.39 1.54 -13.95
N SER A 39 -2.53 2.20 -13.18
CA SER A 39 -2.31 1.83 -11.79
C SER A 39 -3.55 2.05 -10.96
N CYS A 40 -4.38 3.00 -11.38
CA CYS A 40 -5.57 3.36 -10.66
C CYS A 40 -6.58 2.22 -10.70
N GLN A 41 -6.86 1.75 -11.90
CA GLN A 41 -7.81 0.69 -12.10
C GLN A 41 -7.34 -0.58 -11.40
N LYS A 42 -6.03 -0.77 -11.38
CA LYS A 42 -5.45 -1.96 -10.76
C LYS A 42 -5.44 -1.83 -9.25
N MET A 43 -5.12 -0.64 -8.77
CA MET A 43 -5.16 -0.36 -7.34
C MET A 43 -6.58 -0.41 -6.82
N LYS A 44 -7.52 0.02 -7.62
CA LYS A 44 -8.91 -0.04 -7.21
C LYS A 44 -9.36 -1.50 -7.17
N ARG A 45 -8.69 -2.34 -7.96
CA ARG A 45 -8.95 -3.77 -7.94
C ARG A 45 -8.39 -4.38 -6.65
N VAL A 46 -7.11 -4.10 -6.36
CA VAL A 46 -6.50 -4.60 -5.14
C VAL A 46 -7.33 -4.16 -3.92
N VAL A 47 -7.70 -2.88 -3.90
CA VAL A 47 -8.46 -2.31 -2.79
C VAL A 47 -9.81 -2.98 -2.63
N GLN A 48 -10.63 -2.92 -3.68
CA GLN A 48 -12.01 -3.39 -3.62
C GLN A 48 -12.06 -4.89 -3.37
N HIS A 49 -10.93 -5.57 -3.54
CA HIS A 49 -10.86 -6.98 -3.28
C HIS A 49 -10.77 -7.22 -1.78
N THR A 50 -9.98 -6.39 -1.09
CA THR A 50 -9.83 -6.49 0.36
C THR A 50 -11.20 -6.39 1.04
N LYS A 51 -12.07 -5.62 0.42
CA LYS A 51 -13.44 -5.42 0.87
C LYS A 51 -14.20 -6.74 0.95
N GLY A 52 -13.97 -7.62 -0.02
CA GLY A 52 -14.69 -8.89 -0.05
C GLY A 52 -13.82 -10.07 0.32
N CYS A 53 -12.73 -9.83 1.04
CA CYS A 53 -11.82 -10.89 1.43
C CYS A 53 -11.98 -11.21 2.92
N LYS A 54 -11.64 -12.44 3.29
CA LYS A 54 -11.76 -12.88 4.68
C LYS A 54 -10.43 -13.41 5.20
N ARG A 55 -9.60 -13.89 4.30
CA ARG A 55 -8.25 -14.38 4.63
C ARG A 55 -7.25 -13.23 4.64
N LYS A 56 -7.78 -12.01 4.62
CA LYS A 56 -7.00 -10.80 4.51
C LYS A 56 -5.71 -10.79 5.35
N THR A 57 -5.85 -10.71 6.66
CA THR A 57 -4.72 -10.40 7.51
C THR A 57 -4.19 -11.58 8.31
N ASN A 58 -4.90 -12.70 8.30
CA ASN A 58 -4.45 -13.89 9.04
C ASN A 58 -3.29 -14.61 8.35
N GLY A 59 -2.49 -13.86 7.60
CA GLY A 59 -1.37 -14.44 6.88
C GLY A 59 -1.82 -15.44 5.84
N GLY A 60 -2.92 -15.12 5.17
CA GLY A 60 -3.49 -16.03 4.20
C GLY A 60 -3.44 -15.46 2.80
N CYS A 61 -4.07 -14.31 2.62
CA CYS A 61 -4.15 -13.71 1.30
C CYS A 61 -2.92 -12.86 1.00
N PRO A 62 -2.37 -13.01 -0.22
CA PRO A 62 -1.22 -12.22 -0.67
C PRO A 62 -1.57 -10.75 -0.94
N ILE A 63 -2.61 -10.51 -1.75
CA ILE A 63 -3.00 -9.14 -2.09
C ILE A 63 -3.24 -8.29 -0.86
N CYS A 64 -4.07 -8.79 0.04
CA CYS A 64 -4.45 -8.04 1.22
C CYS A 64 -3.29 -7.92 2.19
N LYS A 65 -2.37 -8.87 2.12
CA LYS A 65 -1.18 -8.83 2.95
C LYS A 65 -0.29 -7.68 2.53
N GLN A 66 -0.09 -7.59 1.22
CA GLN A 66 0.79 -6.57 0.68
C GLN A 66 0.11 -5.20 0.73
N LEU A 67 -1.21 -5.19 0.58
CA LEU A 67 -1.97 -3.95 0.75
C LEU A 67 -1.88 -3.45 2.19
N ILE A 68 -1.73 -4.39 3.14
CA ILE A 68 -1.44 -4.04 4.50
C ILE A 68 -0.15 -3.25 4.56
N ALA A 69 0.87 -3.76 3.88
CA ALA A 69 2.19 -3.16 3.90
C ALA A 69 2.13 -1.72 3.44
N LEU A 70 1.69 -1.50 2.20
CA LEU A 70 1.65 -0.15 1.62
C LEU A 70 0.89 0.83 2.51
N ALA A 71 -0.28 0.43 2.98
CA ALA A 71 -1.09 1.31 3.80
C ALA A 71 -0.46 1.54 5.16
N ALA A 72 0.51 0.70 5.55
CA ALA A 72 1.17 0.84 6.84
C ALA A 72 2.26 1.91 6.83
N TYR A 73 3.10 1.93 5.80
CA TYR A 73 4.10 3.03 5.65
C TYR A 73 3.33 4.33 5.64
N HIS A 74 2.33 4.32 4.79
CA HIS A 74 1.43 5.44 4.63
C HIS A 74 0.69 5.73 5.94
N ALA A 75 0.42 4.70 6.74
CA ALA A 75 -0.40 4.85 7.94
C ALA A 75 0.24 5.78 8.96
N LYS A 76 1.47 5.47 9.37
CA LYS A 76 2.13 6.27 10.39
C LYS A 76 2.65 7.58 9.79
N HIS A 77 2.51 7.71 8.47
CA HIS A 77 2.76 8.98 7.80
C HIS A 77 1.45 9.60 7.32
N CYS A 78 0.35 9.34 8.02
CA CYS A 78 -0.96 9.83 7.62
C CYS A 78 -1.70 10.41 8.81
N GLN A 79 -2.11 11.67 8.71
CA GLN A 79 -2.79 12.35 9.79
C GLN A 79 -4.30 12.11 9.72
N GLU A 80 -4.80 11.90 8.51
CA GLU A 80 -6.24 11.70 8.29
C GLU A 80 -6.73 10.44 8.99
N ASN A 81 -7.66 10.61 9.92
CA ASN A 81 -8.27 9.48 10.60
C ASN A 81 -9.46 8.96 9.81
N LYS A 82 -10.01 9.80 8.94
CA LYS A 82 -11.07 9.39 8.04
C LYS A 82 -10.50 9.31 6.62
N CYS A 83 -9.31 8.76 6.54
CA CYS A 83 -8.59 8.55 5.30
C CYS A 83 -9.36 7.64 4.34
N PRO A 84 -9.20 7.87 3.03
CA PRO A 84 -9.76 7.01 1.98
C PRO A 84 -9.11 5.63 1.93
N VAL A 85 -7.78 5.57 2.14
CA VAL A 85 -7.04 4.30 2.12
C VAL A 85 -7.67 3.30 3.09
N PRO A 86 -8.16 2.17 2.55
CA PRO A 86 -8.85 1.13 3.31
C PRO A 86 -8.06 0.62 4.51
N PHE A 87 -6.91 0.04 4.23
CA PHE A 87 -6.09 -0.57 5.24
C PHE A 87 -5.40 0.45 6.14
N CYS A 88 -5.41 1.71 5.72
CA CYS A 88 -4.81 2.76 6.54
C CYS A 88 -5.60 2.88 7.82
N LEU A 89 -6.91 3.03 7.70
CA LEU A 89 -7.74 3.24 8.86
C LEU A 89 -7.79 1.98 9.72
N ASN A 90 -7.63 0.82 9.09
CA ASN A 90 -7.60 -0.41 9.87
C ASN A 90 -6.30 -0.44 10.67
N ILE A 91 -5.19 -0.37 9.96
CA ILE A 91 -3.87 -0.41 10.56
C ILE A 91 -3.64 0.76 11.51
N LYS A 92 -3.80 1.96 10.98
CA LYS A 92 -3.43 3.18 11.68
C LYS A 92 -4.27 3.39 12.94
N GLN A 93 -5.56 3.06 12.88
CA GLN A 93 -6.42 3.24 14.05
C GLN A 93 -6.07 2.24 15.13
N LYS A 94 -5.61 1.07 14.73
CA LYS A 94 -5.14 0.08 15.69
C LYS A 94 -3.74 0.42 16.17
N GLY A 95 -2.81 0.58 15.23
CA GLY A 95 -1.44 0.92 15.57
C GLY A 95 -0.63 -0.27 16.04
N SER A 96 -1.28 -1.17 16.75
CA SER A 96 -0.62 -2.35 17.29
C SER A 96 -0.55 -3.45 16.25
N GLU A 97 -1.46 -3.41 15.28
CA GLU A 97 -1.57 -4.44 14.28
C GLU A 97 -0.35 -4.45 13.37
N PHE A 98 -0.39 -3.65 12.30
CA PHE A 98 0.67 -3.66 11.28
C PHE A 98 0.97 -5.11 10.88
N PRO A 99 -0.07 -5.86 10.43
CA PRO A 99 0.02 -7.31 10.32
C PRO A 99 0.61 -7.76 8.99
N ALA A 100 1.88 -7.43 8.77
CA ALA A 100 2.61 -7.92 7.61
C ALA A 100 3.81 -8.75 8.03
N GLY A 101 3.72 -9.27 9.22
CA GLY A 101 4.81 -10.04 9.79
C GLY A 101 4.62 -11.53 9.58
N ASN A 102 3.57 -11.87 8.86
CA ASN A 102 3.24 -13.26 8.59
C ASN A 102 3.90 -13.70 7.29
N GLY B 1 4.84 -5.74 14.65
CA GLY B 1 4.16 -4.74 13.80
C GLY B 1 5.05 -4.22 12.70
N MET B 2 5.53 -5.12 11.86
CA MET B 2 6.40 -4.75 10.74
C MET B 2 5.65 -4.92 9.42
N TYR B 3 6.25 -4.43 8.34
CA TYR B 3 5.63 -4.53 7.02
C TYR B 3 6.64 -4.89 5.93
N PRO B 4 7.30 -6.07 6.04
CA PRO B 4 8.24 -6.53 5.03
C PRO B 4 7.55 -7.27 3.89
N ASP B 5 8.24 -7.38 2.76
CA ASP B 5 7.73 -8.10 1.59
C ASP B 5 6.42 -7.51 1.06
N PRO B 6 6.47 -6.31 0.44
CA PRO B 6 5.32 -5.68 -0.17
C PRO B 6 5.22 -6.01 -1.65
N GLY B 7 4.82 -7.23 -1.92
CA GLY B 7 4.71 -7.71 -3.30
C GLY B 7 3.80 -6.89 -4.19
N LEU B 8 2.92 -6.07 -3.59
CA LEU B 8 1.95 -5.28 -4.36
C LEU B 8 2.65 -4.34 -5.36
N LEU B 9 3.80 -3.77 -4.97
CA LEU B 9 4.50 -2.82 -5.85
C LEU B 9 5.10 -3.54 -7.06
N SER B 10 5.27 -4.85 -6.94
CA SER B 10 5.73 -5.67 -8.05
C SER B 10 4.53 -6.24 -8.81
N TYR B 11 3.46 -6.51 -8.07
CA TYR B 11 2.21 -7.00 -8.63
C TYR B 11 1.63 -5.97 -9.60
N ILE B 12 1.66 -4.72 -9.19
CA ILE B 12 1.19 -3.62 -10.03
C ILE B 12 2.37 -2.75 -10.45
N ASN B 13 2.72 -2.85 -11.72
CA ASN B 13 3.81 -2.05 -12.26
C ASN B 13 3.28 -0.70 -12.69
N GLU B 14 4.04 0.35 -12.44
CA GLU B 14 3.60 1.70 -12.79
C GLU B 14 4.67 2.43 -13.58
N LEU B 15 4.50 2.48 -14.88
CA LEU B 15 5.47 3.10 -15.76
C LEU B 15 5.17 4.59 -15.93
N CYS B 16 5.28 5.33 -14.84
CA CYS B 16 5.09 6.77 -14.86
C CYS B 16 6.43 7.47 -14.79
ZN ZN C . -7.48 -10.67 -0.04
ZN ZN D . -7.85 7.34 -10.78
ZN ZN E . -4.16 7.26 5.31
N SER A 1 18.70 15.38 2.20
CA SER A 1 18.24 14.63 3.39
C SER A 1 18.21 13.13 3.08
N GLY A 2 19.29 12.46 3.41
CA GLY A 2 19.41 11.05 3.13
C GLY A 2 20.41 10.77 2.04
N GLY A 3 20.27 9.64 1.39
CA GLY A 3 21.17 9.30 0.30
C GLY A 3 20.46 9.28 -1.03
N ARG A 4 21.19 9.60 -2.09
CA ARG A 4 20.62 9.60 -3.43
C ARG A 4 21.72 9.37 -4.46
N ALA A 5 22.67 8.54 -4.11
CA ALA A 5 23.75 8.16 -5.02
C ALA A 5 23.72 6.66 -5.25
N THR A 6 23.73 6.25 -6.52
CA THR A 6 23.62 4.85 -6.93
C THR A 6 22.34 4.18 -6.40
N GLN A 7 21.54 3.64 -7.30
CA GLN A 7 20.26 3.04 -6.93
C GLN A 7 20.48 1.72 -6.22
N SER A 8 20.32 1.75 -4.90
CA SER A 8 20.50 0.56 -4.10
C SER A 8 19.18 -0.19 -3.95
N PRO A 9 19.22 -1.51 -3.74
CA PRO A 9 18.01 -2.32 -3.65
C PRO A 9 17.02 -1.77 -2.62
N GLY A 10 17.52 -1.51 -1.41
CA GLY A 10 16.68 -0.97 -0.35
C GLY A 10 16.00 0.32 -0.77
N ASP A 11 16.75 1.16 -1.45
CA ASP A 11 16.28 2.47 -1.85
C ASP A 11 15.19 2.35 -2.90
N SER A 12 15.40 1.46 -3.87
CA SER A 12 14.47 1.30 -4.96
C SER A 12 13.25 0.50 -4.53
N ARG A 13 13.43 -0.32 -3.50
CA ARG A 13 12.35 -1.06 -2.92
C ARG A 13 11.40 -0.12 -2.19
N ARG A 14 11.99 0.76 -1.39
CA ARG A 14 11.21 1.78 -0.66
C ARG A 14 10.58 2.74 -1.66
N LEU A 15 11.31 3.00 -2.73
CA LEU A 15 10.85 3.86 -3.81
C LEU A 15 9.63 3.24 -4.48
N SER A 16 9.71 1.94 -4.76
CA SER A 16 8.60 1.22 -5.35
C SER A 16 7.45 1.13 -4.36
N ILE A 17 7.78 1.15 -3.06
CA ILE A 17 6.78 1.26 -2.02
C ILE A 17 6.05 2.58 -2.15
N GLN A 18 6.80 3.68 -2.20
CA GLN A 18 6.20 5.01 -2.31
C GLN A 18 5.39 5.12 -3.60
N ARG A 19 5.83 4.40 -4.61
CA ARG A 19 5.09 4.27 -5.86
C ARG A 19 3.70 3.69 -5.59
N ALA A 20 3.65 2.60 -4.83
CA ALA A 20 2.39 1.95 -4.54
C ALA A 20 1.66 2.66 -3.41
N ILE A 21 2.42 3.42 -2.64
CA ILE A 21 1.89 4.25 -1.57
C ILE A 21 0.90 5.26 -2.11
N GLN A 22 1.39 6.12 -2.99
CA GLN A 22 0.56 7.14 -3.57
C GLN A 22 -0.50 6.50 -4.45
N SER A 23 -0.15 5.37 -5.05
CA SER A 23 -1.08 4.60 -5.85
C SER A 23 -2.26 4.10 -5.00
N LEU A 24 -1.94 3.60 -3.81
CA LEU A 24 -2.95 3.11 -2.89
C LEU A 24 -3.93 4.21 -2.51
N VAL A 25 -3.39 5.36 -2.14
CA VAL A 25 -4.22 6.49 -1.78
C VAL A 25 -5.05 6.93 -2.97
N HIS A 26 -4.38 7.07 -4.11
CA HIS A 26 -5.05 7.48 -5.33
C HIS A 26 -6.31 6.67 -5.54
N ALA A 27 -6.16 5.36 -5.60
CA ALA A 27 -7.29 4.49 -5.92
C ALA A 27 -8.20 4.31 -4.72
N ALA A 28 -7.73 4.71 -3.55
CA ALA A 28 -8.57 4.73 -2.37
C ALA A 28 -9.46 5.95 -2.38
N GLN A 29 -9.02 7.02 -3.06
CA GLN A 29 -9.78 8.26 -3.06
C GLN A 29 -10.15 8.72 -4.47
N CYS A 30 -10.16 7.83 -5.46
CA CYS A 30 -10.57 8.18 -6.79
C CYS A 30 -12.04 8.64 -6.80
N ARG A 31 -12.26 9.92 -6.57
CA ARG A 31 -13.60 10.50 -6.64
C ARG A 31 -13.95 10.86 -8.08
N ASN A 32 -12.93 10.94 -8.92
CA ASN A 32 -13.09 11.22 -10.34
C ASN A 32 -13.77 10.05 -11.04
N ALA A 33 -14.87 10.34 -11.74
CA ALA A 33 -15.56 9.32 -12.52
C ALA A 33 -14.78 8.99 -13.80
N ASN A 34 -13.90 9.90 -14.20
CA ASN A 34 -13.13 9.72 -15.42
C ASN A 34 -11.73 9.19 -15.12
N CYS A 35 -11.50 8.83 -13.87
CA CYS A 35 -10.31 8.10 -13.49
C CYS A 35 -10.12 6.84 -14.35
N SER A 36 -9.21 6.93 -15.34
CA SER A 36 -8.86 5.78 -16.15
C SER A 36 -7.34 5.67 -16.29
N LEU A 37 -6.63 5.96 -15.21
CA LEU A 37 -5.18 5.84 -15.18
C LEU A 37 -4.82 4.36 -14.94
N PRO A 38 -3.77 3.84 -15.60
CA PRO A 38 -3.39 2.42 -15.50
C PRO A 38 -3.35 1.89 -14.06
N SER A 39 -2.50 2.47 -13.22
CA SER A 39 -2.34 2.01 -11.85
C SER A 39 -3.59 2.32 -11.01
N CYS A 40 -4.41 3.23 -11.52
CA CYS A 40 -5.66 3.61 -10.86
C CYS A 40 -6.60 2.43 -10.81
N GLN A 41 -6.83 1.84 -11.96
CA GLN A 41 -7.75 0.72 -12.10
C GLN A 41 -7.18 -0.49 -11.38
N LYS A 42 -5.87 -0.64 -11.41
CA LYS A 42 -5.20 -1.76 -10.79
C LYS A 42 -5.23 -1.64 -9.28
N MET A 43 -4.90 -0.46 -8.77
CA MET A 43 -4.98 -0.21 -7.32
C MET A 43 -6.41 -0.31 -6.84
N LYS A 44 -7.34 0.18 -7.64
CA LYS A 44 -8.72 0.15 -7.22
C LYS A 44 -9.23 -1.28 -7.19
N ARG A 45 -8.56 -2.14 -7.94
CA ARG A 45 -8.90 -3.55 -7.96
C ARG A 45 -8.26 -4.26 -6.77
N VAL A 46 -7.01 -3.91 -6.42
CA VAL A 46 -6.38 -4.47 -5.23
C VAL A 46 -7.15 -4.04 -3.98
N VAL A 47 -7.54 -2.76 -3.95
CA VAL A 47 -8.27 -2.19 -2.83
C VAL A 47 -9.64 -2.85 -2.68
N GLN A 48 -10.47 -2.75 -3.73
CA GLN A 48 -11.83 -3.25 -3.68
C GLN A 48 -11.87 -4.77 -3.44
N HIS A 49 -10.74 -5.42 -3.68
CA HIS A 49 -10.61 -6.83 -3.37
C HIS A 49 -10.54 -7.05 -1.85
N THR A 50 -9.72 -6.24 -1.17
CA THR A 50 -9.57 -6.38 0.28
C THR A 50 -10.90 -6.22 1.00
N LYS A 51 -11.81 -5.51 0.36
CA LYS A 51 -13.16 -5.29 0.87
C LYS A 51 -13.93 -6.61 0.93
N GLY A 52 -13.81 -7.42 -0.13
CA GLY A 52 -14.59 -8.65 -0.21
C GLY A 52 -13.77 -9.90 0.03
N CYS A 53 -12.63 -9.77 0.66
CA CYS A 53 -11.77 -10.91 0.97
C CYS A 53 -12.09 -11.46 2.36
N LYS A 54 -11.82 -12.74 2.57
CA LYS A 54 -12.11 -13.38 3.85
C LYS A 54 -10.85 -13.95 4.49
N ARG A 55 -9.89 -14.34 3.66
CA ARG A 55 -8.59 -14.82 4.13
C ARG A 55 -7.62 -13.65 4.29
N LYS A 56 -8.18 -12.45 4.23
CA LYS A 56 -7.43 -11.20 4.26
C LYS A 56 -6.23 -11.23 5.21
N THR A 57 -6.51 -11.26 6.50
CA THR A 57 -5.47 -11.12 7.50
C THR A 57 -5.17 -12.44 8.24
N ASN A 58 -5.91 -13.48 7.89
CA ASN A 58 -5.82 -14.77 8.56
C ASN A 58 -4.59 -15.56 8.09
N GLY A 59 -3.56 -14.87 7.63
CA GLY A 59 -2.36 -15.52 7.16
C GLY A 59 -2.61 -16.34 5.92
N GLY A 60 -3.35 -15.77 4.99
CA GLY A 60 -3.75 -16.50 3.81
C GLY A 60 -3.55 -15.73 2.52
N CYS A 61 -4.15 -14.55 2.44
CA CYS A 61 -4.10 -13.77 1.22
C CYS A 61 -2.83 -12.94 1.08
N PRO A 62 -2.19 -13.00 -0.10
CA PRO A 62 -1.03 -12.17 -0.41
C PRO A 62 -1.39 -10.70 -0.64
N ILE A 63 -2.39 -10.45 -1.50
CA ILE A 63 -2.81 -9.08 -1.84
C ILE A 63 -3.10 -8.25 -0.62
N CYS A 64 -3.96 -8.76 0.24
CA CYS A 64 -4.39 -8.04 1.41
C CYS A 64 -3.25 -7.87 2.41
N LYS A 65 -2.29 -8.77 2.37
CA LYS A 65 -1.10 -8.65 3.19
C LYS A 65 -0.27 -7.48 2.71
N GLN A 66 -0.01 -7.50 1.43
CA GLN A 66 0.86 -6.51 0.81
C GLN A 66 0.22 -5.13 0.80
N LEU A 67 -1.09 -5.06 0.57
CA LEU A 67 -1.81 -3.80 0.68
C LEU A 67 -1.73 -3.24 2.09
N ILE A 68 -1.72 -4.13 3.07
CA ILE A 68 -1.56 -3.74 4.46
C ILE A 68 -0.20 -3.06 4.64
N ALA A 69 0.81 -3.61 3.99
CA ALA A 69 2.15 -3.07 4.09
C ALA A 69 2.15 -1.61 3.64
N LEU A 70 1.72 -1.37 2.41
CA LEU A 70 1.66 -0.02 1.85
C LEU A 70 0.92 0.93 2.79
N ALA A 71 -0.28 0.54 3.19
CA ALA A 71 -1.10 1.40 4.02
C ALA A 71 -0.47 1.67 5.38
N ALA A 72 0.52 0.86 5.77
CA ALA A 72 1.22 1.06 7.04
C ALA A 72 2.30 2.13 6.92
N TYR A 73 3.12 2.07 5.87
CA TYR A 73 4.10 3.12 5.60
C TYR A 73 3.35 4.43 5.56
N HIS A 74 2.31 4.39 4.75
CA HIS A 74 1.46 5.52 4.53
C HIS A 74 0.75 5.94 5.83
N ALA A 75 0.40 4.95 6.66
CA ALA A 75 -0.33 5.22 7.91
C ALA A 75 0.46 6.16 8.81
N LYS A 76 1.78 5.99 8.81
CA LYS A 76 2.64 6.78 9.68
C LYS A 76 2.86 8.17 9.09
N HIS A 77 2.63 8.30 7.80
CA HIS A 77 2.74 9.60 7.13
C HIS A 77 1.35 10.16 6.82
N CYS A 78 0.36 9.70 7.56
CA CYS A 78 -1.03 10.10 7.32
C CYS A 78 -1.61 10.81 8.54
N GLN A 79 -2.49 11.77 8.30
CA GLN A 79 -3.11 12.53 9.37
C GLN A 79 -4.64 12.33 9.37
N GLU A 80 -5.23 12.17 8.18
CA GLU A 80 -6.67 11.94 8.04
C GLU A 80 -7.15 10.78 8.91
N ASN A 81 -8.14 11.05 9.76
CA ASN A 81 -8.76 10.01 10.55
C ASN A 81 -9.75 9.23 9.69
N LYS A 82 -10.38 9.93 8.76
CA LYS A 82 -11.29 9.30 7.81
C LYS A 82 -10.64 9.22 6.45
N CYS A 83 -9.47 8.61 6.45
CA CYS A 83 -8.70 8.38 5.23
C CYS A 83 -9.40 7.40 4.29
N PRO A 84 -9.25 7.64 2.97
CA PRO A 84 -9.77 6.75 1.93
C PRO A 84 -9.05 5.39 1.91
N VAL A 85 -7.74 5.40 2.15
CA VAL A 85 -6.95 4.18 2.20
C VAL A 85 -7.54 3.17 3.18
N PRO A 86 -7.99 2.02 2.65
CA PRO A 86 -8.67 0.97 3.43
C PRO A 86 -7.87 0.52 4.65
N PHE A 87 -6.72 -0.07 4.39
CA PHE A 87 -5.90 -0.63 5.43
C PHE A 87 -5.23 0.43 6.29
N CYS A 88 -5.30 1.69 5.87
CA CYS A 88 -4.69 2.74 6.64
C CYS A 88 -5.45 2.91 7.92
N LEU A 89 -6.76 3.03 7.81
CA LEU A 89 -7.58 3.24 8.98
C LEU A 89 -7.59 2.03 9.88
N ASN A 90 -7.50 0.84 9.30
CA ASN A 90 -7.44 -0.36 10.11
C ASN A 90 -6.15 -0.37 10.90
N ILE A 91 -5.06 -0.16 10.20
CA ILE A 91 -3.73 -0.15 10.81
C ILE A 91 -3.55 1.06 11.72
N LYS A 92 -3.70 2.23 11.16
CA LYS A 92 -3.39 3.49 11.84
C LYS A 92 -4.21 3.63 13.13
N GLN A 93 -5.41 3.06 13.16
CA GLN A 93 -6.24 3.14 14.37
C GLN A 93 -5.71 2.22 15.46
N LYS A 94 -5.63 0.91 15.17
CA LYS A 94 -5.18 -0.04 16.19
C LYS A 94 -3.65 -0.10 16.31
N GLY A 95 -2.94 -0.08 15.20
CA GLY A 95 -1.49 -0.09 15.21
C GLY A 95 -0.86 -1.45 15.45
N SER A 96 -1.47 -2.25 16.31
CA SER A 96 -0.95 -3.58 16.60
C SER A 96 -1.64 -4.64 15.75
N GLU A 97 -2.97 -4.60 15.73
CA GLU A 97 -3.78 -5.62 15.07
C GLU A 97 -3.42 -5.79 13.59
N PHE A 98 -3.44 -4.68 12.84
CA PHE A 98 -3.24 -4.74 11.39
C PHE A 98 -4.34 -5.61 10.73
N PRO A 99 -5.64 -5.26 10.87
CA PRO A 99 -6.74 -6.08 10.42
C PRO A 99 -7.38 -5.53 9.15
N ALA A 100 -8.58 -6.02 8.84
CA ALA A 100 -9.30 -5.57 7.66
C ALA A 100 -10.75 -5.31 8.00
N GLY A 101 -11.02 -4.12 8.51
CA GLY A 101 -12.39 -3.75 8.85
C GLY A 101 -13.00 -2.87 7.78
N ASN A 102 -13.27 -3.47 6.62
CA ASN A 102 -13.87 -2.75 5.51
C ASN A 102 -15.38 -2.92 5.53
N GLY B 1 5.18 -3.61 14.46
CA GLY B 1 5.46 -4.73 13.52
C GLY B 1 5.20 -4.33 12.08
N MET B 2 6.09 -4.74 11.19
CA MET B 2 5.96 -4.46 9.77
C MET B 2 6.85 -5.38 8.96
N TYR B 3 6.25 -6.11 8.04
CA TYR B 3 7.01 -6.98 7.14
C TYR B 3 7.29 -6.28 5.82
N PRO B 4 8.55 -5.90 5.57
CA PRO B 4 8.93 -5.17 4.37
C PRO B 4 9.15 -6.08 3.17
N ASP B 5 8.13 -6.85 2.85
CA ASP B 5 8.14 -7.72 1.68
C ASP B 5 6.85 -7.54 0.86
N PRO B 6 6.58 -6.30 0.42
CA PRO B 6 5.32 -5.96 -0.22
C PRO B 6 5.32 -6.24 -1.71
N GLY B 7 4.94 -7.45 -2.02
CA GLY B 7 4.90 -7.90 -3.40
C GLY B 7 3.80 -7.24 -4.24
N LEU B 8 3.11 -6.24 -3.70
CA LEU B 8 2.07 -5.54 -4.44
C LEU B 8 2.69 -4.48 -5.35
N LEU B 9 3.86 -3.97 -4.96
CA LEU B 9 4.51 -2.93 -5.75
C LEU B 9 5.13 -3.54 -7.00
N SER B 10 5.48 -4.82 -6.92
CA SER B 10 5.94 -5.56 -8.07
C SER B 10 4.74 -6.17 -8.81
N TYR B 11 3.64 -6.33 -8.07
CA TYR B 11 2.38 -6.79 -8.62
C TYR B 11 1.83 -5.74 -9.58
N ILE B 12 2.08 -4.48 -9.26
CA ILE B 12 1.68 -3.37 -10.11
C ILE B 12 2.87 -2.42 -10.30
N ASN B 13 3.92 -2.93 -10.91
CA ASN B 13 5.12 -2.14 -11.12
C ASN B 13 5.18 -1.58 -12.53
N GLU B 14 5.42 -0.29 -12.64
CA GLU B 14 5.50 0.36 -13.93
C GLU B 14 6.90 0.89 -14.18
N LEU B 15 7.87 -0.02 -14.11
CA LEU B 15 9.25 0.32 -14.30
C LEU B 15 9.84 -0.52 -15.45
N CYS B 16 10.89 -0.01 -16.06
CA CYS B 16 11.55 -0.73 -17.14
C CYS B 16 12.70 -1.56 -16.60
ZN ZN C . -7.33 -10.61 -0.06
ZN ZN D . -8.09 6.86 -9.94
ZN ZN E . -4.19 7.25 5.36
N SER A 1 37.32 7.83 -4.56
CA SER A 1 37.52 7.97 -3.10
C SER A 1 36.25 7.60 -2.35
N GLY A 2 35.09 7.91 -2.94
CA GLY A 2 33.84 7.57 -2.32
C GLY A 2 33.41 6.16 -2.63
N GLY A 3 33.58 5.75 -3.87
CA GLY A 3 33.19 4.42 -4.30
C GLY A 3 32.27 4.48 -5.49
N ARG A 4 30.98 4.45 -5.25
CA ARG A 4 29.99 4.52 -6.31
C ARG A 4 28.67 5.10 -5.79
N ALA A 5 28.15 6.10 -6.50
CA ALA A 5 26.91 6.75 -6.12
C ALA A 5 25.71 5.96 -6.63
N THR A 6 25.66 4.70 -6.26
CA THR A 6 24.61 3.80 -6.70
C THR A 6 23.39 3.89 -5.78
N GLN A 7 22.21 3.72 -6.35
CA GLN A 7 20.99 3.66 -5.55
C GLN A 7 20.92 2.31 -4.86
N SER A 8 20.66 2.34 -3.57
CA SER A 8 20.56 1.12 -2.79
C SER A 8 19.24 0.40 -3.07
N PRO A 9 19.27 -0.94 -3.09
CA PRO A 9 18.06 -1.75 -3.31
C PRO A 9 16.96 -1.40 -2.32
N GLY A 10 17.33 -1.21 -1.07
CA GLY A 10 16.38 -0.81 -0.04
C GLY A 10 15.67 0.46 -0.39
N ASP A 11 16.41 1.43 -0.90
CA ASP A 11 15.85 2.74 -1.23
C ASP A 11 14.97 2.65 -2.47
N SER A 12 15.39 1.85 -3.44
CA SER A 12 14.62 1.70 -4.67
C SER A 12 13.35 0.91 -4.40
N ARG A 13 13.43 -0.01 -3.45
CA ARG A 13 12.27 -0.74 -2.98
C ARG A 13 11.33 0.22 -2.27
N ARG A 14 11.90 1.07 -1.42
CA ARG A 14 11.12 2.05 -0.67
C ARG A 14 10.52 3.08 -1.61
N LEU A 15 11.23 3.35 -2.68
CA LEU A 15 10.79 4.26 -3.72
C LEU A 15 9.58 3.66 -4.45
N SER A 16 9.71 2.38 -4.81
CA SER A 16 8.64 1.63 -5.43
C SER A 16 7.46 1.51 -4.46
N ILE A 17 7.78 1.51 -3.17
CA ILE A 17 6.77 1.53 -2.12
C ILE A 17 5.97 2.81 -2.17
N GLN A 18 6.66 3.95 -2.11
CA GLN A 18 5.99 5.25 -2.18
C GLN A 18 5.17 5.35 -3.45
N ARG A 19 5.70 4.77 -4.52
CA ARG A 19 4.98 4.68 -5.77
C ARG A 19 3.66 3.93 -5.60
N ALA A 20 3.71 2.75 -5.01
CA ALA A 20 2.50 1.95 -4.84
C ALA A 20 1.63 2.52 -3.72
N ILE A 21 2.26 3.27 -2.85
CA ILE A 21 1.57 3.95 -1.76
C ILE A 21 0.69 5.03 -2.31
N GLN A 22 1.31 5.89 -3.09
CA GLN A 22 0.61 6.99 -3.69
C GLN A 22 -0.47 6.44 -4.62
N SER A 23 -0.20 5.25 -5.14
CA SER A 23 -1.15 4.53 -5.97
C SER A 23 -2.34 4.04 -5.15
N LEU A 24 -2.03 3.46 -3.98
CA LEU A 24 -3.04 2.97 -3.05
C LEU A 24 -4.00 4.09 -2.66
N VAL A 25 -3.42 5.22 -2.27
CA VAL A 25 -4.22 6.36 -1.88
C VAL A 25 -5.01 6.87 -3.06
N HIS A 26 -4.34 6.95 -4.21
CA HIS A 26 -4.99 7.40 -5.43
C HIS A 26 -6.22 6.57 -5.71
N ALA A 27 -6.09 5.26 -5.63
CA ALA A 27 -7.22 4.38 -5.88
C ALA A 27 -8.29 4.56 -4.82
N ALA A 28 -7.83 4.70 -3.58
CA ALA A 28 -8.73 4.82 -2.46
C ALA A 28 -9.54 6.11 -2.52
N GLN A 29 -9.00 7.15 -3.15
CA GLN A 29 -9.68 8.44 -3.18
C GLN A 29 -9.95 8.95 -4.60
N CYS A 30 -9.74 8.12 -5.62
CA CYS A 30 -9.89 8.61 -6.98
C CYS A 30 -11.34 8.92 -7.28
N ARG A 31 -11.64 10.20 -7.38
CA ARG A 31 -12.99 10.66 -7.66
C ARG A 31 -13.16 10.99 -9.16
N ASN A 32 -12.06 11.14 -9.87
CA ASN A 32 -12.08 11.50 -11.29
C ASN A 32 -12.71 10.38 -12.11
N ALA A 33 -13.90 10.64 -12.63
CA ALA A 33 -14.61 9.65 -13.44
C ALA A 33 -13.93 9.47 -14.79
N ASN A 34 -13.09 10.42 -15.17
CA ASN A 34 -12.43 10.39 -16.45
C ASN A 34 -11.05 9.73 -16.34
N CYS A 35 -10.56 9.58 -15.11
CA CYS A 35 -9.28 8.92 -14.90
C CYS A 35 -9.34 7.46 -15.32
N SER A 36 -8.74 7.16 -16.45
CA SER A 36 -8.65 5.80 -16.95
C SER A 36 -7.23 5.29 -16.80
N LEU A 37 -6.51 5.86 -15.84
CA LEU A 37 -5.10 5.56 -15.63
C LEU A 37 -4.91 4.07 -15.28
N PRO A 38 -4.05 3.37 -16.02
CA PRO A 38 -3.94 1.91 -15.94
C PRO A 38 -3.76 1.39 -14.52
N SER A 39 -2.78 1.95 -13.82
CA SER A 39 -2.43 1.48 -12.48
C SER A 39 -3.52 1.86 -11.48
N CYS A 40 -4.36 2.83 -11.86
CA CYS A 40 -5.48 3.25 -11.02
C CYS A 40 -6.52 2.15 -10.94
N GLN A 41 -6.86 1.59 -12.10
CA GLN A 41 -7.82 0.51 -12.17
C GLN A 41 -7.23 -0.73 -11.48
N LYS A 42 -5.92 -0.85 -11.58
CA LYS A 42 -5.20 -1.96 -10.97
C LYS A 42 -5.24 -1.83 -9.45
N MET A 43 -4.94 -0.63 -8.96
CA MET A 43 -5.04 -0.33 -7.53
C MET A 43 -6.47 -0.45 -7.03
N LYS A 44 -7.44 -0.03 -7.82
CA LYS A 44 -8.81 -0.15 -7.38
C LYS A 44 -9.22 -1.61 -7.31
N ARG A 45 -8.51 -2.47 -8.04
CA ARG A 45 -8.73 -3.89 -7.96
C ARG A 45 -8.19 -4.41 -6.63
N VAL A 46 -6.94 -4.07 -6.34
CA VAL A 46 -6.32 -4.49 -5.09
C VAL A 46 -7.15 -3.99 -3.89
N VAL A 47 -7.51 -2.71 -3.92
CA VAL A 47 -8.20 -2.07 -2.79
C VAL A 47 -9.60 -2.65 -2.61
N GLN A 48 -10.41 -2.59 -3.66
CA GLN A 48 -11.81 -2.99 -3.56
C GLN A 48 -11.93 -4.48 -3.30
N HIS A 49 -10.83 -5.20 -3.47
CA HIS A 49 -10.80 -6.62 -3.18
C HIS A 49 -10.70 -6.83 -1.67
N THR A 50 -9.85 -6.04 -1.02
CA THR A 50 -9.69 -6.12 0.43
C THR A 50 -11.04 -5.95 1.12
N LYS A 51 -11.89 -5.15 0.50
CA LYS A 51 -13.24 -4.87 0.98
C LYS A 51 -14.05 -6.15 1.13
N GLY A 52 -13.92 -7.06 0.18
CA GLY A 52 -14.72 -8.27 0.20
C GLY A 52 -13.93 -9.52 0.53
N CYS A 53 -12.75 -9.35 1.10
CA CYS A 53 -11.90 -10.49 1.43
C CYS A 53 -12.10 -10.92 2.88
N LYS A 54 -12.04 -12.23 3.13
CA LYS A 54 -12.18 -12.76 4.48
C LYS A 54 -10.85 -13.33 4.98
N ARG A 55 -10.05 -13.84 4.05
CA ARG A 55 -8.74 -14.40 4.40
C ARG A 55 -7.69 -13.30 4.47
N LYS A 56 -8.15 -12.05 4.45
CA LYS A 56 -7.29 -10.87 4.45
C LYS A 56 -6.09 -11.02 5.38
N THR A 57 -6.34 -11.03 6.67
CA THR A 57 -5.27 -11.03 7.65
C THR A 57 -5.12 -12.38 8.35
N ASN A 58 -6.00 -13.32 8.02
CA ASN A 58 -6.02 -14.62 8.71
C ASN A 58 -4.95 -15.57 8.15
N GLY A 59 -3.83 -15.01 7.70
CA GLY A 59 -2.75 -15.82 7.17
C GLY A 59 -3.15 -16.56 5.91
N GLY A 60 -3.82 -15.86 5.01
CA GLY A 60 -4.33 -16.49 3.82
C GLY A 60 -4.02 -15.73 2.56
N CYS A 61 -4.48 -14.49 2.49
CA CYS A 61 -4.42 -13.74 1.25
C CYS A 61 -3.10 -12.96 1.12
N PRO A 62 -2.50 -13.01 -0.08
CA PRO A 62 -1.30 -12.23 -0.41
C PRO A 62 -1.59 -10.76 -0.73
N ILE A 63 -2.61 -10.49 -1.56
CA ILE A 63 -2.96 -9.12 -1.95
C ILE A 63 -3.18 -8.23 -0.74
N CYS A 64 -4.03 -8.69 0.16
CA CYS A 64 -4.38 -7.92 1.35
C CYS A 64 -3.23 -7.85 2.33
N LYS A 65 -2.28 -8.74 2.14
CA LYS A 65 -1.07 -8.75 2.97
C LYS A 65 -0.19 -7.61 2.54
N GLN A 66 0.03 -7.55 1.25
CA GLN A 66 0.90 -6.55 0.66
C GLN A 66 0.25 -5.17 0.74
N LEU A 67 -1.06 -5.11 0.53
CA LEU A 67 -1.79 -3.85 0.66
C LEU A 67 -1.70 -3.31 2.07
N ILE A 68 -1.65 -4.22 3.04
CA ILE A 68 -1.43 -3.84 4.41
C ILE A 68 -0.07 -3.16 4.56
N ALA A 69 0.93 -3.72 3.89
CA ALA A 69 2.26 -3.16 3.95
C ALA A 69 2.25 -1.72 3.47
N LEU A 70 1.81 -1.50 2.23
CA LEU A 70 1.77 -0.16 1.65
C LEU A 70 1.01 0.83 2.53
N ALA A 71 -0.16 0.43 2.99
CA ALA A 71 -0.99 1.29 3.82
C ALA A 71 -0.32 1.57 5.16
N ALA A 72 0.65 0.75 5.56
CA ALA A 72 1.32 0.92 6.84
C ALA A 72 2.39 2.00 6.78
N TYR A 73 3.21 2.00 5.73
CA TYR A 73 4.19 3.08 5.54
C TYR A 73 3.42 4.39 5.56
N HIS A 74 2.42 4.39 4.72
CA HIS A 74 1.51 5.48 4.55
C HIS A 74 0.83 5.86 5.87
N ALA A 75 0.49 4.85 6.67
CA ALA A 75 -0.24 5.05 7.92
C ALA A 75 0.53 5.95 8.88
N LYS A 76 1.84 5.73 8.97
CA LYS A 76 2.70 6.54 9.84
C LYS A 76 2.76 7.98 9.35
N HIS A 77 2.62 8.16 8.04
CA HIS A 77 2.65 9.50 7.45
C HIS A 77 1.23 10.04 7.22
N CYS A 78 0.26 9.45 7.89
CA CYS A 78 -1.13 9.83 7.70
C CYS A 78 -1.80 10.08 9.05
N GLN A 79 -2.46 11.21 9.18
CA GLN A 79 -3.13 11.57 10.42
C GLN A 79 -4.65 11.68 10.20
N GLU A 80 -5.08 11.42 8.97
CA GLU A 80 -6.51 11.44 8.65
C GLU A 80 -7.22 10.29 9.36
N ASN A 81 -8.33 10.61 10.02
CA ASN A 81 -9.10 9.60 10.74
C ASN A 81 -10.10 8.91 9.84
N LYS A 82 -10.49 9.58 8.76
CA LYS A 82 -11.42 9.01 7.81
C LYS A 82 -10.76 8.90 6.44
N CYS A 83 -9.52 8.45 6.45
CA CYS A 83 -8.73 8.25 5.25
C CYS A 83 -9.43 7.31 4.27
N PRO A 84 -9.27 7.58 2.97
CA PRO A 84 -9.78 6.70 1.92
C PRO A 84 -9.08 5.34 1.89
N VAL A 85 -7.75 5.34 2.09
CA VAL A 85 -6.96 4.11 2.12
C VAL A 85 -7.54 3.13 3.15
N PRO A 86 -7.90 1.93 2.68
CA PRO A 86 -8.65 0.95 3.48
C PRO A 86 -7.84 0.42 4.66
N PHE A 87 -6.71 -0.17 4.35
CA PHE A 87 -5.87 -0.75 5.36
C PHE A 87 -5.18 0.31 6.20
N CYS A 88 -5.27 1.57 5.79
CA CYS A 88 -4.68 2.64 6.57
C CYS A 88 -5.44 2.76 7.85
N LEU A 89 -6.75 2.89 7.74
CA LEU A 89 -7.57 3.12 8.90
C LEU A 89 -7.53 1.94 9.87
N ASN A 90 -7.41 0.73 9.34
CA ASN A 90 -7.31 -0.43 10.22
C ASN A 90 -5.95 -0.41 10.95
N ILE A 91 -4.89 -0.27 10.16
CA ILE A 91 -3.54 -0.24 10.69
C ILE A 91 -3.32 0.97 11.60
N LYS A 92 -3.59 2.14 11.05
CA LYS A 92 -3.32 3.40 11.73
C LYS A 92 -4.10 3.50 13.05
N GLN A 93 -5.27 2.85 13.12
CA GLN A 93 -6.02 2.80 14.38
C GLN A 93 -5.26 1.99 15.42
N LYS A 94 -4.60 0.93 14.99
CA LYS A 94 -3.71 0.19 15.89
C LYS A 94 -2.42 0.97 16.11
N GLY A 95 -1.77 1.31 15.00
CA GLY A 95 -0.57 2.13 15.00
C GLY A 95 0.69 1.38 15.40
N SER A 96 0.59 0.51 16.39
CA SER A 96 1.74 -0.23 16.86
C SER A 96 1.81 -1.61 16.20
N GLU A 97 0.68 -2.30 16.16
CA GLU A 97 0.63 -3.66 15.65
C GLU A 97 0.85 -3.71 14.14
N PHE A 98 -0.12 -3.22 13.36
CA PHE A 98 -0.14 -3.40 11.90
C PHE A 98 0.26 -4.83 11.53
N PRO A 99 -0.30 -5.84 12.25
CA PRO A 99 0.27 -7.17 12.32
C PRO A 99 -0.43 -8.16 11.40
N ALA A 100 -0.10 -8.08 10.12
CA ALA A 100 -0.68 -8.98 9.11
C ALA A 100 -0.29 -10.43 9.39
N GLY A 101 -1.23 -11.18 9.96
CA GLY A 101 -0.98 -12.56 10.27
C GLY A 101 -1.69 -13.00 11.52
N ASN A 102 -1.32 -12.42 12.64
CA ASN A 102 -1.95 -12.76 13.91
C ASN A 102 -2.97 -11.70 14.29
N GLY B 1 13.44 -6.33 13.27
CA GLY B 1 12.16 -5.65 12.98
C GLY B 1 11.65 -5.95 11.59
N MET B 2 11.58 -7.23 11.25
CA MET B 2 11.15 -7.66 9.94
C MET B 2 9.62 -7.68 9.86
N TYR B 3 9.09 -7.35 8.69
CA TYR B 3 7.66 -7.29 8.48
C TYR B 3 7.34 -7.83 7.08
N PRO B 4 6.05 -8.04 6.75
CA PRO B 4 5.63 -8.53 5.43
C PRO B 4 6.28 -7.78 4.27
N ASP B 5 6.66 -8.51 3.23
CA ASP B 5 7.29 -7.92 2.06
C ASP B 5 6.21 -7.42 1.12
N PRO B 6 6.23 -6.11 0.82
CA PRO B 6 5.20 -5.46 0.00
C PRO B 6 5.22 -5.90 -1.47
N GLY B 7 4.82 -7.12 -1.70
CA GLY B 7 4.76 -7.65 -3.06
C GLY B 7 3.79 -6.92 -3.97
N LEU B 8 2.98 -6.01 -3.42
CA LEU B 8 2.00 -5.28 -4.20
C LEU B 8 2.69 -4.40 -5.24
N LEU B 9 3.85 -3.84 -4.89
CA LEU B 9 4.58 -2.98 -5.83
C LEU B 9 5.32 -3.83 -6.86
N SER B 10 5.34 -5.14 -6.64
CA SER B 10 5.88 -6.08 -7.60
C SER B 10 4.74 -6.59 -8.49
N TYR B 11 3.54 -6.56 -7.94
CA TYR B 11 2.33 -6.93 -8.67
C TYR B 11 1.92 -5.76 -9.59
N ILE B 12 1.90 -4.57 -9.03
CA ILE B 12 1.56 -3.39 -9.80
C ILE B 12 2.81 -2.58 -10.15
N ASN B 13 3.45 -2.98 -11.24
CA ASN B 13 4.56 -2.22 -11.78
C ASN B 13 4.02 -1.24 -12.79
N GLU B 14 4.78 -0.20 -13.11
CA GLU B 14 4.34 0.80 -14.07
C GLU B 14 4.72 0.37 -15.49
N LEU B 15 4.19 -0.76 -15.91
CA LEU B 15 4.42 -1.28 -17.25
C LEU B 15 3.10 -1.44 -17.98
N CYS B 16 3.17 -1.54 -19.29
CA CYS B 16 1.96 -1.75 -20.09
C CYS B 16 1.75 -3.24 -20.32
ZN ZN C . -7.50 -10.41 0.05
ZN ZN D . -7.63 7.32 -10.86
ZN ZN E . -4.22 7.16 5.36
N SER A 1 33.58 12.99 -7.04
CA SER A 1 33.69 13.33 -5.60
C SER A 1 32.72 12.48 -4.80
N GLY A 2 31.47 12.44 -5.22
CA GLY A 2 30.47 11.65 -4.54
C GLY A 2 29.08 12.03 -4.98
N GLY A 3 28.19 11.04 -5.00
CA GLY A 3 26.83 11.30 -5.42
C GLY A 3 25.97 11.83 -4.29
N ARG A 4 26.40 11.57 -3.05
CA ARG A 4 25.67 11.97 -1.85
C ARG A 4 24.37 11.18 -1.70
N ALA A 5 23.42 11.45 -2.58
CA ALA A 5 22.16 10.74 -2.57
C ALA A 5 22.29 9.45 -3.39
N THR A 6 23.25 8.62 -3.00
CA THR A 6 23.48 7.35 -3.66
C THR A 6 22.33 6.40 -3.42
N GLN A 7 21.86 5.75 -4.47
CA GLN A 7 20.70 4.88 -4.36
C GLN A 7 21.10 3.51 -3.80
N SER A 8 20.48 3.16 -2.69
CA SER A 8 20.64 1.84 -2.10
C SER A 8 19.41 0.99 -2.42
N PRO A 9 19.51 -0.34 -2.34
CA PRO A 9 18.42 -1.22 -2.73
C PRO A 9 17.23 -1.04 -1.80
N GLY A 10 17.52 -0.77 -0.56
CA GLY A 10 16.49 -0.49 0.42
C GLY A 10 15.66 0.72 0.05
N ASP A 11 16.35 1.78 -0.35
CA ASP A 11 15.68 3.04 -0.66
C ASP A 11 14.95 2.96 -1.98
N SER A 12 15.50 2.24 -2.93
CA SER A 12 14.92 2.15 -4.26
C SER A 12 13.68 1.27 -4.22
N ARG A 13 13.71 0.30 -3.32
CA ARG A 13 12.57 -0.55 -3.07
C ARG A 13 11.51 0.23 -2.30
N ARG A 14 11.96 1.04 -1.35
CA ARG A 14 11.08 1.89 -0.56
C ARG A 14 10.46 2.95 -1.45
N LEU A 15 11.20 3.30 -2.50
CA LEU A 15 10.74 4.24 -3.49
C LEU A 15 9.58 3.63 -4.28
N SER A 16 9.72 2.35 -4.63
CA SER A 16 8.66 1.62 -5.30
C SER A 16 7.47 1.46 -4.35
N ILE A 17 7.79 1.32 -3.06
CA ILE A 17 6.77 1.31 -2.01
C ILE A 17 6.01 2.62 -2.01
N GLN A 18 6.74 3.72 -2.02
CA GLN A 18 6.14 5.05 -1.92
C GLN A 18 5.45 5.37 -3.24
N ARG A 19 5.85 4.63 -4.26
CA ARG A 19 5.22 4.71 -5.55
C ARG A 19 3.86 4.01 -5.52
N ALA A 20 3.79 2.84 -4.88
CA ALA A 20 2.54 2.12 -4.78
C ALA A 20 1.76 2.57 -3.54
N ILE A 21 2.42 3.34 -2.71
CA ILE A 21 1.76 4.04 -1.64
C ILE A 21 0.85 5.09 -2.22
N GLN A 22 1.43 5.89 -3.09
CA GLN A 22 0.70 6.91 -3.79
C GLN A 22 -0.39 6.24 -4.63
N SER A 23 -0.05 5.06 -5.17
CA SER A 23 -0.97 4.32 -6.02
C SER A 23 -2.20 3.92 -5.20
N LEU A 24 -1.94 3.48 -3.97
CA LEU A 24 -2.96 3.04 -3.04
C LEU A 24 -3.90 4.19 -2.67
N VAL A 25 -3.33 5.33 -2.31
CA VAL A 25 -4.15 6.47 -1.92
C VAL A 25 -4.97 6.94 -3.10
N HIS A 26 -4.31 7.05 -4.26
CA HIS A 26 -5.00 7.51 -5.45
C HIS A 26 -6.22 6.65 -5.69
N ALA A 27 -6.05 5.33 -5.63
CA ALA A 27 -7.18 4.43 -5.87
C ALA A 27 -8.25 4.62 -4.82
N ALA A 28 -7.83 4.84 -3.59
CA ALA A 28 -8.76 4.98 -2.48
C ALA A 28 -9.59 6.26 -2.62
N GLN A 29 -9.08 7.24 -3.37
CA GLN A 29 -9.82 8.48 -3.57
C GLN A 29 -10.00 8.83 -5.05
N CYS A 30 -9.77 7.88 -5.96
CA CYS A 30 -9.94 8.16 -7.39
C CYS A 30 -11.43 8.19 -7.72
N ARG A 31 -12.06 9.33 -7.43
CA ARG A 31 -13.50 9.47 -7.66
C ARG A 31 -13.74 10.03 -9.07
N ASN A 32 -12.66 10.41 -9.73
CA ASN A 32 -12.74 10.92 -11.09
C ASN A 32 -13.15 9.80 -12.02
N ALA A 33 -14.41 9.81 -12.44
CA ALA A 33 -14.94 8.77 -13.31
C ALA A 33 -14.26 8.80 -14.67
N ASN A 34 -13.68 9.95 -15.00
CA ASN A 34 -13.03 10.13 -16.28
C ASN A 34 -11.57 9.72 -16.20
N CYS A 35 -11.04 9.64 -14.98
CA CYS A 35 -9.68 9.18 -14.77
C CYS A 35 -9.60 7.72 -15.18
N SER A 36 -9.11 7.46 -16.39
CA SER A 36 -8.96 6.11 -16.89
C SER A 36 -7.52 5.68 -16.71
N LEU A 37 -6.91 6.25 -15.69
CA LEU A 37 -5.53 6.00 -15.37
C LEU A 37 -5.37 4.52 -14.97
N PRO A 38 -4.43 3.80 -15.63
CA PRO A 38 -4.27 2.34 -15.49
C PRO A 38 -3.99 1.88 -14.06
N SER A 39 -3.25 2.68 -13.29
CA SER A 39 -2.93 2.30 -11.93
C SER A 39 -4.15 2.43 -11.03
N CYS A 40 -5.09 3.31 -11.40
CA CYS A 40 -6.31 3.47 -10.63
C CYS A 40 -7.16 2.24 -10.79
N GLN A 41 -7.22 1.73 -12.01
CA GLN A 41 -7.96 0.51 -12.30
C GLN A 41 -7.37 -0.65 -11.49
N LYS A 42 -6.07 -0.83 -11.59
CA LYS A 42 -5.39 -1.91 -10.87
C LYS A 42 -5.48 -1.72 -9.36
N MET A 43 -5.13 -0.53 -8.90
CA MET A 43 -5.16 -0.25 -7.47
C MET A 43 -6.57 -0.29 -6.93
N LYS A 44 -7.56 -0.02 -7.75
CA LYS A 44 -8.93 -0.12 -7.30
C LYS A 44 -9.32 -1.59 -7.20
N ARG A 45 -8.72 -2.40 -8.06
CA ARG A 45 -8.96 -3.84 -8.05
C ARG A 45 -8.41 -4.44 -6.77
N VAL A 46 -7.15 -4.13 -6.47
CA VAL A 46 -6.54 -4.58 -5.23
C VAL A 46 -7.36 -4.12 -4.02
N VAL A 47 -7.73 -2.83 -3.99
CA VAL A 47 -8.44 -2.24 -2.86
C VAL A 47 -9.82 -2.87 -2.67
N GLN A 48 -10.62 -2.84 -3.74
CA GLN A 48 -11.99 -3.33 -3.68
C GLN A 48 -12.04 -4.81 -3.32
N HIS A 49 -10.95 -5.50 -3.54
CA HIS A 49 -10.87 -6.91 -3.21
C HIS A 49 -10.76 -7.08 -1.70
N THR A 50 -9.95 -6.25 -1.06
CA THR A 50 -9.77 -6.31 0.39
C THR A 50 -11.10 -6.14 1.10
N LYS A 51 -11.98 -5.36 0.49
CA LYS A 51 -13.32 -5.11 1.02
C LYS A 51 -14.11 -6.40 1.15
N GLY A 52 -13.98 -7.26 0.14
CA GLY A 52 -14.74 -8.50 0.14
C GLY A 52 -13.90 -9.71 0.45
N CYS A 53 -12.78 -9.51 1.13
CA CYS A 53 -11.91 -10.61 1.51
C CYS A 53 -12.07 -10.93 2.99
N LYS A 54 -11.80 -12.18 3.35
CA LYS A 54 -11.93 -12.61 4.74
C LYS A 54 -10.61 -13.18 5.27
N ARG A 55 -9.85 -13.80 4.38
CA ARG A 55 -8.55 -14.36 4.75
C ARG A 55 -7.46 -13.29 4.69
N LYS A 56 -7.88 -12.04 4.52
CA LYS A 56 -6.96 -10.90 4.40
C LYS A 56 -5.77 -10.98 5.36
N THR A 57 -6.05 -10.97 6.64
CA THR A 57 -5.00 -10.91 7.65
C THR A 57 -4.82 -12.22 8.40
N ASN A 58 -5.63 -13.23 8.09
CA ASN A 58 -5.58 -14.51 8.79
C ASN A 58 -4.42 -15.39 8.33
N GLY A 59 -3.33 -14.75 7.90
CA GLY A 59 -2.18 -15.50 7.43
C GLY A 59 -2.50 -16.28 6.17
N GLY A 60 -3.21 -15.65 5.26
CA GLY A 60 -3.66 -16.35 4.07
C GLY A 60 -3.49 -15.52 2.82
N CYS A 61 -4.23 -14.41 2.74
CA CYS A 61 -4.21 -13.59 1.54
C CYS A 61 -2.88 -12.87 1.35
N PRO A 62 -2.33 -12.95 0.11
CA PRO A 62 -1.17 -12.18 -0.29
C PRO A 62 -1.52 -10.72 -0.62
N ILE A 63 -2.53 -10.53 -1.48
CA ILE A 63 -2.95 -9.18 -1.91
C ILE A 63 -3.22 -8.27 -0.73
N CYS A 64 -4.06 -8.72 0.17
CA CYS A 64 -4.46 -7.92 1.31
C CYS A 64 -3.32 -7.74 2.30
N LYS A 65 -2.35 -8.64 2.26
CA LYS A 65 -1.16 -8.50 3.06
C LYS A 65 -0.33 -7.36 2.51
N GLN A 66 -0.11 -7.42 1.22
CA GLN A 66 0.74 -6.44 0.55
C GLN A 66 0.10 -5.06 0.58
N LEU A 67 -1.22 -5.00 0.37
CA LEU A 67 -1.95 -3.75 0.48
C LEU A 67 -1.85 -3.19 1.89
N ILE A 68 -1.80 -4.08 2.86
CA ILE A 68 -1.62 -3.69 4.24
C ILE A 68 -0.24 -3.08 4.42
N ALA A 69 0.75 -3.66 3.77
CA ALA A 69 2.10 -3.15 3.86
C ALA A 69 2.14 -1.69 3.43
N LEU A 70 1.74 -1.44 2.18
CA LEU A 70 1.73 -0.09 1.62
C LEU A 70 0.98 0.89 2.52
N ALA A 71 -0.21 0.49 2.97
CA ALA A 71 -1.03 1.34 3.80
C ALA A 71 -0.38 1.63 5.14
N ALA A 72 0.50 0.74 5.62
CA ALA A 72 1.16 0.93 6.90
C ALA A 72 2.26 2.01 6.84
N TYR A 73 3.09 1.98 5.80
CA TYR A 73 4.11 3.05 5.64
C TYR A 73 3.38 4.37 5.63
N HIS A 74 2.40 4.41 4.75
CA HIS A 74 1.51 5.52 4.58
C HIS A 74 0.77 5.85 5.89
N ALA A 75 0.45 4.82 6.67
CA ALA A 75 -0.33 4.99 7.91
C ALA A 75 0.39 5.88 8.90
N LYS A 76 1.66 5.58 9.15
CA LYS A 76 2.47 6.35 10.10
C LYS A 76 2.58 7.80 9.65
N HIS A 77 2.57 8.01 8.34
CA HIS A 77 2.70 9.35 7.80
C HIS A 77 1.32 9.91 7.41
N CYS A 78 0.27 9.36 8.01
CA CYS A 78 -1.09 9.79 7.68
C CYS A 78 -1.78 10.41 8.88
N GLN A 79 -2.44 11.53 8.65
CA GLN A 79 -3.09 12.28 9.71
C GLN A 79 -4.61 12.09 9.68
N GLU A 80 -5.15 11.92 8.46
CA GLU A 80 -6.60 11.76 8.29
C GLU A 80 -7.18 10.64 9.15
N ASN A 81 -8.18 10.98 9.95
CA ASN A 81 -8.85 10.02 10.80
C ASN A 81 -9.86 9.22 10.00
N LYS A 82 -10.36 9.81 8.92
CA LYS A 82 -11.25 9.11 8.02
C LYS A 82 -10.60 9.00 6.65
N CYS A 83 -9.40 8.43 6.64
CA CYS A 83 -8.64 8.22 5.42
C CYS A 83 -9.36 7.29 4.45
N PRO A 84 -9.25 7.59 3.14
CA PRO A 84 -9.79 6.72 2.08
C PRO A 84 -9.04 5.40 1.97
N VAL A 85 -7.70 5.44 2.10
CA VAL A 85 -6.89 4.23 2.06
C VAL A 85 -7.42 3.16 3.01
N PRO A 86 -7.86 2.03 2.47
CA PRO A 86 -8.62 1.03 3.22
C PRO A 86 -7.89 0.57 4.46
N PHE A 87 -6.78 -0.11 4.22
CA PHE A 87 -6.01 -0.73 5.27
C PHE A 87 -5.31 0.30 6.16
N CYS A 88 -5.17 1.53 5.69
CA CYS A 88 -4.48 2.55 6.47
C CYS A 88 -5.22 2.76 7.76
N LEU A 89 -6.51 2.95 7.64
CA LEU A 89 -7.31 3.25 8.79
C LEU A 89 -7.43 2.03 9.68
N ASN A 90 -7.48 0.85 9.08
CA ASN A 90 -7.52 -0.39 9.86
C ASN A 90 -6.21 -0.57 10.61
N ILE A 91 -5.10 -0.35 9.91
CA ILE A 91 -3.77 -0.46 10.49
C ILE A 91 -3.57 0.56 11.60
N LYS A 92 -3.81 1.83 11.29
CA LYS A 92 -3.64 2.90 12.28
C LYS A 92 -4.50 2.62 13.52
N GLN A 93 -5.68 2.07 13.32
CA GLN A 93 -6.59 1.80 14.43
C GLN A 93 -6.12 0.59 15.22
N LYS A 94 -5.66 -0.45 14.52
CA LYS A 94 -5.14 -1.64 15.17
C LYS A 94 -3.88 -1.31 15.94
N GLY A 95 -2.89 -0.75 15.25
CA GLY A 95 -1.69 -0.26 15.90
C GLY A 95 -0.73 -1.34 16.36
N SER A 96 -1.27 -2.47 16.83
CA SER A 96 -0.47 -3.52 17.42
C SER A 96 -0.06 -4.57 16.38
N GLU A 97 -0.81 -4.63 15.28
CA GLU A 97 -0.61 -5.64 14.23
C GLU A 97 0.86 -5.80 13.84
N PHE A 98 1.45 -4.73 13.31
CA PHE A 98 2.84 -4.79 12.86
C PHE A 98 3.84 -4.94 14.03
N PRO A 99 3.81 -4.06 15.04
CA PRO A 99 4.77 -4.12 16.17
C PRO A 99 4.73 -5.45 16.90
N ALA A 100 3.53 -5.90 17.25
CA ALA A 100 3.36 -7.13 18.00
C ALA A 100 2.88 -8.27 17.11
N GLY A 101 3.57 -8.47 16.01
CA GLY A 101 3.23 -9.53 15.08
C GLY A 101 4.20 -10.69 15.19
N ASN A 102 5.48 -10.37 15.12
CA ASN A 102 6.53 -11.38 15.26
C ASN A 102 7.49 -10.98 16.37
N GLY B 1 10.87 -9.42 13.16
CA GLY B 1 9.62 -8.65 13.31
C GLY B 1 9.42 -7.65 12.18
N MET B 2 8.16 -7.42 11.83
CA MET B 2 7.79 -6.51 10.74
C MET B 2 8.28 -7.04 9.40
N TYR B 3 7.33 -7.54 8.62
CA TYR B 3 7.64 -8.14 7.33
C TYR B 3 7.82 -7.07 6.24
N PRO B 4 9.02 -7.01 5.65
CA PRO B 4 9.30 -6.11 4.54
C PRO B 4 8.96 -6.76 3.21
N ASP B 5 7.74 -7.26 3.12
CA ASP B 5 7.27 -8.00 1.95
C ASP B 5 6.04 -7.34 1.36
N PRO B 6 6.23 -6.34 0.50
CA PRO B 6 5.15 -5.65 -0.19
C PRO B 6 5.04 -6.07 -1.65
N GLY B 7 4.60 -7.28 -1.87
CA GLY B 7 4.48 -7.83 -3.22
C GLY B 7 3.59 -7.02 -4.15
N LEU B 8 2.79 -6.11 -3.59
CA LEU B 8 1.86 -5.32 -4.40
C LEU B 8 2.58 -4.42 -5.39
N LEU B 9 3.73 -3.87 -5.00
CA LEU B 9 4.47 -2.98 -5.90
C LEU B 9 5.17 -3.77 -6.99
N SER B 10 5.20 -5.09 -6.82
CA SER B 10 5.69 -5.98 -7.86
C SER B 10 4.50 -6.48 -8.69
N TYR B 11 3.35 -6.60 -8.03
CA TYR B 11 2.12 -7.02 -8.69
C TYR B 11 1.62 -5.93 -9.63
N ILE B 12 1.88 -4.68 -9.26
CA ILE B 12 1.44 -3.56 -10.08
C ILE B 12 2.60 -2.62 -10.39
N ASN B 13 3.17 -2.79 -11.56
CA ASN B 13 4.13 -1.84 -12.10
C ASN B 13 3.40 -0.91 -13.04
N GLU B 14 3.13 0.30 -12.59
CA GLU B 14 2.31 1.24 -13.33
C GLU B 14 2.89 1.54 -14.72
N LEU B 15 2.16 1.14 -15.75
CA LEU B 15 2.55 1.39 -17.12
C LEU B 15 1.47 2.22 -17.82
N CYS B 16 1.77 2.70 -19.01
CA CYS B 16 0.81 3.49 -19.76
C CYS B 16 0.23 2.67 -20.92
ZN ZN C . -7.52 -10.54 0.12
ZN ZN D . -7.37 7.90 -11.02
ZN ZN E . -4.14 7.10 5.39
N SER A 1 29.21 5.73 -0.56
CA SER A 1 28.01 6.57 -0.69
C SER A 1 28.37 8.06 -0.64
N GLY A 2 28.89 8.57 -1.74
CA GLY A 2 29.28 9.96 -1.80
C GLY A 2 29.45 10.43 -3.22
N GLY A 3 29.38 11.75 -3.42
CA GLY A 3 29.53 12.31 -4.74
C GLY A 3 28.38 13.22 -5.10
N ARG A 4 27.29 12.61 -5.56
CA ARG A 4 26.10 13.36 -5.92
C ARG A 4 24.85 12.54 -5.61
N ALA A 5 24.66 11.46 -6.36
CA ALA A 5 23.46 10.65 -6.24
C ALA A 5 23.80 9.17 -6.15
N THR A 6 23.53 8.57 -5.01
CA THR A 6 23.78 7.15 -4.80
C THR A 6 22.47 6.39 -4.69
N GLN A 7 22.38 5.26 -5.38
CA GLN A 7 21.19 4.44 -5.36
C GLN A 7 21.42 3.22 -4.48
N SER A 8 20.45 2.93 -3.64
CA SER A 8 20.54 1.79 -2.75
C SER A 8 19.38 0.84 -2.96
N PRO A 9 19.60 -0.47 -2.87
CA PRO A 9 18.54 -1.45 -3.06
C PRO A 9 17.34 -1.19 -2.15
N GLY A 10 17.62 -0.98 -0.87
CA GLY A 10 16.58 -0.65 0.07
C GLY A 10 15.80 0.59 -0.33
N ASP A 11 16.53 1.60 -0.77
CA ASP A 11 15.92 2.88 -1.14
C ASP A 11 15.15 2.78 -2.44
N SER A 12 15.64 1.95 -3.35
CA SER A 12 15.00 1.78 -4.64
C SER A 12 13.73 0.94 -4.48
N ARG A 13 13.77 0.04 -3.51
CA ARG A 13 12.62 -0.77 -3.16
C ARG A 13 11.59 0.09 -2.44
N ARG A 14 12.08 0.96 -1.55
CA ARG A 14 11.23 1.90 -0.85
C ARG A 14 10.64 2.91 -1.83
N LEU A 15 11.36 3.18 -2.91
CA LEU A 15 10.88 4.05 -3.96
C LEU A 15 9.70 3.40 -4.68
N SER A 16 9.76 2.08 -4.84
CA SER A 16 8.67 1.32 -5.43
C SER A 16 7.50 1.31 -4.46
N ILE A 17 7.82 1.23 -3.17
CA ILE A 17 6.83 1.35 -2.12
C ILE A 17 6.13 2.69 -2.19
N GLN A 18 6.90 3.75 -2.29
CA GLN A 18 6.35 5.09 -2.24
C GLN A 18 5.57 5.34 -3.52
N ARG A 19 5.87 4.58 -4.54
CA ARG A 19 5.08 4.62 -5.75
C ARG A 19 3.73 3.96 -5.50
N ALA A 20 3.74 2.79 -4.86
CA ALA A 20 2.51 2.07 -4.59
C ALA A 20 1.80 2.68 -3.39
N ILE A 21 2.54 3.49 -2.65
CA ILE A 21 1.96 4.29 -1.59
C ILE A 21 0.98 5.27 -2.20
N GLN A 22 1.49 6.02 -3.14
CA GLN A 22 0.69 6.97 -3.88
C GLN A 22 -0.39 6.21 -4.65
N SER A 23 -0.02 5.04 -5.17
CA SER A 23 -0.92 4.21 -5.96
C SER A 23 -2.17 3.86 -5.15
N LEU A 24 -1.95 3.43 -3.91
CA LEU A 24 -3.00 2.99 -3.03
C LEU A 24 -3.92 4.14 -2.69
N VAL A 25 -3.34 5.27 -2.34
CA VAL A 25 -4.11 6.44 -1.99
C VAL A 25 -4.93 6.93 -3.16
N HIS A 26 -4.31 7.00 -4.35
CA HIS A 26 -5.02 7.44 -5.54
C HIS A 26 -6.32 6.68 -5.69
N ALA A 27 -6.23 5.37 -5.68
CA ALA A 27 -7.40 4.53 -5.95
C ALA A 27 -8.28 4.42 -4.72
N ALA A 28 -7.76 4.85 -3.59
CA ALA A 28 -8.57 4.94 -2.39
C ALA A 28 -9.38 6.23 -2.41
N GLN A 29 -8.84 7.26 -3.06
CA GLN A 29 -9.46 8.56 -3.07
C GLN A 29 -9.74 9.06 -4.49
N CYS A 30 -9.92 8.15 -5.46
CA CYS A 30 -10.25 8.55 -6.80
C CYS A 30 -11.54 9.39 -6.82
N ARG A 31 -11.39 10.69 -6.60
CA ARG A 31 -12.53 11.60 -6.67
C ARG A 31 -12.95 11.74 -8.12
N ASN A 32 -12.00 11.48 -9.00
CA ASN A 32 -12.27 11.36 -10.42
C ASN A 32 -12.82 9.96 -10.67
N ALA A 33 -14.05 9.86 -11.14
CA ALA A 33 -14.62 8.57 -11.46
C ALA A 33 -14.19 8.10 -12.83
N ASN A 34 -13.43 8.94 -13.54
CA ASN A 34 -13.03 8.64 -14.89
C ASN A 34 -11.52 8.45 -15.04
N CYS A 35 -10.74 8.59 -13.95
CA CYS A 35 -9.31 8.32 -14.05
C CYS A 35 -9.05 6.88 -14.50
N SER A 36 -8.65 6.74 -15.75
CA SER A 36 -8.37 5.43 -16.34
C SER A 36 -6.88 5.14 -16.29
N LEU A 37 -6.22 5.79 -15.35
CA LEU A 37 -4.79 5.64 -15.12
C LEU A 37 -4.48 4.16 -14.83
N PRO A 38 -3.38 3.62 -15.37
CA PRO A 38 -3.06 2.18 -15.26
C PRO A 38 -3.15 1.67 -13.83
N SER A 39 -2.39 2.30 -12.94
CA SER A 39 -2.35 1.92 -11.55
C SER A 39 -3.72 2.16 -10.90
N CYS A 40 -4.49 3.10 -11.43
CA CYS A 40 -5.80 3.40 -10.88
C CYS A 40 -6.70 2.19 -10.89
N GLN A 41 -6.84 1.58 -12.05
CA GLN A 41 -7.74 0.44 -12.21
C GLN A 41 -7.20 -0.76 -11.44
N LYS A 42 -5.88 -0.87 -11.40
CA LYS A 42 -5.26 -2.00 -10.73
C LYS A 42 -5.32 -1.85 -9.22
N MET A 43 -4.97 -0.66 -8.73
CA MET A 43 -5.07 -0.37 -7.31
C MET A 43 -6.51 -0.42 -6.84
N LYS A 44 -7.44 0.03 -7.66
CA LYS A 44 -8.84 -0.04 -7.25
C LYS A 44 -9.26 -1.48 -7.12
N ARG A 45 -8.67 -2.34 -7.94
CA ARG A 45 -9.00 -3.75 -7.91
C ARG A 45 -8.36 -4.42 -6.69
N VAL A 46 -7.12 -4.03 -6.35
CA VAL A 46 -6.51 -4.55 -5.12
C VAL A 46 -7.30 -4.06 -3.90
N VAL A 47 -7.69 -2.77 -3.92
CA VAL A 47 -8.42 -2.16 -2.82
C VAL A 47 -9.79 -2.80 -2.64
N GLN A 48 -10.65 -2.66 -3.65
CA GLN A 48 -12.05 -3.11 -3.56
C GLN A 48 -12.10 -4.59 -3.19
N HIS A 49 -11.06 -5.33 -3.56
CA HIS A 49 -10.98 -6.74 -3.23
C HIS A 49 -10.84 -6.93 -1.72
N THR A 50 -9.98 -6.13 -1.08
CA THR A 50 -9.76 -6.27 0.36
C THR A 50 -11.07 -6.09 1.14
N LYS A 51 -11.98 -5.30 0.59
CA LYS A 51 -13.30 -5.10 1.18
C LYS A 51 -14.07 -6.43 1.22
N GLY A 52 -13.91 -7.24 0.18
CA GLY A 52 -14.66 -8.47 0.08
C GLY A 52 -13.83 -9.72 0.27
N CYS A 53 -12.75 -9.62 1.03
CA CYS A 53 -11.91 -10.78 1.31
C CYS A 53 -12.14 -11.31 2.73
N LYS A 54 -11.75 -12.55 2.96
CA LYS A 54 -11.89 -13.19 4.27
C LYS A 54 -10.56 -13.79 4.71
N ARG A 55 -9.76 -14.24 3.74
CA ARG A 55 -8.45 -14.83 4.03
C ARG A 55 -7.36 -13.78 4.11
N LYS A 56 -7.78 -12.51 4.15
CA LYS A 56 -6.86 -11.35 4.13
C LYS A 56 -5.60 -11.58 4.96
N THR A 57 -5.76 -11.68 6.26
CA THR A 57 -4.62 -11.71 7.17
C THR A 57 -4.41 -13.07 7.82
N ASN A 58 -5.29 -14.03 7.55
CA ASN A 58 -5.19 -15.37 8.11
C ASN A 58 -4.09 -16.19 7.42
N GLY A 59 -3.05 -15.50 6.95
CA GLY A 59 -1.95 -16.16 6.28
C GLY A 59 -2.38 -16.85 5.01
N GLY A 60 -3.24 -16.20 4.25
CA GLY A 60 -3.77 -16.80 3.05
C GLY A 60 -3.69 -15.89 1.85
N CYS A 61 -4.28 -14.71 1.96
CA CYS A 61 -4.27 -13.75 0.87
C CYS A 61 -2.91 -13.06 0.70
N PRO A 62 -2.44 -12.94 -0.55
CA PRO A 62 -1.29 -12.11 -0.88
C PRO A 62 -1.67 -10.63 -1.01
N ILE A 63 -2.71 -10.34 -1.80
CA ILE A 63 -3.13 -8.96 -2.07
C ILE A 63 -3.33 -8.15 -0.80
N CYS A 64 -4.19 -8.66 0.06
CA CYS A 64 -4.58 -7.95 1.27
C CYS A 64 -3.41 -7.82 2.23
N LYS A 65 -2.46 -8.74 2.11
CA LYS A 65 -1.26 -8.71 2.92
C LYS A 65 -0.38 -7.55 2.52
N GLN A 66 -0.14 -7.48 1.22
CA GLN A 66 0.79 -6.51 0.69
C GLN A 66 0.16 -5.12 0.69
N LEU A 67 -1.16 -5.05 0.49
CA LEU A 67 -1.88 -3.79 0.59
C LEU A 67 -1.78 -3.25 2.00
N ILE A 68 -1.78 -4.14 2.98
CA ILE A 68 -1.60 -3.77 4.37
C ILE A 68 -0.24 -3.12 4.56
N ALA A 69 0.77 -3.67 3.90
CA ALA A 69 2.10 -3.14 4.00
C ALA A 69 2.13 -1.68 3.55
N LEU A 70 1.70 -1.44 2.31
CA LEU A 70 1.66 -0.08 1.76
C LEU A 70 0.92 0.88 2.68
N ALA A 71 -0.30 0.52 3.06
CA ALA A 71 -1.12 1.40 3.88
C ALA A 71 -0.45 1.69 5.22
N ALA A 72 0.48 0.84 5.65
CA ALA A 72 1.22 1.06 6.89
C ALA A 72 2.32 2.11 6.74
N TYR A 73 3.12 2.03 5.68
CA TYR A 73 4.12 3.10 5.41
C TYR A 73 3.38 4.40 5.38
N HIS A 74 2.34 4.38 4.57
CA HIS A 74 1.48 5.51 4.38
C HIS A 74 0.79 5.92 5.69
N ALA A 75 0.48 4.93 6.54
CA ALA A 75 -0.25 5.18 7.78
C ALA A 75 0.53 6.13 8.70
N LYS A 76 1.82 5.88 8.84
CA LYS A 76 2.67 6.70 9.70
C LYS A 76 2.83 8.09 9.10
N HIS A 77 2.68 8.17 7.78
CA HIS A 77 2.75 9.45 7.08
C HIS A 77 1.33 9.92 6.75
N CYS A 78 0.40 9.66 7.66
CA CYS A 78 -1.00 10.03 7.48
C CYS A 78 -1.63 10.30 8.85
N GLN A 79 -2.53 11.28 8.91
CA GLN A 79 -3.18 11.62 10.16
C GLN A 79 -4.70 11.44 10.08
N GLU A 80 -5.28 11.65 8.90
CA GLU A 80 -6.73 11.56 8.71
C GLU A 80 -7.29 10.23 9.19
N ASN A 81 -8.19 10.30 10.16
CA ASN A 81 -8.85 9.11 10.69
C ASN A 81 -9.90 8.61 9.70
N LYS A 82 -10.40 9.51 8.86
CA LYS A 82 -11.35 9.14 7.83
C LYS A 82 -10.69 9.11 6.45
N CYS A 83 -9.43 8.72 6.45
CA CYS A 83 -8.65 8.53 5.24
C CYS A 83 -9.35 7.59 4.26
N PRO A 84 -9.18 7.84 2.95
CA PRO A 84 -9.69 6.97 1.89
C PRO A 84 -9.01 5.61 1.86
N VAL A 85 -7.70 5.58 2.10
CA VAL A 85 -6.93 4.33 2.12
C VAL A 85 -7.55 3.32 3.11
N PRO A 86 -8.04 2.19 2.58
CA PRO A 86 -8.72 1.16 3.38
C PRO A 86 -7.92 0.73 4.60
N PHE A 87 -6.82 0.06 4.34
CA PHE A 87 -5.99 -0.50 5.40
C PHE A 87 -5.29 0.56 6.23
N CYS A 88 -5.37 1.82 5.82
CA CYS A 88 -4.76 2.88 6.60
C CYS A 88 -5.52 3.06 7.88
N LEU A 89 -6.83 3.11 7.78
CA LEU A 89 -7.68 3.27 8.95
C LEU A 89 -7.63 2.04 9.84
N ASN A 90 -7.54 0.87 9.22
CA ASN A 90 -7.42 -0.37 9.98
C ASN A 90 -6.10 -0.38 10.76
N ILE A 91 -5.04 0.00 10.08
CA ILE A 91 -3.71 0.01 10.67
C ILE A 91 -3.52 1.17 11.66
N LYS A 92 -3.77 2.40 11.21
CA LYS A 92 -3.57 3.58 12.07
C LYS A 92 -4.32 3.44 13.38
N GLN A 93 -5.52 2.88 13.34
CA GLN A 93 -6.34 2.74 14.54
C GLN A 93 -5.79 1.66 15.46
N LYS A 94 -5.50 0.49 14.90
CA LYS A 94 -5.04 -0.63 15.71
C LYS A 94 -3.58 -0.46 16.12
N GLY A 95 -2.71 -0.27 15.15
CA GLY A 95 -1.29 -0.07 15.41
C GLY A 95 -0.56 -1.34 15.85
N SER A 96 -1.23 -2.19 16.60
CA SER A 96 -0.61 -3.39 17.14
C SER A 96 -0.77 -4.57 16.19
N GLU A 97 -1.85 -4.59 15.43
CA GLU A 97 -2.19 -5.73 14.58
C GLU A 97 -1.06 -6.04 13.61
N PHE A 98 -1.00 -5.29 12.51
CA PHE A 98 0.01 -5.48 11.48
C PHE A 98 0.15 -6.97 11.11
N PRO A 99 -0.96 -7.67 10.80
CA PRO A 99 -0.96 -9.11 10.65
C PRO A 99 -0.76 -9.52 9.20
N ALA A 100 0.32 -9.01 8.61
CA ALA A 100 0.61 -9.27 7.22
C ALA A 100 1.21 -10.67 7.03
N GLY A 101 0.41 -11.69 7.30
CA GLY A 101 0.84 -13.05 7.10
C GLY A 101 1.00 -13.81 8.39
N ASN A 102 -0.11 -14.15 9.04
CA ASN A 102 -0.07 -14.96 10.24
C ASN A 102 -0.06 -16.44 9.88
N GLY B 1 12.29 -1.69 3.66
CA GLY B 1 12.12 -0.61 4.66
C GLY B 1 11.08 -0.96 5.70
N MET B 2 11.35 -2.03 6.46
CA MET B 2 10.42 -2.56 7.45
C MET B 2 9.15 -3.09 6.79
N TYR B 3 8.22 -3.56 7.62
CA TYR B 3 6.92 -4.07 7.17
C TYR B 3 7.06 -5.40 6.44
N PRO B 4 6.17 -6.36 6.76
CA PRO B 4 6.26 -7.74 6.30
C PRO B 4 5.89 -7.95 4.83
N ASP B 5 6.83 -7.63 3.94
CA ASP B 5 6.74 -7.99 2.51
C ASP B 5 5.59 -7.30 1.79
N PRO B 6 5.90 -6.22 1.06
CA PRO B 6 4.92 -5.48 0.26
C PRO B 6 4.97 -5.87 -1.22
N GLY B 7 4.67 -7.12 -1.49
CA GLY B 7 4.72 -7.62 -2.86
C GLY B 7 3.75 -6.94 -3.82
N LEU B 8 2.91 -6.04 -3.31
CA LEU B 8 1.92 -5.34 -4.14
C LEU B 8 2.62 -4.46 -5.18
N LEU B 9 3.77 -3.91 -4.82
CA LEU B 9 4.51 -3.05 -5.74
C LEU B 9 5.22 -3.89 -6.80
N SER B 10 5.34 -5.18 -6.54
CA SER B 10 5.86 -6.13 -7.52
C SER B 10 4.70 -6.74 -8.30
N TYR B 11 3.54 -6.76 -7.66
CA TYR B 11 2.31 -7.26 -8.26
C TYR B 11 1.82 -6.29 -9.33
N ILE B 12 1.99 -5.00 -9.06
CA ILE B 12 1.59 -3.97 -10.00
C ILE B 12 2.74 -3.00 -10.25
N ASN B 13 3.57 -3.32 -11.24
CA ASN B 13 4.62 -2.41 -11.67
C ASN B 13 4.14 -1.60 -12.86
N GLU B 14 4.64 -0.39 -13.00
CA GLU B 14 4.27 0.45 -14.13
C GLU B 14 5.26 0.25 -15.26
N LEU B 15 4.97 -0.73 -16.10
CA LEU B 15 5.85 -1.10 -17.18
C LEU B 15 5.11 -1.06 -18.51
N CYS B 16 5.06 0.10 -19.12
CA CYS B 16 4.41 0.26 -20.41
C CYS B 16 5.46 0.59 -21.46
ZN ZN C . -7.59 -10.58 -0.07
ZN ZN D . -8.36 6.63 -10.09
ZN ZN E . -4.15 7.35 5.23
N SER A 1 20.70 2.38 7.96
CA SER A 1 20.17 3.74 7.75
C SER A 1 21.09 4.77 8.40
N GLY A 2 21.07 5.99 7.88
CA GLY A 2 21.91 7.05 8.41
C GLY A 2 23.30 7.05 7.80
N GLY A 3 23.44 6.39 6.65
CA GLY A 3 24.73 6.30 5.99
C GLY A 3 24.83 5.05 5.15
N ARG A 4 24.78 5.21 3.85
CA ARG A 4 24.77 4.08 2.95
C ARG A 4 25.87 4.20 1.89
N ALA A 5 26.09 3.13 1.16
CA ALA A 5 27.03 3.14 0.05
C ALA A 5 26.29 2.81 -1.24
N THR A 6 26.34 3.75 -2.20
CA THR A 6 25.63 3.64 -3.48
C THR A 6 24.11 3.56 -3.29
N GLN A 7 23.36 3.81 -4.36
CA GLN A 7 21.91 3.74 -4.32
C GLN A 7 21.46 2.32 -4.03
N SER A 8 20.95 2.10 -2.83
CA SER A 8 20.62 0.76 -2.37
C SER A 8 19.34 0.26 -3.03
N PRO A 9 19.32 -1.04 -3.40
CA PRO A 9 18.12 -1.70 -3.89
C PRO A 9 16.99 -1.65 -2.87
N GLY A 10 17.39 -1.73 -1.60
CA GLY A 10 16.45 -1.54 -0.51
C GLY A 10 15.71 -0.22 -0.59
N ASP A 11 16.44 0.85 -0.86
CA ASP A 11 15.85 2.17 -0.98
C ASP A 11 15.01 2.27 -2.24
N SER A 12 15.43 1.55 -3.27
CA SER A 12 14.76 1.57 -4.55
C SER A 12 13.46 0.78 -4.47
N ARG A 13 13.46 -0.21 -3.59
CA ARG A 13 12.28 -1.00 -3.29
C ARG A 13 11.31 -0.15 -2.47
N ARG A 14 11.86 0.62 -1.54
CA ARG A 14 11.08 1.52 -0.71
C ARG A 14 10.53 2.66 -1.58
N LEU A 15 11.29 2.98 -2.61
CA LEU A 15 10.90 3.97 -3.60
C LEU A 15 9.66 3.47 -4.35
N SER A 16 9.69 2.20 -4.73
CA SER A 16 8.57 1.57 -5.39
C SER A 16 7.40 1.44 -4.42
N ILE A 17 7.73 1.35 -3.13
CA ILE A 17 6.72 1.38 -2.07
C ILE A 17 5.98 2.70 -2.11
N GLN A 18 6.72 3.80 -2.11
CA GLN A 18 6.10 5.12 -2.16
C GLN A 18 5.26 5.26 -3.41
N ARG A 19 5.66 4.58 -4.48
CA ARG A 19 4.91 4.56 -5.71
C ARG A 19 3.59 3.83 -5.51
N ALA A 20 3.64 2.66 -4.90
CA ALA A 20 2.42 1.88 -4.68
C ALA A 20 1.60 2.48 -3.55
N ILE A 21 2.27 3.23 -2.70
CA ILE A 21 1.62 3.96 -1.63
C ILE A 21 0.76 5.06 -2.21
N GLN A 22 1.39 5.88 -3.03
CA GLN A 22 0.71 6.96 -3.67
C GLN A 22 -0.39 6.40 -4.56
N SER A 23 -0.13 5.21 -5.09
CA SER A 23 -1.09 4.49 -5.91
C SER A 23 -2.27 4.03 -5.07
N LEU A 24 -1.96 3.52 -3.88
CA LEU A 24 -2.97 3.06 -2.95
C LEU A 24 -3.90 4.19 -2.56
N VAL A 25 -3.32 5.33 -2.19
CA VAL A 25 -4.12 6.48 -1.80
C VAL A 25 -4.91 6.97 -2.97
N HIS A 26 -4.22 7.12 -4.11
CA HIS A 26 -4.87 7.58 -5.31
C HIS A 26 -6.06 6.70 -5.63
N ALA A 27 -5.87 5.39 -5.62
CA ALA A 27 -6.96 4.46 -5.89
C ALA A 27 -8.07 4.62 -4.86
N ALA A 28 -7.65 4.78 -3.61
CA ALA A 28 -8.58 4.89 -2.51
C ALA A 28 -9.48 6.13 -2.67
N GLN A 29 -8.99 7.16 -3.34
CA GLN A 29 -9.76 8.38 -3.54
C GLN A 29 -9.91 8.76 -5.02
N CYS A 30 -9.61 7.83 -5.94
CA CYS A 30 -9.74 8.13 -7.37
C CYS A 30 -11.21 8.16 -7.75
N ARG A 31 -11.89 9.25 -7.42
CA ARG A 31 -13.31 9.38 -7.69
C ARG A 31 -13.54 9.98 -9.06
N ASN A 32 -12.46 10.38 -9.71
CA ASN A 32 -12.53 10.97 -11.03
C ASN A 32 -12.97 9.91 -12.04
N ALA A 33 -14.19 10.04 -12.52
CA ALA A 33 -14.75 9.10 -13.48
C ALA A 33 -13.98 9.13 -14.79
N ASN A 34 -13.31 10.25 -15.03
CA ASN A 34 -12.54 10.43 -16.25
C ASN A 34 -11.10 9.98 -16.07
N CYS A 35 -10.70 9.69 -14.84
CA CYS A 35 -9.38 9.16 -14.60
C CYS A 35 -9.40 7.66 -14.89
N SER A 36 -8.99 7.31 -16.10
CA SER A 36 -8.89 5.91 -16.50
C SER A 36 -7.43 5.50 -16.44
N LEU A 37 -6.76 6.11 -15.49
CA LEU A 37 -5.34 5.94 -15.29
C LEU A 37 -5.03 4.48 -14.92
N PRO A 38 -4.07 3.85 -15.61
CA PRO A 38 -3.80 2.41 -15.50
C PRO A 38 -3.71 1.91 -14.05
N SER A 39 -2.86 2.57 -13.26
CA SER A 39 -2.60 2.12 -11.90
C SER A 39 -3.82 2.30 -10.99
N CYS A 40 -4.69 3.27 -11.32
CA CYS A 40 -5.90 3.47 -10.54
C CYS A 40 -6.80 2.26 -10.65
N GLN A 41 -6.91 1.75 -11.87
CA GLN A 41 -7.77 0.61 -12.13
C GLN A 41 -7.26 -0.63 -11.40
N LYS A 42 -5.95 -0.83 -11.44
CA LYS A 42 -5.34 -1.99 -10.81
C LYS A 42 -5.32 -1.84 -9.30
N MET A 43 -4.94 -0.65 -8.83
CA MET A 43 -4.96 -0.35 -7.41
C MET A 43 -6.37 -0.39 -6.86
N LYS A 44 -7.34 0.01 -7.66
CA LYS A 44 -8.72 -0.06 -7.22
C LYS A 44 -9.12 -1.51 -7.03
N ARG A 45 -8.59 -2.35 -7.89
CA ARG A 45 -8.94 -3.76 -7.88
C ARG A 45 -8.27 -4.47 -6.69
N VAL A 46 -7.02 -4.10 -6.38
CA VAL A 46 -6.37 -4.62 -5.18
C VAL A 46 -7.15 -4.15 -3.95
N VAL A 47 -7.56 -2.89 -3.94
CA VAL A 47 -8.32 -2.31 -2.84
C VAL A 47 -9.65 -3.04 -2.64
N GLN A 48 -10.40 -3.19 -3.72
CA GLN A 48 -11.71 -3.82 -3.64
C GLN A 48 -11.60 -5.26 -3.17
N HIS A 49 -10.42 -5.84 -3.33
CA HIS A 49 -10.17 -7.19 -2.85
C HIS A 49 -10.12 -7.21 -1.33
N THR A 50 -9.43 -6.24 -0.74
CA THR A 50 -9.27 -6.20 0.70
C THR A 50 -10.62 -6.07 1.39
N LYS A 51 -11.57 -5.49 0.67
CA LYS A 51 -12.94 -5.35 1.14
C LYS A 51 -13.61 -6.72 1.27
N GLY A 52 -13.47 -7.54 0.24
CA GLY A 52 -14.19 -8.81 0.22
C GLY A 52 -13.40 -9.98 0.80
N CYS A 53 -12.14 -9.76 1.08
CA CYS A 53 -11.26 -10.82 1.55
C CYS A 53 -11.42 -11.06 3.07
N LYS A 54 -11.08 -12.28 3.50
CA LYS A 54 -11.20 -12.66 4.92
C LYS A 54 -9.89 -13.29 5.45
N ARG A 55 -9.26 -14.15 4.65
CA ARG A 55 -8.00 -14.79 5.05
C ARG A 55 -6.82 -13.88 4.76
N LYS A 56 -7.13 -12.64 4.44
CA LYS A 56 -6.16 -11.65 4.00
C LYS A 56 -4.81 -11.74 4.71
N THR A 57 -4.78 -11.40 5.96
CA THR A 57 -3.52 -11.21 6.64
C THR A 57 -3.13 -12.41 7.50
N ASN A 58 -3.96 -13.43 7.50
CA ASN A 58 -3.73 -14.65 8.28
C ASN A 58 -2.58 -15.49 7.70
N GLY A 59 -1.62 -14.82 7.06
CA GLY A 59 -0.45 -15.49 6.52
C GLY A 59 -0.76 -16.41 5.37
N GLY A 60 -1.67 -15.99 4.49
CA GLY A 60 -2.01 -16.80 3.35
C GLY A 60 -2.28 -15.99 2.10
N CYS A 61 -3.32 -15.17 2.15
CA CYS A 61 -3.76 -14.41 0.99
C CYS A 61 -2.86 -13.16 0.79
N PRO A 62 -2.31 -12.97 -0.42
CA PRO A 62 -1.24 -11.99 -0.68
C PRO A 62 -1.67 -10.52 -0.88
N ILE A 63 -2.57 -10.27 -1.84
CA ILE A 63 -2.93 -8.89 -2.28
C ILE A 63 -3.23 -7.98 -1.10
N CYS A 64 -4.08 -8.48 -0.25
CA CYS A 64 -4.58 -7.77 0.90
C CYS A 64 -3.45 -7.47 1.85
N LYS A 65 -2.70 -8.52 2.10
CA LYS A 65 -1.53 -8.47 2.97
C LYS A 65 -0.58 -7.39 2.51
N GLN A 66 -0.31 -7.43 1.23
CA GLN A 66 0.65 -6.51 0.64
C GLN A 66 0.12 -5.08 0.64
N LEU A 67 -1.19 -4.92 0.44
CA LEU A 67 -1.81 -3.61 0.54
C LEU A 67 -1.72 -3.07 1.96
N ILE A 68 -1.79 -3.97 2.93
CA ILE A 68 -1.64 -3.60 4.32
C ILE A 68 -0.25 -3.03 4.55
N ALA A 69 0.72 -3.58 3.83
CA ALA A 69 2.08 -3.09 3.92
C ALA A 69 2.12 -1.63 3.50
N LEU A 70 1.70 -1.36 2.26
CA LEU A 70 1.72 -0.01 1.71
C LEU A 70 0.98 0.96 2.62
N ALA A 71 -0.22 0.58 3.05
CA ALA A 71 -1.04 1.43 3.87
C ALA A 71 -0.38 1.72 5.23
N ALA A 72 0.52 0.85 5.67
CA ALA A 72 1.20 1.02 6.95
C ALA A 72 2.30 2.08 6.89
N TYR A 73 3.13 2.03 5.85
CA TYR A 73 4.16 3.08 5.65
C TYR A 73 3.44 4.41 5.64
N HIS A 74 2.43 4.42 4.78
CA HIS A 74 1.56 5.55 4.61
C HIS A 74 0.86 5.95 5.91
N ALA A 75 0.50 4.96 6.73
CA ALA A 75 -0.25 5.21 7.96
C ALA A 75 0.53 6.13 8.89
N LYS A 76 1.84 5.89 9.01
CA LYS A 76 2.69 6.72 9.85
C LYS A 76 2.81 8.12 9.28
N HIS A 77 2.68 8.22 7.96
CA HIS A 77 2.75 9.51 7.27
C HIS A 77 1.35 10.06 7.01
N CYS A 78 0.39 9.62 7.81
CA CYS A 78 -0.99 10.02 7.62
C CYS A 78 -1.63 10.41 8.96
N GLN A 79 -2.31 11.55 8.97
CA GLN A 79 -2.95 12.05 10.17
C GLN A 79 -4.47 12.06 10.00
N GLU A 80 -4.93 11.56 8.87
CA GLU A 80 -6.37 11.49 8.60
C GLU A 80 -6.96 10.24 9.24
N ASN A 81 -8.08 10.41 9.92
CA ASN A 81 -8.76 9.29 10.57
C ASN A 81 -9.83 8.71 9.66
N LYS A 82 -10.33 9.55 8.74
CA LYS A 82 -11.31 9.11 7.76
C LYS A 82 -10.67 9.05 6.39
N CYS A 83 -9.41 8.63 6.39
CA CYS A 83 -8.63 8.45 5.18
C CYS A 83 -9.31 7.52 4.19
N PRO A 84 -9.17 7.78 2.88
CA PRO A 84 -9.69 6.90 1.84
C PRO A 84 -8.99 5.55 1.81
N VAL A 85 -7.66 5.54 2.06
CA VAL A 85 -6.88 4.31 2.07
C VAL A 85 -7.46 3.27 3.02
N PRO A 86 -7.98 2.17 2.46
CA PRO A 86 -8.70 1.13 3.23
C PRO A 86 -7.95 0.69 4.48
N PHE A 87 -6.85 0.01 4.25
CA PHE A 87 -6.07 -0.57 5.32
C PHE A 87 -5.40 0.47 6.21
N CYS A 88 -5.36 1.73 5.76
CA CYS A 88 -4.75 2.77 6.57
C CYS A 88 -5.54 2.92 7.84
N LEU A 89 -6.84 3.01 7.69
CA LEU A 89 -7.71 3.21 8.83
C LEU A 89 -7.74 1.98 9.71
N ASN A 90 -7.59 0.81 9.12
CA ASN A 90 -7.53 -0.42 9.91
C ASN A 90 -6.22 -0.43 10.71
N ILE A 91 -5.13 -0.21 10.01
CA ILE A 91 -3.80 -0.21 10.63
C ILE A 91 -3.64 0.93 11.62
N LYS A 92 -3.79 2.15 11.11
CA LYS A 92 -3.55 3.36 11.85
C LYS A 92 -4.38 3.43 13.13
N GLN A 93 -5.60 2.90 13.09
CA GLN A 93 -6.45 2.95 14.28
C GLN A 93 -6.00 1.95 15.34
N LYS A 94 -5.65 0.73 14.96
CA LYS A 94 -5.17 -0.23 15.96
C LYS A 94 -3.75 0.10 16.39
N GLY A 95 -2.85 0.37 15.42
CA GLY A 95 -1.48 0.79 15.73
C GLY A 95 -0.61 -0.28 16.40
N SER A 96 -1.19 -1.08 17.27
CA SER A 96 -0.44 -2.05 18.05
C SER A 96 -0.25 -3.36 17.31
N GLU A 97 -1.09 -3.59 16.30
CA GLU A 97 -1.07 -4.84 15.54
C GLU A 97 0.32 -5.19 15.00
N PHE A 98 0.87 -4.34 14.15
CA PHE A 98 2.15 -4.64 13.51
C PHE A 98 3.31 -4.53 14.51
N PRO A 99 3.47 -3.38 15.21
CA PRO A 99 4.46 -3.25 16.30
C PRO A 99 3.94 -3.88 17.58
N ALA A 100 3.62 -5.17 17.52
CA ALA A 100 3.04 -5.90 18.64
C ALA A 100 4.12 -6.32 19.62
N GLY A 101 3.71 -6.61 20.84
CA GLY A 101 4.62 -7.08 21.87
C GLY A 101 4.43 -8.55 22.16
N ASN A 102 5.51 -9.23 22.51
CA ASN A 102 5.45 -10.66 22.81
C ASN A 102 4.77 -10.88 24.15
N GLY B 1 13.66 -11.36 10.43
CA GLY B 1 12.22 -11.12 10.12
C GLY B 1 12.07 -10.48 8.76
N MET B 2 10.83 -10.28 8.34
CA MET B 2 10.56 -9.64 7.06
C MET B 2 9.24 -8.91 7.10
N TYR B 3 9.29 -7.70 7.62
CA TYR B 3 8.12 -6.83 7.68
C TYR B 3 7.87 -6.16 6.33
N PRO B 4 8.88 -5.46 5.75
CA PRO B 4 8.72 -4.78 4.47
C PRO B 4 8.86 -5.74 3.28
N ASP B 5 7.85 -6.59 3.10
CA ASP B 5 7.80 -7.46 1.94
C ASP B 5 6.49 -7.24 1.17
N PRO B 6 6.43 -6.15 0.41
CA PRO B 6 5.22 -5.70 -0.28
C PRO B 6 5.20 -6.11 -1.74
N GLY B 7 4.73 -7.31 -1.96
CA GLY B 7 4.62 -7.85 -3.31
C GLY B 7 3.75 -7.00 -4.23
N LEU B 8 2.88 -6.17 -3.66
CA LEU B 8 1.94 -5.35 -4.43
C LEU B 8 2.66 -4.44 -5.43
N LEU B 9 3.82 -3.91 -5.06
CA LEU B 9 4.53 -2.97 -5.93
C LEU B 9 5.24 -3.71 -7.06
N SER B 10 5.39 -5.02 -6.92
CA SER B 10 5.90 -5.86 -7.99
C SER B 10 4.73 -6.39 -8.80
N TYR B 11 3.61 -6.58 -8.10
CA TYR B 11 2.36 -7.03 -8.69
C TYR B 11 1.86 -6.00 -9.69
N ILE B 12 2.07 -4.72 -9.38
CA ILE B 12 1.71 -3.64 -10.28
C ILE B 12 2.94 -2.85 -10.68
N ASN B 13 3.64 -3.32 -11.71
CA ASN B 13 4.82 -2.63 -12.22
C ASN B 13 4.50 -1.89 -13.50
N GLU B 14 3.35 -1.21 -13.52
CA GLU B 14 2.97 -0.39 -14.66
C GLU B 14 3.62 0.98 -14.55
N LEU B 15 4.94 0.95 -14.41
CA LEU B 15 5.73 2.16 -14.24
C LEU B 15 6.10 2.78 -15.58
N CYS B 16 5.48 2.27 -16.63
CA CYS B 16 5.76 2.71 -17.97
C CYS B 16 4.48 3.22 -18.63
ZN ZN C . -6.87 -11.55 0.28
ZN ZN D . -7.04 7.90 -10.94
ZN ZN E . -4.14 7.30 5.39
N SER A 1 36.04 5.84 -0.55
CA SER A 1 34.64 5.48 -0.81
C SER A 1 33.78 6.73 -0.90
N GLY A 2 32.93 6.78 -1.91
CA GLY A 2 32.08 7.94 -2.09
C GLY A 2 30.99 7.70 -3.12
N GLY A 3 30.44 8.77 -3.64
CA GLY A 3 29.37 8.67 -4.60
C GLY A 3 28.50 9.91 -4.57
N ARG A 4 27.70 10.10 -5.60
CA ARG A 4 26.85 11.26 -5.69
C ARG A 4 25.45 10.91 -6.15
N ALA A 5 24.48 11.13 -5.27
CA ALA A 5 23.06 10.89 -5.56
C ALA A 5 22.83 9.45 -5.99
N THR A 6 23.39 8.52 -5.23
CA THR A 6 23.27 7.11 -5.55
C THR A 6 21.99 6.54 -4.96
N GLN A 7 21.53 5.41 -5.50
CA GLN A 7 20.34 4.76 -5.00
C GLN A 7 20.64 3.33 -4.57
N SER A 8 20.56 3.08 -3.28
CA SER A 8 20.78 1.75 -2.74
C SER A 8 19.56 0.86 -3.01
N PRO A 9 19.71 -0.48 -2.95
CA PRO A 9 18.60 -1.38 -3.24
C PRO A 9 17.38 -1.12 -2.35
N GLY A 10 17.60 -1.07 -1.04
CA GLY A 10 16.53 -0.76 -0.11
C GLY A 10 15.86 0.55 -0.42
N ASP A 11 16.66 1.53 -0.78
CA ASP A 11 16.19 2.88 -1.08
C ASP A 11 15.28 2.87 -2.31
N SER A 12 15.61 2.00 -3.26
CA SER A 12 14.91 1.94 -4.52
C SER A 12 13.64 1.11 -4.35
N ARG A 13 13.73 0.13 -3.47
CA ARG A 13 12.61 -0.70 -3.11
C ARG A 13 11.57 0.14 -2.37
N ARG A 14 12.05 0.97 -1.45
CA ARG A 14 11.18 1.87 -0.71
C ARG A 14 10.59 2.93 -1.62
N LEU A 15 11.33 3.30 -2.66
CA LEU A 15 10.83 4.24 -3.65
C LEU A 15 9.70 3.60 -4.47
N SER A 16 9.79 2.29 -4.68
CA SER A 16 8.74 1.54 -5.33
C SER A 16 7.57 1.39 -4.36
N ILE A 17 7.88 1.40 -3.07
CA ILE A 17 6.87 1.43 -2.03
C ILE A 17 6.05 2.71 -2.13
N GLN A 18 6.73 3.84 -2.16
CA GLN A 18 6.05 5.13 -2.31
C GLN A 18 5.21 5.16 -3.57
N ARG A 19 5.63 4.39 -4.57
CA ARG A 19 4.87 4.22 -5.79
C ARG A 19 3.53 3.54 -5.49
N ALA A 20 3.58 2.37 -4.83
CA ALA A 20 2.37 1.60 -4.58
C ALA A 20 1.60 2.19 -3.39
N ILE A 21 2.27 3.04 -2.64
CA ILE A 21 1.64 3.80 -1.60
C ILE A 21 0.74 4.86 -2.19
N GLN A 22 1.36 5.70 -2.99
CA GLN A 22 0.67 6.82 -3.58
C GLN A 22 -0.47 6.29 -4.45
N SER A 23 -0.24 5.15 -5.07
CA SER A 23 -1.24 4.51 -5.90
C SER A 23 -2.42 4.02 -5.05
N LEU A 24 -2.08 3.48 -3.87
CA LEU A 24 -3.08 2.99 -2.93
C LEU A 24 -4.00 4.11 -2.48
N VAL A 25 -3.40 5.24 -2.13
CA VAL A 25 -4.16 6.39 -1.71
C VAL A 25 -4.98 6.92 -2.86
N HIS A 26 -4.32 7.04 -4.01
CA HIS A 26 -5.00 7.55 -5.18
C HIS A 26 -6.22 6.70 -5.47
N ALA A 27 -6.07 5.39 -5.49
CA ALA A 27 -7.20 4.50 -5.76
C ALA A 27 -8.27 4.68 -4.69
N ALA A 28 -7.82 4.83 -3.46
CA ALA A 28 -8.72 4.96 -2.34
C ALA A 28 -9.55 6.24 -2.42
N GLN A 29 -9.01 7.26 -3.10
CA GLN A 29 -9.73 8.52 -3.24
C GLN A 29 -9.90 8.94 -4.71
N CYS A 30 -9.73 8.00 -5.65
CA CYS A 30 -9.88 8.32 -7.06
C CYS A 30 -11.37 8.44 -7.38
N ARG A 31 -11.93 9.61 -7.10
CA ARG A 31 -13.35 9.85 -7.28
C ARG A 31 -13.62 10.39 -8.67
N ASN A 32 -12.56 10.66 -9.41
CA ASN A 32 -12.66 11.26 -10.72
C ASN A 32 -13.12 10.23 -11.73
N ALA A 33 -14.34 10.41 -12.24
CA ALA A 33 -14.90 9.50 -13.23
C ALA A 33 -14.16 9.63 -14.56
N ASN A 34 -13.49 10.74 -14.75
CA ASN A 34 -12.78 11.01 -15.99
C ASN A 34 -11.35 10.49 -15.92
N CYS A 35 -10.87 10.23 -14.70
CA CYS A 35 -9.55 9.68 -14.48
C CYS A 35 -9.46 8.31 -15.16
N SER A 36 -8.85 8.28 -16.33
CA SER A 36 -8.73 7.06 -17.11
C SER A 36 -7.40 6.37 -16.80
N LEU A 37 -6.87 6.69 -15.64
CA LEU A 37 -5.58 6.20 -15.21
C LEU A 37 -5.62 4.70 -14.85
N PRO A 38 -4.83 3.89 -15.57
CA PRO A 38 -4.78 2.43 -15.39
C PRO A 38 -4.40 2.00 -13.97
N SER A 39 -3.54 2.77 -13.32
CA SER A 39 -3.10 2.41 -11.97
C SER A 39 -4.25 2.56 -10.98
N CYS A 40 -5.16 3.49 -11.28
CA CYS A 40 -6.33 3.69 -10.46
C CYS A 40 -7.23 2.48 -10.54
N GLN A 41 -7.40 1.99 -11.76
CA GLN A 41 -8.25 0.84 -12.01
C GLN A 41 -7.64 -0.41 -11.36
N LYS A 42 -6.32 -0.53 -11.45
CA LYS A 42 -5.62 -1.68 -10.90
C LYS A 42 -5.55 -1.62 -9.39
N MET A 43 -5.19 -0.46 -8.86
CA MET A 43 -5.19 -0.24 -7.43
C MET A 43 -6.60 -0.33 -6.84
N LYS A 44 -7.59 0.04 -7.61
CA LYS A 44 -8.96 -0.11 -7.14
C LYS A 44 -9.31 -1.58 -7.07
N ARG A 45 -8.71 -2.37 -7.96
CA ARG A 45 -8.91 -3.82 -7.95
C ARG A 45 -8.35 -4.42 -6.68
N VAL A 46 -7.08 -4.11 -6.38
CA VAL A 46 -6.48 -4.56 -5.14
C VAL A 46 -7.32 -4.10 -3.93
N VAL A 47 -7.71 -2.81 -3.92
CA VAL A 47 -8.45 -2.23 -2.80
C VAL A 47 -9.82 -2.88 -2.65
N GLN A 48 -10.63 -2.80 -3.70
CA GLN A 48 -12.02 -3.27 -3.65
C GLN A 48 -12.08 -4.77 -3.39
N HIS A 49 -10.95 -5.44 -3.54
CA HIS A 49 -10.87 -6.85 -3.24
C HIS A 49 -10.78 -7.06 -1.72
N THR A 50 -9.96 -6.25 -1.07
CA THR A 50 -9.82 -6.33 0.39
C THR A 50 -11.17 -6.16 1.07
N LYS A 51 -12.03 -5.39 0.44
CA LYS A 51 -13.40 -5.17 0.91
C LYS A 51 -14.16 -6.49 1.00
N GLY A 52 -13.99 -7.33 0.00
CA GLY A 52 -14.73 -8.58 -0.04
C GLY A 52 -13.85 -9.81 0.19
N CYS A 53 -12.79 -9.64 0.97
CA CYS A 53 -11.91 -10.74 1.31
C CYS A 53 -12.21 -11.24 2.72
N LYS A 54 -11.81 -12.48 3.01
CA LYS A 54 -12.01 -13.07 4.33
C LYS A 54 -10.70 -13.56 4.92
N ARG A 55 -9.80 -14.01 4.05
CA ARG A 55 -8.48 -14.48 4.47
C ARG A 55 -7.49 -13.32 4.54
N LYS A 56 -8.03 -12.11 4.43
CA LYS A 56 -7.24 -10.88 4.37
C LYS A 56 -6.08 -10.84 5.38
N THR A 57 -6.40 -10.74 6.65
CA THR A 57 -5.39 -10.42 7.65
C THR A 57 -4.99 -11.59 8.55
N ASN A 58 -5.63 -12.74 8.39
CA ASN A 58 -5.30 -13.90 9.22
C ASN A 58 -4.08 -14.66 8.69
N GLY A 59 -3.22 -13.95 7.97
CA GLY A 59 -2.03 -14.58 7.41
C GLY A 59 -2.36 -15.55 6.30
N GLY A 60 -3.24 -15.14 5.41
CA GLY A 60 -3.66 -16.03 4.34
C GLY A 60 -3.55 -15.38 2.97
N CYS A 61 -4.23 -14.25 2.81
CA CYS A 61 -4.26 -13.57 1.52
C CYS A 61 -2.90 -13.01 1.11
N PRO A 62 -2.57 -13.10 -0.20
CA PRO A 62 -1.44 -12.39 -0.79
C PRO A 62 -1.74 -10.89 -0.97
N ILE A 63 -2.71 -10.55 -1.82
CA ILE A 63 -3.00 -9.14 -2.14
C ILE A 63 -3.16 -8.29 -0.89
N CYS A 64 -3.99 -8.75 0.03
CA CYS A 64 -4.28 -8.01 1.25
C CYS A 64 -3.06 -7.93 2.17
N LYS A 65 -2.12 -8.82 1.95
CA LYS A 65 -0.85 -8.78 2.67
C LYS A 65 -0.09 -7.53 2.27
N GLN A 66 0.13 -7.41 0.98
CA GLN A 66 0.91 -6.32 0.45
C GLN A 66 0.16 -4.99 0.50
N LEU A 67 -1.15 -5.03 0.38
CA LEU A 67 -1.94 -3.81 0.56
C LEU A 67 -1.85 -3.33 2.00
N ILE A 68 -1.69 -4.28 2.92
CA ILE A 68 -1.44 -3.97 4.31
C ILE A 68 -0.09 -3.28 4.44
N ALA A 69 0.89 -3.78 3.71
CA ALA A 69 2.22 -3.21 3.79
C ALA A 69 2.19 -1.74 3.42
N LEU A 70 1.80 -1.44 2.19
CA LEU A 70 1.81 -0.08 1.67
C LEU A 70 1.02 0.87 2.59
N ALA A 71 -0.15 0.45 3.01
CA ALA A 71 -1.01 1.30 3.83
C ALA A 71 -0.37 1.63 5.17
N ALA A 72 0.48 0.75 5.70
CA ALA A 72 1.15 0.99 6.98
C ALA A 72 2.27 2.03 6.88
N TYR A 73 3.11 1.96 5.83
CA TYR A 73 4.13 3.02 5.64
C TYR A 73 3.41 4.35 5.61
N HIS A 74 2.42 4.35 4.76
CA HIS A 74 1.53 5.47 4.56
C HIS A 74 0.81 5.84 5.86
N ALA A 75 0.43 4.84 6.64
CA ALA A 75 -0.35 5.04 7.86
C ALA A 75 0.41 5.93 8.84
N LYS A 76 1.73 5.80 8.85
CA LYS A 76 2.57 6.59 9.75
C LYS A 76 2.67 8.02 9.24
N HIS A 77 2.63 8.16 7.93
CA HIS A 77 2.73 9.46 7.29
C HIS A 77 1.35 10.01 6.95
N CYS A 78 0.34 9.58 7.70
CA CYS A 78 -1.04 9.97 7.43
C CYS A 78 -1.73 10.46 8.70
N GLN A 79 -2.36 11.63 8.60
CA GLN A 79 -3.01 12.26 9.73
C GLN A 79 -4.53 12.14 9.63
N GLU A 80 -5.03 11.75 8.47
CA GLU A 80 -6.47 11.62 8.25
C GLU A 80 -7.04 10.40 8.98
N ASN A 81 -7.93 10.65 9.93
CA ASN A 81 -8.57 9.58 10.67
C ASN A 81 -9.63 8.90 9.82
N LYS A 82 -10.21 9.64 8.89
CA LYS A 82 -11.19 9.09 7.97
C LYS A 82 -10.58 8.99 6.57
N CYS A 83 -9.34 8.54 6.54
CA CYS A 83 -8.60 8.32 5.31
C CYS A 83 -9.34 7.38 4.36
N PRO A 84 -9.21 7.63 3.05
CA PRO A 84 -9.75 6.76 2.01
C PRO A 84 -9.05 5.40 1.96
N VAL A 85 -7.72 5.38 2.16
CA VAL A 85 -6.94 4.14 2.15
C VAL A 85 -7.54 3.13 3.15
N PRO A 86 -7.97 1.98 2.60
CA PRO A 86 -8.76 0.98 3.34
C PRO A 86 -7.99 0.40 4.53
N PHE A 87 -6.79 -0.05 4.26
CA PHE A 87 -5.98 -0.67 5.28
C PHE A 87 -5.27 0.36 6.14
N CYS A 88 -5.30 1.63 5.73
CA CYS A 88 -4.65 2.67 6.52
C CYS A 88 -5.35 2.81 7.84
N LEU A 89 -6.66 2.89 7.77
CA LEU A 89 -7.46 3.04 8.97
C LEU A 89 -7.45 1.76 9.78
N ASN A 90 -7.54 0.63 9.10
CA ASN A 90 -7.49 -0.67 9.77
C ASN A 90 -6.15 -0.82 10.52
N ILE A 91 -5.07 -0.46 9.84
CA ILE A 91 -3.73 -0.57 10.39
C ILE A 91 -3.48 0.44 11.51
N LYS A 92 -3.75 1.71 11.24
CA LYS A 92 -3.56 2.75 12.27
C LYS A 92 -4.37 2.42 13.52
N GLN A 93 -5.55 1.84 13.35
CA GLN A 93 -6.41 1.48 14.47
C GLN A 93 -5.84 0.30 15.24
N LYS A 94 -5.10 -0.56 14.54
CA LYS A 94 -4.38 -1.64 15.19
C LYS A 94 -3.40 -1.09 16.20
N GLY A 95 -2.56 -0.17 15.76
CA GLY A 95 -1.64 0.51 16.65
C GLY A 95 -0.48 -0.36 17.10
N SER A 96 -0.75 -1.64 17.30
CA SER A 96 0.26 -2.63 17.69
C SER A 96 1.26 -2.85 16.56
N GLU A 97 0.85 -2.51 15.35
CA GLU A 97 1.70 -2.64 14.16
C GLU A 97 3.04 -1.92 14.32
N PHE A 98 3.00 -0.59 14.46
CA PHE A 98 4.21 0.22 14.52
C PHE A 98 4.13 1.26 15.66
N PRO A 99 3.87 0.82 16.91
CA PRO A 99 3.83 1.72 18.07
C PRO A 99 5.23 2.19 18.49
N ALA A 100 6.07 2.47 17.49
CA ALA A 100 7.44 2.86 17.72
C ALA A 100 7.54 4.33 18.11
N GLY A 101 7.29 4.61 19.38
CA GLY A 101 7.41 5.95 19.88
C GLY A 101 8.84 6.28 20.25
N ASN A 102 9.41 5.47 21.12
CA ASN A 102 10.80 5.63 21.53
C ASN A 102 11.46 4.28 21.69
N GLY B 1 5.85 -13.65 10.70
CA GLY B 1 5.88 -14.12 9.29
C GLY B 1 6.62 -13.15 8.40
N MET B 2 6.14 -13.00 7.17
CA MET B 2 6.75 -12.06 6.24
C MET B 2 5.90 -10.80 6.16
N TYR B 3 6.35 -9.77 6.86
CA TYR B 3 5.58 -8.54 6.97
C TYR B 3 5.99 -7.52 5.91
N PRO B 4 7.27 -7.07 5.89
CA PRO B 4 7.73 -6.05 4.93
C PRO B 4 7.93 -6.63 3.53
N ASP B 5 6.93 -7.37 3.09
CA ASP B 5 6.94 -7.99 1.78
C ASP B 5 5.81 -7.41 0.95
N PRO B 6 6.07 -6.31 0.24
CA PRO B 6 5.10 -5.59 -0.54
C PRO B 6 5.16 -5.93 -2.01
N GLY B 7 4.80 -7.14 -2.34
CA GLY B 7 4.73 -7.58 -3.73
C GLY B 7 3.76 -6.76 -4.57
N LEU B 8 2.97 -5.91 -3.93
CA LEU B 8 1.99 -5.07 -4.63
C LEU B 8 2.70 -4.10 -5.58
N LEU B 9 3.86 -3.58 -5.16
CA LEU B 9 4.59 -2.63 -6.01
C LEU B 9 5.23 -3.36 -7.19
N SER B 10 5.42 -4.66 -7.06
CA SER B 10 5.89 -5.48 -8.16
C SER B 10 4.71 -6.08 -8.93
N TYR B 11 3.51 -5.88 -8.39
CA TYR B 11 2.28 -6.39 -8.98
C TYR B 11 1.68 -5.31 -9.87
N ILE B 12 1.82 -4.07 -9.42
CA ILE B 12 1.32 -2.91 -10.15
C ILE B 12 2.43 -1.87 -10.30
N ASN B 13 3.06 -1.84 -11.46
CA ASN B 13 4.08 -0.85 -11.73
C ASN B 13 3.50 0.21 -12.67
N GLU B 14 3.79 1.47 -12.40
CA GLU B 14 3.31 2.56 -13.24
C GLU B 14 4.16 2.68 -14.50
N LEU B 15 4.01 1.71 -15.38
CA LEU B 15 4.76 1.68 -16.63
C LEU B 15 3.90 2.13 -17.80
N CYS B 16 4.50 2.20 -18.97
CA CYS B 16 3.77 2.59 -20.17
C CYS B 16 3.95 1.53 -21.26
ZN ZN C . -7.47 -10.49 0.12
ZN ZN D . -7.40 8.11 -10.69
ZN ZN E . -4.14 7.18 5.30
N SER A 1 16.61 15.82 -5.37
CA SER A 1 17.46 14.73 -5.86
C SER A 1 17.91 14.99 -7.28
N GLY A 2 19.23 15.02 -7.49
CA GLY A 2 19.76 15.27 -8.81
C GLY A 2 20.48 14.08 -9.37
N GLY A 3 21.14 13.32 -8.49
CA GLY A 3 21.85 12.13 -8.92
C GLY A 3 23.11 11.91 -8.11
N ARG A 4 23.02 12.12 -6.80
CA ARG A 4 24.17 11.97 -5.92
C ARG A 4 23.89 10.97 -4.80
N ALA A 5 22.75 10.30 -4.89
CA ALA A 5 22.38 9.30 -3.91
C ALA A 5 22.47 7.90 -4.53
N THR A 6 22.99 6.96 -3.77
CA THR A 6 23.15 5.59 -4.25
C THR A 6 21.84 4.83 -4.19
N GLN A 7 21.44 4.26 -5.32
CA GLN A 7 20.20 3.52 -5.42
C GLN A 7 20.41 2.07 -5.03
N SER A 8 20.06 1.75 -3.81
CA SER A 8 20.21 0.39 -3.31
C SER A 8 18.94 -0.41 -3.53
N PRO A 9 19.02 -1.74 -3.62
CA PRO A 9 17.84 -2.59 -3.84
C PRO A 9 16.75 -2.35 -2.80
N GLY A 10 17.16 -2.30 -1.53
CA GLY A 10 16.24 -2.02 -0.46
C GLY A 10 15.54 -0.69 -0.63
N ASP A 11 16.31 0.31 -1.04
CA ASP A 11 15.80 1.67 -1.20
C ASP A 11 14.91 1.77 -2.42
N SER A 12 15.26 1.05 -3.48
CA SER A 12 14.47 1.05 -4.71
C SER A 12 13.15 0.35 -4.46
N ARG A 13 13.19 -0.65 -3.61
CA ARG A 13 11.98 -1.33 -3.16
C ARG A 13 11.11 -0.37 -2.37
N ARG A 14 11.75 0.37 -1.46
CA ARG A 14 11.06 1.34 -0.63
C ARG A 14 10.56 2.51 -1.48
N LEU A 15 11.28 2.78 -2.55
CA LEU A 15 10.92 3.81 -3.51
C LEU A 15 9.67 3.39 -4.27
N SER A 16 9.67 2.13 -4.72
CA SER A 16 8.51 1.57 -5.40
C SER A 16 7.34 1.52 -4.42
N ILE A 17 7.66 1.32 -3.15
CA ILE A 17 6.68 1.39 -2.08
C ILE A 17 6.01 2.75 -2.05
N GLN A 18 6.80 3.81 -2.03
CA GLN A 18 6.25 5.15 -1.96
C GLN A 18 5.36 5.43 -3.16
N ARG A 19 5.68 4.81 -4.29
CA ARG A 19 4.89 4.97 -5.48
C ARG A 19 3.59 4.18 -5.38
N ALA A 20 3.63 2.96 -4.84
CA ALA A 20 2.42 2.18 -4.69
C ALA A 20 1.69 2.57 -3.42
N ILE A 21 2.35 3.34 -2.60
CA ILE A 21 1.72 4.03 -1.51
C ILE A 21 0.77 5.05 -2.06
N GLN A 22 1.29 5.86 -2.95
CA GLN A 22 0.52 6.88 -3.60
C GLN A 22 -0.55 6.20 -4.45
N SER A 23 -0.20 5.04 -5.01
CA SER A 23 -1.11 4.27 -5.85
C SER A 23 -2.33 3.86 -5.03
N LEU A 24 -2.06 3.38 -3.82
CA LEU A 24 -3.10 2.94 -2.90
C LEU A 24 -4.01 4.08 -2.50
N VAL A 25 -3.43 5.21 -2.11
CA VAL A 25 -4.22 6.36 -1.72
C VAL A 25 -5.04 6.85 -2.89
N HIS A 26 -4.38 7.01 -4.03
CA HIS A 26 -5.05 7.50 -5.20
C HIS A 26 -6.23 6.59 -5.52
N ALA A 27 -6.00 5.29 -5.55
CA ALA A 27 -7.08 4.35 -5.85
C ALA A 27 -8.20 4.46 -4.82
N ALA A 28 -7.81 4.62 -3.56
CA ALA A 28 -8.76 4.74 -2.47
C ALA A 28 -9.66 5.95 -2.64
N GLN A 29 -9.15 7.00 -3.26
CA GLN A 29 -9.93 8.23 -3.45
C GLN A 29 -10.05 8.64 -4.93
N CYS A 30 -9.81 7.72 -5.86
CA CYS A 30 -9.90 8.06 -7.29
C CYS A 30 -11.38 8.16 -7.68
N ARG A 31 -11.99 9.29 -7.34
CA ARG A 31 -13.42 9.50 -7.55
C ARG A 31 -13.68 10.11 -8.92
N ASN A 32 -12.62 10.38 -9.64
CA ASN A 32 -12.71 11.00 -10.95
C ASN A 32 -13.19 9.99 -11.97
N ALA A 33 -14.39 10.20 -12.49
CA ALA A 33 -14.97 9.29 -13.46
C ALA A 33 -14.25 9.40 -14.81
N ASN A 34 -13.43 10.43 -14.95
CA ASN A 34 -12.69 10.66 -16.17
C ASN A 34 -11.22 10.30 -15.99
N CYS A 35 -10.83 9.88 -14.79
CA CYS A 35 -9.48 9.45 -14.55
C CYS A 35 -9.29 8.05 -15.13
N SER A 36 -8.73 7.98 -16.33
CA SER A 36 -8.49 6.72 -16.99
C SER A 36 -7.07 6.25 -16.70
N LEU A 37 -6.59 6.68 -15.55
CA LEU A 37 -5.24 6.42 -15.12
C LEU A 37 -5.07 4.91 -14.79
N PRO A 38 -3.99 4.30 -15.34
CA PRO A 38 -3.78 2.83 -15.32
C PRO A 38 -3.64 2.25 -13.91
N SER A 39 -2.91 2.92 -13.05
CA SER A 39 -2.67 2.40 -11.72
C SER A 39 -3.91 2.56 -10.84
N CYS A 40 -4.81 3.47 -11.25
CA CYS A 40 -6.06 3.64 -10.53
C CYS A 40 -6.93 2.42 -10.73
N GLN A 41 -7.00 1.98 -11.97
CA GLN A 41 -7.81 0.83 -12.33
C GLN A 41 -7.26 -0.42 -11.63
N LYS A 42 -5.95 -0.61 -11.73
CA LYS A 42 -5.30 -1.78 -11.17
C LYS A 42 -5.30 -1.74 -9.65
N MET A 43 -4.97 -0.60 -9.06
CA MET A 43 -5.02 -0.45 -7.60
C MET A 43 -6.45 -0.53 -7.08
N LYS A 44 -7.41 -0.08 -7.87
CA LYS A 44 -8.80 -0.16 -7.43
C LYS A 44 -9.20 -1.62 -7.32
N ARG A 45 -8.60 -2.45 -8.16
CA ARG A 45 -8.85 -3.88 -8.15
C ARG A 45 -8.33 -4.49 -6.86
N VAL A 46 -7.06 -4.22 -6.53
CA VAL A 46 -6.50 -4.71 -5.27
C VAL A 46 -7.32 -4.19 -4.09
N VAL A 47 -7.64 -2.89 -4.11
CA VAL A 47 -8.33 -2.25 -3.00
C VAL A 47 -9.72 -2.84 -2.78
N GLN A 48 -10.53 -2.84 -3.83
CA GLN A 48 -11.92 -3.29 -3.74
C GLN A 48 -12.00 -4.76 -3.38
N HIS A 49 -10.90 -5.47 -3.54
CA HIS A 49 -10.84 -6.87 -3.15
C HIS A 49 -10.68 -6.98 -1.64
N THR A 50 -9.84 -6.12 -1.05
CA THR A 50 -9.63 -6.13 0.40
C THR A 50 -10.94 -5.91 1.13
N LYS A 51 -11.86 -5.22 0.46
CA LYS A 51 -13.18 -4.94 0.99
C LYS A 51 -13.95 -6.23 1.27
N GLY A 52 -13.89 -7.16 0.31
CA GLY A 52 -14.68 -8.38 0.44
C GLY A 52 -13.86 -9.62 0.74
N CYS A 53 -12.65 -9.42 1.26
CA CYS A 53 -11.80 -10.55 1.61
C CYS A 53 -12.04 -10.99 3.05
N LYS A 54 -11.89 -12.27 3.32
CA LYS A 54 -12.09 -12.80 4.65
C LYS A 54 -10.78 -13.32 5.24
N ARG A 55 -9.94 -13.89 4.39
CA ARG A 55 -8.63 -14.39 4.81
C ARG A 55 -7.61 -13.25 4.82
N LYS A 56 -8.12 -12.02 4.70
CA LYS A 56 -7.30 -10.82 4.59
C LYS A 56 -6.06 -10.85 5.48
N THR A 57 -6.27 -10.77 6.77
CA THR A 57 -5.17 -10.67 7.72
C THR A 57 -4.92 -11.97 8.45
N ASN A 58 -5.71 -12.99 8.12
CA ASN A 58 -5.63 -14.29 8.76
C ASN A 58 -4.36 -15.05 8.35
N GLY A 59 -3.33 -14.32 7.95
CA GLY A 59 -2.10 -14.94 7.49
C GLY A 59 -2.33 -15.81 6.27
N GLY A 60 -3.13 -15.31 5.34
CA GLY A 60 -3.52 -16.10 4.20
C GLY A 60 -3.38 -15.37 2.88
N CYS A 61 -4.06 -14.24 2.74
CA CYS A 61 -4.13 -13.56 1.47
C CYS A 61 -2.88 -12.72 1.18
N PRO A 62 -2.26 -12.92 0.00
CA PRO A 62 -1.13 -12.11 -0.48
C PRO A 62 -1.54 -10.67 -0.79
N ILE A 63 -2.59 -10.47 -1.60
CA ILE A 63 -3.00 -9.13 -2.00
C ILE A 63 -3.20 -8.20 -0.80
N CYS A 64 -4.03 -8.66 0.13
CA CYS A 64 -4.36 -7.86 1.31
C CYS A 64 -3.18 -7.73 2.25
N LYS A 65 -2.26 -8.68 2.17
CA LYS A 65 -1.02 -8.62 2.96
C LYS A 65 -0.19 -7.43 2.50
N GLN A 66 -0.02 -7.35 1.20
CA GLN A 66 0.91 -6.43 0.60
C GLN A 66 0.28 -5.05 0.43
N LEU A 67 -1.04 -5.01 0.24
CA LEU A 67 -1.77 -3.75 0.29
C LEU A 67 -1.69 -3.17 1.70
N ILE A 68 -1.71 -4.05 2.69
CA ILE A 68 -1.55 -3.65 4.07
C ILE A 68 -0.20 -2.97 4.23
N ALA A 69 0.82 -3.54 3.60
CA ALA A 69 2.15 -2.99 3.70
C ALA A 69 2.16 -1.52 3.31
N LEU A 70 1.72 -1.23 2.08
CA LEU A 70 1.70 0.15 1.58
C LEU A 70 0.96 1.08 2.53
N ALA A 71 -0.19 0.62 3.02
CA ALA A 71 -1.02 1.42 3.89
C ALA A 71 -0.37 1.64 5.25
N ALA A 72 0.63 0.83 5.59
CA ALA A 72 1.33 0.95 6.88
C ALA A 72 2.39 2.04 6.85
N TYR A 73 3.23 2.05 5.82
CA TYR A 73 4.23 3.13 5.66
C TYR A 73 3.48 4.44 5.65
N HIS A 74 2.46 4.42 4.80
CA HIS A 74 1.54 5.51 4.62
C HIS A 74 0.81 5.86 5.92
N ALA A 75 0.43 4.83 6.69
CA ALA A 75 -0.33 5.04 7.93
C ALA A 75 0.39 6.02 8.85
N LYS A 76 1.67 5.75 9.07
CA LYS A 76 2.48 6.57 9.97
C LYS A 76 2.73 7.95 9.38
N HIS A 77 2.61 8.08 8.06
CA HIS A 77 2.79 9.37 7.39
C HIS A 77 1.44 10.00 7.06
N CYS A 78 0.38 9.49 7.68
CA CYS A 78 -0.97 9.93 7.34
C CYS A 78 -1.67 10.51 8.56
N GLN A 79 -1.96 11.79 8.52
CA GLN A 79 -2.63 12.47 9.59
C GLN A 79 -4.13 12.24 9.51
N GLU A 80 -4.61 11.92 8.31
CA GLU A 80 -6.04 11.63 8.10
C GLU A 80 -6.47 10.42 8.92
N ASN A 81 -7.52 10.58 9.70
CA ASN A 81 -8.00 9.51 10.57
C ASN A 81 -9.27 8.88 10.00
N LYS A 82 -9.82 9.50 8.97
CA LYS A 82 -10.93 8.91 8.23
C LYS A 82 -10.55 8.79 6.76
N CYS A 83 -9.27 8.54 6.60
CA CYS A 83 -8.62 8.31 5.32
C CYS A 83 -9.37 7.32 4.42
N PRO A 84 -9.32 7.54 3.10
CA PRO A 84 -9.87 6.60 2.11
C PRO A 84 -9.10 5.28 2.05
N VAL A 85 -7.77 5.35 2.16
CA VAL A 85 -6.91 4.15 2.10
C VAL A 85 -7.40 3.06 3.04
N PRO A 86 -7.93 1.97 2.47
CA PRO A 86 -8.63 0.92 3.22
C PRO A 86 -7.86 0.46 4.46
N PHE A 87 -6.69 -0.08 4.23
CA PHE A 87 -5.89 -0.67 5.27
C PHE A 87 -5.20 0.36 6.16
N CYS A 88 -5.26 1.63 5.78
CA CYS A 88 -4.64 2.67 6.58
C CYS A 88 -5.47 2.83 7.82
N LEU A 89 -6.76 2.95 7.62
CA LEU A 89 -7.68 3.15 8.70
C LEU A 89 -7.69 1.93 9.62
N ASN A 90 -7.47 0.74 9.06
CA ASN A 90 -7.41 -0.48 9.87
C ASN A 90 -6.09 -0.54 10.63
N ILE A 91 -4.99 -0.50 9.89
CA ILE A 91 -3.65 -0.57 10.48
C ILE A 91 -3.46 0.52 11.49
N LYS A 92 -3.67 1.75 11.03
CA LYS A 92 -3.42 2.92 11.83
C LYS A 92 -4.37 2.98 13.03
N GLN A 93 -5.51 2.26 12.97
CA GLN A 93 -6.35 2.10 14.18
C GLN A 93 -5.55 1.45 15.29
N LYS A 94 -5.02 0.25 15.05
CA LYS A 94 -4.24 -0.44 16.08
C LYS A 94 -2.86 0.20 16.24
N GLY A 95 -2.24 0.58 15.13
CA GLY A 95 -0.91 1.18 15.17
C GLY A 95 0.18 0.14 15.42
N SER A 96 -0.14 -0.84 16.26
CA SER A 96 0.79 -1.91 16.61
C SER A 96 0.85 -2.98 15.53
N GLU A 97 -0.16 -2.97 14.65
CA GLU A 97 -0.27 -3.91 13.55
C GLU A 97 1.07 -4.08 12.83
N PHE A 98 1.49 -3.05 12.12
CA PHE A 98 2.72 -3.11 11.33
C PHE A 98 3.72 -1.99 11.68
N PRO A 99 3.34 -0.69 11.61
CA PRO A 99 4.27 0.40 11.95
C PRO A 99 4.51 0.51 13.46
N ALA A 100 5.10 -0.54 14.02
CA ALA A 100 5.44 -0.57 15.44
C ALA A 100 6.68 0.28 15.70
N GLY A 101 6.67 0.99 16.81
CA GLY A 101 7.78 1.86 17.15
C GLY A 101 8.82 1.18 18.01
N ASN A 102 8.37 0.37 18.96
CA ASN A 102 9.27 -0.32 19.87
C ASN A 102 8.89 -1.78 20.00
N GLY B 1 12.89 0.28 8.75
CA GLY B 1 11.63 0.42 7.96
C GLY B 1 11.38 -0.81 7.10
N MET B 2 10.18 -0.90 6.54
CA MET B 2 9.82 -1.99 5.62
C MET B 2 9.89 -3.34 6.33
N TYR B 3 8.83 -3.70 7.02
CA TYR B 3 8.79 -4.97 7.76
C TYR B 3 8.39 -6.13 6.84
N PRO B 4 7.18 -6.11 6.21
CA PRO B 4 6.73 -7.20 5.37
C PRO B 4 7.16 -7.01 3.91
N ASP B 5 6.94 -8.03 3.10
CA ASP B 5 7.23 -7.93 1.67
C ASP B 5 5.99 -7.48 0.92
N PRO B 6 6.02 -6.28 0.35
CA PRO B 6 4.93 -5.70 -0.39
C PRO B 6 5.03 -5.97 -1.87
N GLY B 7 4.84 -7.21 -2.25
CA GLY B 7 4.87 -7.60 -3.65
C GLY B 7 3.79 -6.95 -4.50
N LEU B 8 2.98 -6.06 -3.89
CA LEU B 8 1.93 -5.36 -4.61
C LEU B 8 2.53 -4.36 -5.58
N LEU B 9 3.67 -3.78 -5.22
CA LEU B 9 4.34 -2.79 -6.07
C LEU B 9 5.00 -3.50 -7.26
N SER B 10 5.21 -4.79 -7.13
CA SER B 10 5.68 -5.62 -8.24
C SER B 10 4.47 -6.15 -9.01
N TYR B 11 3.43 -6.51 -8.26
CA TYR B 11 2.17 -6.99 -8.81
C TYR B 11 1.58 -5.93 -9.75
N ILE B 12 1.63 -4.69 -9.31
CA ILE B 12 1.15 -3.58 -10.10
C ILE B 12 2.32 -2.69 -10.52
N ASN B 13 3.06 -3.14 -11.50
CA ASN B 13 4.12 -2.34 -12.09
C ASN B 13 3.56 -1.51 -13.24
N GLU B 14 3.08 -0.33 -12.89
CA GLU B 14 2.46 0.57 -13.87
C GLU B 14 3.49 1.00 -14.90
N LEU B 15 3.15 0.79 -16.17
CA LEU B 15 4.04 1.12 -17.27
C LEU B 15 3.27 1.80 -18.40
N CYS B 16 2.74 2.98 -18.12
CA CYS B 16 2.01 3.74 -19.13
C CYS B 16 2.98 4.39 -20.11
ZN ZN C . -7.44 -10.46 0.18
ZN ZN D . -7.29 8.02 -10.78
ZN ZN E . -4.14 7.17 5.29
N SER A 1 32.90 5.44 4.55
CA SER A 1 34.18 5.84 3.92
C SER A 1 33.92 6.66 2.66
N GLY A 2 33.68 7.95 2.85
CA GLY A 2 33.41 8.83 1.73
C GLY A 2 31.99 8.70 1.21
N GLY A 3 31.76 7.68 0.40
CA GLY A 3 30.44 7.46 -0.15
C GLY A 3 30.35 6.15 -0.89
N ARG A 4 29.22 5.49 -0.76
CA ARG A 4 28.99 4.22 -1.45
C ARG A 4 28.27 4.50 -2.76
N ALA A 5 27.40 5.50 -2.72
CA ALA A 5 26.75 6.09 -3.90
C ALA A 5 26.01 5.05 -4.74
N THR A 6 25.45 4.04 -4.08
CA THR A 6 24.71 3.00 -4.77
C THR A 6 23.36 2.78 -4.09
N GLN A 7 22.35 2.45 -4.89
CA GLN A 7 21.02 2.19 -4.35
C GLN A 7 20.97 0.77 -3.80
N SER A 8 20.46 0.64 -2.59
CA SER A 8 20.33 -0.67 -1.96
C SER A 8 18.97 -1.28 -2.29
N PRO A 9 18.82 -2.60 -2.22
CA PRO A 9 17.57 -3.27 -2.56
C PRO A 9 16.41 -2.72 -1.75
N GLY A 10 16.64 -2.57 -0.45
CA GLY A 10 15.64 -2.01 0.43
C GLY A 10 15.16 -0.66 -0.01
N ASP A 11 16.10 0.18 -0.43
CA ASP A 11 15.79 1.54 -0.82
C ASP A 11 15.05 1.58 -2.15
N SER A 12 15.43 0.70 -3.05
CA SER A 12 14.80 0.64 -4.36
C SER A 12 13.41 0.03 -4.24
N ARG A 13 13.28 -0.88 -3.29
CA ARG A 13 12.00 -1.48 -2.99
C ARG A 13 11.11 -0.47 -2.29
N ARG A 14 11.70 0.29 -1.38
CA ARG A 14 10.99 1.36 -0.66
C ARG A 14 10.56 2.45 -1.63
N LEU A 15 11.31 2.56 -2.72
CA LEU A 15 11.04 3.54 -3.75
C LEU A 15 9.77 3.15 -4.51
N SER A 16 9.66 1.87 -4.83
CA SER A 16 8.48 1.34 -5.51
C SER A 16 7.32 1.30 -4.52
N ILE A 17 7.65 1.22 -3.23
CA ILE A 17 6.66 1.31 -2.18
C ILE A 17 5.93 2.64 -2.25
N GLN A 18 6.69 3.72 -2.22
CA GLN A 18 6.10 5.07 -2.29
C GLN A 18 5.33 5.26 -3.59
N ARG A 19 5.75 4.53 -4.61
CA ARG A 19 5.02 4.47 -5.86
C ARG A 19 3.63 3.87 -5.66
N ALA A 20 3.58 2.75 -4.93
CA ALA A 20 2.31 2.09 -4.68
C ALA A 20 1.58 2.77 -3.53
N ILE A 21 2.32 3.56 -2.77
CA ILE A 21 1.77 4.35 -1.68
C ILE A 21 0.81 5.38 -2.22
N GLN A 22 1.35 6.20 -3.10
CA GLN A 22 0.58 7.22 -3.75
C GLN A 22 -0.55 6.56 -4.53
N SER A 23 -0.25 5.42 -5.14
CA SER A 23 -1.22 4.68 -5.93
C SER A 23 -2.40 4.21 -5.07
N LEU A 24 -2.09 3.69 -3.88
CA LEU A 24 -3.11 3.23 -2.95
C LEU A 24 -4.06 4.35 -2.58
N VAL A 25 -3.50 5.51 -2.28
CA VAL A 25 -4.29 6.66 -1.91
C VAL A 25 -5.03 7.22 -3.10
N HIS A 26 -4.38 7.20 -4.26
CA HIS A 26 -5.02 7.62 -5.48
C HIS A 26 -6.32 6.84 -5.68
N ALA A 27 -6.24 5.51 -5.55
CA ALA A 27 -7.41 4.65 -5.71
C ALA A 27 -8.43 4.92 -4.61
N ALA A 28 -7.93 5.33 -3.46
CA ALA A 28 -8.79 5.75 -2.35
C ALA A 28 -9.66 6.92 -2.78
N GLN A 29 -9.01 7.95 -3.28
CA GLN A 29 -9.69 9.20 -3.60
C GLN A 29 -9.74 9.46 -5.11
N CYS A 30 -9.84 8.40 -5.92
CA CYS A 30 -10.04 8.57 -7.33
C CYS A 30 -11.28 9.43 -7.62
N ARG A 31 -11.11 10.73 -7.69
CA ARG A 31 -12.23 11.65 -7.94
C ARG A 31 -12.32 11.95 -9.44
N ASN A 32 -11.33 11.54 -10.19
CA ASN A 32 -11.30 11.78 -11.62
C ASN A 32 -12.25 10.81 -12.31
N ALA A 33 -13.30 11.33 -12.93
CA ALA A 33 -14.22 10.51 -13.70
C ALA A 33 -13.56 10.01 -14.98
N ASN A 34 -12.39 10.57 -15.27
CA ASN A 34 -11.63 10.19 -16.45
C ASN A 34 -10.37 9.42 -16.04
N CYS A 35 -10.31 9.03 -14.77
CA CYS A 35 -9.22 8.19 -14.25
C CYS A 35 -8.84 7.09 -15.23
N SER A 36 -7.76 7.31 -15.97
CA SER A 36 -7.23 6.30 -16.87
C SER A 36 -5.75 6.01 -16.59
N LEU A 37 -5.34 6.19 -15.34
CA LEU A 37 -3.95 6.00 -14.95
C LEU A 37 -3.70 4.51 -14.68
N PRO A 38 -2.56 3.95 -15.13
CA PRO A 38 -2.27 2.52 -15.01
C PRO A 38 -2.49 1.96 -13.60
N SER A 39 -1.76 2.52 -12.63
CA SER A 39 -1.84 2.03 -11.26
C SER A 39 -3.20 2.32 -10.66
N CYS A 40 -3.90 3.29 -11.24
CA CYS A 40 -5.26 3.64 -10.81
C CYS A 40 -6.18 2.43 -10.89
N GLN A 41 -6.28 1.88 -12.09
CA GLN A 41 -7.20 0.78 -12.32
C GLN A 41 -6.78 -0.43 -11.50
N LYS A 42 -5.48 -0.67 -11.49
CA LYS A 42 -4.94 -1.82 -10.80
C LYS A 42 -5.10 -1.69 -9.29
N MET A 43 -4.87 -0.48 -8.77
CA MET A 43 -5.07 -0.22 -7.34
C MET A 43 -6.53 -0.35 -6.94
N LYS A 44 -7.43 0.07 -7.80
CA LYS A 44 -8.82 -0.01 -7.43
C LYS A 44 -9.29 -1.46 -7.43
N ARG A 45 -8.53 -2.30 -8.12
CA ARG A 45 -8.77 -3.74 -8.08
C ARG A 45 -8.30 -4.31 -6.74
N VAL A 46 -7.05 -4.00 -6.38
CA VAL A 46 -6.47 -4.49 -5.14
C VAL A 46 -7.30 -4.03 -3.94
N VAL A 47 -7.68 -2.75 -3.93
CA VAL A 47 -8.41 -2.17 -2.83
C VAL A 47 -9.77 -2.81 -2.64
N GLN A 48 -10.56 -2.79 -3.71
CA GLN A 48 -11.92 -3.29 -3.65
C GLN A 48 -11.94 -4.78 -3.39
N HIS A 49 -10.79 -5.43 -3.56
CA HIS A 49 -10.68 -6.84 -3.26
C HIS A 49 -10.64 -7.08 -1.75
N THR A 50 -9.86 -6.28 -1.04
CA THR A 50 -9.74 -6.44 0.42
C THR A 50 -11.11 -6.28 1.08
N LYS A 51 -11.95 -5.49 0.43
CA LYS A 51 -13.34 -5.30 0.87
C LYS A 51 -14.07 -6.64 0.89
N GLY A 52 -13.87 -7.43 -0.15
CA GLY A 52 -14.57 -8.71 -0.27
C GLY A 52 -13.68 -9.90 0.04
N CYS A 53 -12.68 -9.70 0.88
CA CYS A 53 -11.80 -10.77 1.30
C CYS A 53 -12.06 -11.13 2.76
N LYS A 54 -11.81 -12.38 3.11
CA LYS A 54 -12.03 -12.85 4.48
C LYS A 54 -10.75 -13.42 5.07
N ARG A 55 -9.89 -13.96 4.21
CA ARG A 55 -8.59 -14.47 4.64
C ARG A 55 -7.56 -13.35 4.68
N LYS A 56 -8.06 -12.13 4.59
CA LYS A 56 -7.23 -10.92 4.54
C LYS A 56 -6.01 -10.95 5.44
N THR A 57 -6.24 -10.99 6.75
CA THR A 57 -5.15 -10.81 7.70
C THR A 57 -4.80 -12.09 8.46
N ASN A 58 -5.52 -13.17 8.21
CA ASN A 58 -5.28 -14.43 8.95
C ASN A 58 -4.14 -15.24 8.30
N GLY A 59 -3.14 -14.53 7.80
CA GLY A 59 -1.97 -15.18 7.22
C GLY A 59 -2.33 -16.05 6.04
N GLY A 60 -3.24 -15.57 5.21
CA GLY A 60 -3.73 -16.34 4.10
C GLY A 60 -3.60 -15.62 2.78
N CYS A 61 -4.17 -14.44 2.69
CA CYS A 61 -4.15 -13.69 1.45
C CYS A 61 -2.87 -12.87 1.31
N PRO A 62 -2.21 -12.95 0.13
CA PRO A 62 -1.06 -12.12 -0.19
C PRO A 62 -1.44 -10.66 -0.49
N ILE A 63 -2.44 -10.47 -1.36
CA ILE A 63 -2.85 -9.10 -1.77
C ILE A 63 -3.12 -8.22 -0.56
N CYS A 64 -3.98 -8.70 0.32
CA CYS A 64 -4.40 -7.92 1.47
C CYS A 64 -3.26 -7.76 2.48
N LYS A 65 -2.31 -8.66 2.43
CA LYS A 65 -1.09 -8.54 3.23
C LYS A 65 -0.27 -7.39 2.71
N GLN A 66 -0.05 -7.43 1.42
CA GLN A 66 0.80 -6.45 0.75
C GLN A 66 0.13 -5.07 0.76
N LEU A 67 -1.18 -5.03 0.53
CA LEU A 67 -1.92 -3.77 0.62
C LEU A 67 -1.84 -3.19 2.02
N ILE A 68 -1.80 -4.09 3.00
CA ILE A 68 -1.63 -3.69 4.38
C ILE A 68 -0.28 -3.04 4.56
N ALA A 69 0.74 -3.60 3.93
CA ALA A 69 2.07 -3.06 4.01
C ALA A 69 2.07 -1.61 3.57
N LEU A 70 1.63 -1.37 2.32
CA LEU A 70 1.55 -0.01 1.78
C LEU A 70 0.82 0.92 2.72
N ALA A 71 -0.38 0.54 3.13
CA ALA A 71 -1.19 1.39 3.98
C ALA A 71 -0.53 1.66 5.33
N ALA A 72 0.43 0.82 5.73
CA ALA A 72 1.16 1.03 6.98
C ALA A 72 2.26 2.07 6.83
N TYR A 73 3.01 2.01 5.72
CA TYR A 73 3.99 3.07 5.41
C TYR A 73 3.25 4.37 5.38
N HIS A 74 2.21 4.35 4.57
CA HIS A 74 1.35 5.47 4.38
C HIS A 74 0.69 5.89 5.70
N ALA A 75 0.43 4.91 6.58
CA ALA A 75 -0.24 5.19 7.86
C ALA A 75 0.57 6.19 8.67
N LYS A 76 1.89 5.96 8.73
CA LYS A 76 2.79 6.85 9.45
C LYS A 76 2.86 8.21 8.76
N HIS A 77 2.65 8.20 7.46
CA HIS A 77 2.75 9.39 6.65
C HIS A 77 1.36 9.94 6.33
N CYS A 78 0.44 9.73 7.26
CA CYS A 78 -0.95 10.13 7.10
C CYS A 78 -1.49 10.76 8.37
N GLN A 79 -2.38 11.73 8.22
CA GLN A 79 -2.96 12.43 9.35
C GLN A 79 -4.44 12.11 9.46
N GLU A 80 -5.12 12.02 8.33
CA GLU A 80 -6.57 11.78 8.29
C GLU A 80 -6.99 10.58 9.15
N ASN A 81 -7.95 10.83 10.03
CA ASN A 81 -8.56 9.77 10.84
C ASN A 81 -9.63 9.06 10.03
N LYS A 82 -10.27 9.81 9.12
CA LYS A 82 -11.27 9.25 8.22
C LYS A 82 -10.69 9.11 6.81
N CYS A 83 -9.50 8.55 6.76
CA CYS A 83 -8.78 8.33 5.52
C CYS A 83 -9.50 7.35 4.58
N PRO A 84 -9.40 7.59 3.27
CA PRO A 84 -9.94 6.69 2.25
C PRO A 84 -9.16 5.38 2.12
N VAL A 85 -7.85 5.42 2.36
CA VAL A 85 -7.01 4.22 2.30
C VAL A 85 -7.51 3.13 3.25
N PRO A 86 -8.04 2.03 2.68
CA PRO A 86 -8.73 0.98 3.45
C PRO A 86 -7.95 0.52 4.68
N PHE A 87 -6.80 -0.07 4.41
CA PHE A 87 -5.99 -0.66 5.45
C PHE A 87 -5.32 0.39 6.33
N CYS A 88 -5.35 1.65 5.93
CA CYS A 88 -4.73 2.69 6.72
C CYS A 88 -5.48 2.84 8.02
N LEU A 89 -6.78 2.95 7.91
CA LEU A 89 -7.61 3.12 9.09
C LEU A 89 -7.65 1.84 9.91
N ASN A 90 -7.49 0.71 9.25
CA ASN A 90 -7.45 -0.56 9.98
C ASN A 90 -6.15 -0.65 10.78
N ILE A 91 -5.04 -0.38 10.11
CA ILE A 91 -3.72 -0.41 10.73
C ILE A 91 -3.55 0.70 11.76
N LYS A 92 -3.73 1.92 11.29
CA LYS A 92 -3.49 3.11 12.09
C LYS A 92 -4.34 3.10 13.37
N GLN A 93 -5.58 2.58 13.28
CA GLN A 93 -6.41 2.41 14.46
C GLN A 93 -5.79 1.42 15.44
N LYS A 94 -5.29 0.30 14.92
CA LYS A 94 -4.61 -0.68 15.76
C LYS A 94 -3.40 -0.02 16.42
N GLY A 95 -2.52 0.55 15.59
CA GLY A 95 -1.43 1.36 16.07
C GLY A 95 -0.26 0.56 16.63
N SER A 96 -0.57 -0.53 17.30
CA SER A 96 0.47 -1.38 17.88
C SER A 96 0.94 -2.40 16.85
N GLU A 97 0.01 -3.12 16.25
CA GLU A 97 0.35 -4.10 15.25
C GLU A 97 0.36 -3.46 13.87
N PHE A 98 1.47 -3.72 13.18
CA PHE A 98 1.75 -3.31 11.79
C PHE A 98 2.74 -2.12 11.70
N PRO A 99 2.48 -0.95 12.34
CA PRO A 99 3.43 0.17 12.31
C PRO A 99 4.78 -0.20 12.92
N ALA A 100 4.74 -0.95 14.02
CA ALA A 100 5.96 -1.42 14.67
C ALA A 100 6.56 -2.56 13.86
N GLY A 101 7.71 -2.32 13.27
CA GLY A 101 8.36 -3.33 12.45
C GLY A 101 9.09 -4.37 13.27
N ASN A 102 9.71 -3.95 14.36
CA ASN A 102 10.42 -4.86 15.23
C ASN A 102 9.71 -4.97 16.57
N GLY B 1 14.59 -9.12 9.06
CA GLY B 1 13.61 -8.02 9.22
C GLY B 1 12.52 -8.10 8.17
N MET B 2 11.65 -9.09 8.30
CA MET B 2 10.59 -9.32 7.34
C MET B 2 9.48 -8.28 7.51
N TYR B 3 9.61 -7.18 6.80
CA TYR B 3 8.65 -6.10 6.88
C TYR B 3 8.54 -5.37 5.54
N PRO B 4 9.66 -4.86 4.97
CA PRO B 4 9.65 -4.21 3.66
C PRO B 4 9.57 -5.23 2.52
N ASP B 5 8.53 -6.04 2.55
CA ASP B 5 8.31 -7.07 1.54
C ASP B 5 6.89 -7.00 0.99
N PRO B 6 6.54 -5.89 0.33
CA PRO B 6 5.22 -5.65 -0.21
C PRO B 6 5.10 -6.08 -1.66
N GLY B 7 4.63 -7.27 -1.82
CA GLY B 7 4.43 -7.86 -3.13
C GLY B 7 3.34 -7.18 -3.96
N LEU B 8 2.77 -6.10 -3.44
CA LEU B 8 1.75 -5.37 -4.17
C LEU B 8 2.40 -4.51 -5.25
N LEU B 9 3.60 -4.00 -4.95
CA LEU B 9 4.31 -3.15 -5.90
C LEU B 9 5.03 -3.98 -6.95
N SER B 10 5.12 -5.29 -6.70
CA SER B 10 5.60 -6.22 -7.71
C SER B 10 4.42 -6.79 -8.49
N TYR B 11 3.24 -6.69 -7.90
CA TYR B 11 2.00 -7.05 -8.55
C TYR B 11 1.53 -5.91 -9.46
N ILE B 12 1.81 -4.69 -9.04
CA ILE B 12 1.44 -3.51 -9.80
C ILE B 12 2.67 -2.63 -10.05
N ASN B 13 3.32 -2.86 -11.18
CA ASN B 13 4.49 -2.09 -11.58
C ASN B 13 4.73 -2.24 -13.07
N GLU B 14 5.39 -1.27 -13.67
CA GLU B 14 5.68 -1.32 -15.08
C GLU B 14 7.18 -1.30 -15.34
N LEU B 15 7.76 -2.47 -15.49
CA LEU B 15 9.16 -2.58 -15.86
C LEU B 15 9.26 -3.09 -17.29
N CYS B 16 8.13 -3.02 -17.98
CA CYS B 16 8.03 -3.45 -19.36
C CYS B 16 7.94 -2.24 -20.28
ZN ZN C . -7.36 -10.51 0.11
ZN ZN D . -7.95 6.70 -10.29
ZN ZN E . -4.25 7.23 5.44
#